data_6EQ5
# 
_entry.id   6EQ5 
# 
_audit_conform.dict_name       mmcif_pdbx.dic 
_audit_conform.dict_version    5.391 
_audit_conform.dict_location   http://mmcif.pdb.org/dictionaries/ascii/mmcif_pdbx.dic 
# 
loop_
_database_2.database_id 
_database_2.database_code 
_database_2.pdbx_database_accession 
_database_2.pdbx_DOI 
PDB   6EQ5         pdb_00006eq5 10.2210/pdb6eq5/pdb 
WWPDB D_1200007026 ?            ?                   
# 
loop_
_pdbx_audit_revision_history.ordinal 
_pdbx_audit_revision_history.data_content_type 
_pdbx_audit_revision_history.major_revision 
_pdbx_audit_revision_history.minor_revision 
_pdbx_audit_revision_history.revision_date 
1 'Structure model' 1 0 2018-10-31 
2 'Structure model' 1 1 2019-05-15 
3 'Structure model' 1 2 2019-05-22 
4 'Structure model' 1 3 2024-05-08 
# 
_pdbx_audit_revision_details.ordinal             1 
_pdbx_audit_revision_details.revision_ordinal    1 
_pdbx_audit_revision_details.data_content_type   'Structure model' 
_pdbx_audit_revision_details.provider            repository 
_pdbx_audit_revision_details.type                'Initial release' 
_pdbx_audit_revision_details.description         ? 
_pdbx_audit_revision_details.details             ? 
# 
loop_
_pdbx_audit_revision_group.ordinal 
_pdbx_audit_revision_group.revision_ordinal 
_pdbx_audit_revision_group.data_content_type 
_pdbx_audit_revision_group.group 
1 2 'Structure model' 'Data collection'     
2 2 'Structure model' 'Database references' 
3 3 'Structure model' 'Data collection'     
4 3 'Structure model' 'Database references' 
5 4 'Structure model' 'Data collection'     
6 4 'Structure model' 'Database references' 
# 
loop_
_pdbx_audit_revision_category.ordinal 
_pdbx_audit_revision_category.revision_ordinal 
_pdbx_audit_revision_category.data_content_type 
_pdbx_audit_revision_category.category 
1 2 'Structure model' citation           
2 2 'Structure model' citation_author    
3 2 'Structure model' pdbx_database_proc 
4 3 'Structure model' citation           
5 3 'Structure model' citation_author    
6 3 'Structure model' pdbx_database_proc 
7 4 'Structure model' chem_comp_atom     
8 4 'Structure model' chem_comp_bond     
9 4 'Structure model' database_2         
# 
loop_
_pdbx_audit_revision_item.ordinal 
_pdbx_audit_revision_item.revision_ordinal 
_pdbx_audit_revision_item.data_content_type 
_pdbx_audit_revision_item.item 
1  2 'Structure model' '_citation.country'                   
2  2 'Structure model' '_citation.journal_abbrev'            
3  2 'Structure model' '_citation.journal_id_ASTM'           
4  2 'Structure model' '_citation.journal_id_CSD'            
5  2 'Structure model' '_citation.journal_id_ISSN'           
6  2 'Structure model' '_citation.pdbx_database_id_DOI'      
7  2 'Structure model' '_citation.title'                     
8  2 'Structure model' '_citation.year'                      
9  4 'Structure model' '_database_2.pdbx_DOI'                
10 4 'Structure model' '_database_2.pdbx_database_accession' 
# 
_pdbx_database_status.status_code                     REL 
_pdbx_database_status.status_code_sf                  REL 
_pdbx_database_status.status_code_mr                  ? 
_pdbx_database_status.entry_id                        6EQ5 
_pdbx_database_status.recvd_initial_deposition_date   2017-10-12 
_pdbx_database_status.SG_entry                        N 
_pdbx_database_status.deposit_site                    PDBE 
_pdbx_database_status.process_site                    PDBE 
_pdbx_database_status.status_code_cs                  ? 
_pdbx_database_status.methods_development_category    ? 
_pdbx_database_status.pdb_format_compatible           Y 
_pdbx_database_status.status_code_nmr_data            ? 
# 
loop_
_audit_author.name 
_audit_author.pdbx_ordinal 
_audit_author.identifier_ORCID 
'Wiedmer, L.'  1 ? 
'Sledz, P.'    2 ? 
'Caflisch, A.' 3 ? 
# 
loop_
_citation.abstract 
_citation.abstract_id_CAS 
_citation.book_id_ISBN 
_citation.book_publisher 
_citation.book_publisher_city 
_citation.book_title 
_citation.coordinate_linkage 
_citation.country 
_citation.database_id_Medline 
_citation.details 
_citation.id 
_citation.journal_abbrev 
_citation.journal_id_ASTM 
_citation.journal_id_CSD 
_citation.journal_id_ISSN 
_citation.journal_full 
_citation.journal_issue 
_citation.journal_volume 
_citation.language 
_citation.page_first 
_citation.page_last 
_citation.title 
_citation.year 
_citation.database_id_CSD 
_citation.pdbx_database_id_DOI 
_citation.pdbx_database_id_PubMed 
_citation.unpublished_flag 
? ? ? ? ? ? ? FR ? ? primary Eur.J.Med.Chem. EJMCA5 0493 0223-5234 ? ? 175 ? 107 113 'Ligand retargeting by binding site analogy.' 
2019 ? 10.1016/j.ejmech.2019.04.037 31077996 ? 
? ? ? ? ? ? ? FR ? ? 1       Eur.J.Med.Chem. EJMCA5 0493 0223-5234 ? ? ?   ? ?   ?   'Ligand retargeting by binding site analogy'  
2019 ? 10.101/j.ejmech.2019.04.037  ?        ? 
# 
loop_
_citation_author.citation_id 
_citation_author.name 
_citation_author.ordinal 
_citation_author.identifier_ORCID 
primary 'Wiedmer, L.'        1  ? 
primary 'Scharer, C.'        2  ? 
primary 'Spiliotopoulos, D.' 3  ? 
primary 'Hurzeler, M.'       4  ? 
primary 'Sledz, P.'          5  ? 
primary 'Caflisch, A.'       6  ? 
1       'Wiedmer, L.'        7  ? 
1       'Scharer, C.'        8  ? 
1       'Spiliotopoulos, D.' 9  ? 
1       'Hurzeler, M.'       10 ? 
1       'Sledz, P.'          11 ? 
1       'Caflisch, A.'       12 ? 
# 
loop_
_entity.id 
_entity.type 
_entity.src_method 
_entity.pdbx_description 
_entity.formula_weight 
_entity.pdbx_number_of_molecules 
_entity.pdbx_ec 
_entity.pdbx_mutation 
_entity.pdbx_fragment 
_entity.details 
1 polymer     man '7,8-dihydro-8-oxoguanine triphosphatase' 21104.928 1   3.6.1.55,3.6.1.56 ? ? ? 
2 non-polymer syn 1H-benzimidazol-2-amine                   133.151   1   ?                 ? ? ? 
3 non-polymer syn 'SULFATE ION'                             96.063    1   ?                 ? ? ? 
4 water       nat water                                     18.015    101 ?                 ? ? ? 
# 
_entity_name_com.entity_id   1 
_entity_name_com.name        
'2-hydroxy-dATP diphosphatase,8-oxo-dGTPase,Nucleoside diphosphate-linked moiety X motif 1,Nudix motif 1' 
# 
_entity_poly.entity_id                      1 
_entity_poly.type                           'polypeptide(L)' 
_entity_poly.nstd_linkage                   no 
_entity_poly.nstd_monomer                   no 
_entity_poly.pdbx_seq_one_letter_code       
;MKHHHHHHPMSDYDIPTTENLYFQGAMGASRLYTLVLVLQPQRVLLGMKKRGFGAGRWNGFGGKVQEGETIEDGARRELQ
EESGLTVDALHKVGQIVFEFVGEPELMDVHVFCTDSIQGTPVESDEMRPCWFQLDQIPFKDMWPDDSYWFPLLLQKKKFH
GYFKFQGQDTILDYTLREVDTV
;
_entity_poly.pdbx_seq_one_letter_code_can   
;MKHHHHHHPMSDYDIPTTENLYFQGAMGASRLYTLVLVLQPQRVLLGMKKRGFGAGRWNGFGGKVQEGETIEDGARRELQ
EESGLTVDALHKVGQIVFEFVGEPELMDVHVFCTDSIQGTPVESDEMRPCWFQLDQIPFKDMWPDDSYWFPLLLQKKKFH
GYFKFQGQDTILDYTLREVDTV
;
_entity_poly.pdbx_strand_id                 A 
_entity_poly.pdbx_target_identifier         ? 
# 
loop_
_pdbx_entity_nonpoly.entity_id 
_pdbx_entity_nonpoly.name 
_pdbx_entity_nonpoly.comp_id 
2 1H-benzimidazol-2-amine AX7 
3 'SULFATE ION'           SO4 
4 water                   HOH 
# 
loop_
_entity_poly_seq.entity_id 
_entity_poly_seq.num 
_entity_poly_seq.mon_id 
_entity_poly_seq.hetero 
1 1   MET n 
1 2   LYS n 
1 3   HIS n 
1 4   HIS n 
1 5   HIS n 
1 6   HIS n 
1 7   HIS n 
1 8   HIS n 
1 9   PRO n 
1 10  MET n 
1 11  SER n 
1 12  ASP n 
1 13  TYR n 
1 14  ASP n 
1 15  ILE n 
1 16  PRO n 
1 17  THR n 
1 18  THR n 
1 19  GLU n 
1 20  ASN n 
1 21  LEU n 
1 22  TYR n 
1 23  PHE n 
1 24  GLN n 
1 25  GLY n 
1 26  ALA n 
1 27  MET n 
1 28  GLY n 
1 29  ALA n 
1 30  SER n 
1 31  ARG n 
1 32  LEU n 
1 33  TYR n 
1 34  THR n 
1 35  LEU n 
1 36  VAL n 
1 37  LEU n 
1 38  VAL n 
1 39  LEU n 
1 40  GLN n 
1 41  PRO n 
1 42  GLN n 
1 43  ARG n 
1 44  VAL n 
1 45  LEU n 
1 46  LEU n 
1 47  GLY n 
1 48  MET n 
1 49  LYS n 
1 50  LYS n 
1 51  ARG n 
1 52  GLY n 
1 53  PHE n 
1 54  GLY n 
1 55  ALA n 
1 56  GLY n 
1 57  ARG n 
1 58  TRP n 
1 59  ASN n 
1 60  GLY n 
1 61  PHE n 
1 62  GLY n 
1 63  GLY n 
1 64  LYS n 
1 65  VAL n 
1 66  GLN n 
1 67  GLU n 
1 68  GLY n 
1 69  GLU n 
1 70  THR n 
1 71  ILE n 
1 72  GLU n 
1 73  ASP n 
1 74  GLY n 
1 75  ALA n 
1 76  ARG n 
1 77  ARG n 
1 78  GLU n 
1 79  LEU n 
1 80  GLN n 
1 81  GLU n 
1 82  GLU n 
1 83  SER n 
1 84  GLY n 
1 85  LEU n 
1 86  THR n 
1 87  VAL n 
1 88  ASP n 
1 89  ALA n 
1 90  LEU n 
1 91  HIS n 
1 92  LYS n 
1 93  VAL n 
1 94  GLY n 
1 95  GLN n 
1 96  ILE n 
1 97  VAL n 
1 98  PHE n 
1 99  GLU n 
1 100 PHE n 
1 101 VAL n 
1 102 GLY n 
1 103 GLU n 
1 104 PRO n 
1 105 GLU n 
1 106 LEU n 
1 107 MET n 
1 108 ASP n 
1 109 VAL n 
1 110 HIS n 
1 111 VAL n 
1 112 PHE n 
1 113 CYS n 
1 114 THR n 
1 115 ASP n 
1 116 SER n 
1 117 ILE n 
1 118 GLN n 
1 119 GLY n 
1 120 THR n 
1 121 PRO n 
1 122 VAL n 
1 123 GLU n 
1 124 SER n 
1 125 ASP n 
1 126 GLU n 
1 127 MET n 
1 128 ARG n 
1 129 PRO n 
1 130 CYS n 
1 131 TRP n 
1 132 PHE n 
1 133 GLN n 
1 134 LEU n 
1 135 ASP n 
1 136 GLN n 
1 137 ILE n 
1 138 PRO n 
1 139 PHE n 
1 140 LYS n 
1 141 ASP n 
1 142 MET n 
1 143 TRP n 
1 144 PRO n 
1 145 ASP n 
1 146 ASP n 
1 147 SER n 
1 148 TYR n 
1 149 TRP n 
1 150 PHE n 
1 151 PRO n 
1 152 LEU n 
1 153 LEU n 
1 154 LEU n 
1 155 GLN n 
1 156 LYS n 
1 157 LYS n 
1 158 LYS n 
1 159 PHE n 
1 160 HIS n 
1 161 GLY n 
1 162 TYR n 
1 163 PHE n 
1 164 LYS n 
1 165 PHE n 
1 166 GLN n 
1 167 GLY n 
1 168 GLN n 
1 169 ASP n 
1 170 THR n 
1 171 ILE n 
1 172 LEU n 
1 173 ASP n 
1 174 TYR n 
1 175 THR n 
1 176 LEU n 
1 177 ARG n 
1 178 GLU n 
1 179 VAL n 
1 180 ASP n 
1 181 THR n 
1 182 VAL n 
# 
_entity_src_gen.entity_id                          1 
_entity_src_gen.pdbx_src_id                        1 
_entity_src_gen.pdbx_alt_source_flag               sample 
_entity_src_gen.pdbx_seq_type                      'Biological sequence' 
_entity_src_gen.pdbx_beg_seq_num                   1 
_entity_src_gen.pdbx_end_seq_num                   182 
_entity_src_gen.gene_src_common_name               Human 
_entity_src_gen.gene_src_genus                     ? 
_entity_src_gen.pdbx_gene_src_gene                 'NUDT1, MTH1' 
_entity_src_gen.gene_src_species                   ? 
_entity_src_gen.gene_src_strain                    ? 
_entity_src_gen.gene_src_tissue                    ? 
_entity_src_gen.gene_src_tissue_fraction           ? 
_entity_src_gen.gene_src_details                   ? 
_entity_src_gen.pdbx_gene_src_fragment             ? 
_entity_src_gen.pdbx_gene_src_scientific_name      'Homo sapiens' 
_entity_src_gen.pdbx_gene_src_ncbi_taxonomy_id     9606 
_entity_src_gen.pdbx_gene_src_variant              ? 
_entity_src_gen.pdbx_gene_src_cell_line            ? 
_entity_src_gen.pdbx_gene_src_atcc                 ? 
_entity_src_gen.pdbx_gene_src_organ                ? 
_entity_src_gen.pdbx_gene_src_organelle            ? 
_entity_src_gen.pdbx_gene_src_cell                 ? 
_entity_src_gen.pdbx_gene_src_cellular_location    ? 
_entity_src_gen.host_org_common_name               ? 
_entity_src_gen.pdbx_host_org_scientific_name      'Escherichia coli BL21(DE3)' 
_entity_src_gen.pdbx_host_org_ncbi_taxonomy_id     469008 
_entity_src_gen.host_org_genus                     ? 
_entity_src_gen.pdbx_host_org_gene                 ? 
_entity_src_gen.pdbx_host_org_organ                ? 
_entity_src_gen.host_org_species                   ? 
_entity_src_gen.pdbx_host_org_tissue               ? 
_entity_src_gen.pdbx_host_org_tissue_fraction      ? 
_entity_src_gen.pdbx_host_org_strain               ? 
_entity_src_gen.pdbx_host_org_variant              ? 
_entity_src_gen.pdbx_host_org_cell_line            ? 
_entity_src_gen.pdbx_host_org_atcc                 ? 
_entity_src_gen.pdbx_host_org_culture_collection   ? 
_entity_src_gen.pdbx_host_org_cell                 ? 
_entity_src_gen.pdbx_host_org_organelle            ? 
_entity_src_gen.pdbx_host_org_cellular_location    ? 
_entity_src_gen.pdbx_host_org_vector_type          ? 
_entity_src_gen.pdbx_host_org_vector               ? 
_entity_src_gen.host_org_details                   ? 
_entity_src_gen.expression_system_id               ? 
_entity_src_gen.plasmid_name                       ? 
_entity_src_gen.plasmid_details                    ? 
_entity_src_gen.pdbx_description                   ? 
# 
loop_
_chem_comp.id 
_chem_comp.type 
_chem_comp.mon_nstd_flag 
_chem_comp.name 
_chem_comp.pdbx_synonyms 
_chem_comp.formula 
_chem_comp.formula_weight 
ALA 'L-peptide linking' y ALANINE                 ? 'C3 H7 N O2'     89.093  
ARG 'L-peptide linking' y ARGININE                ? 'C6 H15 N4 O2 1' 175.209 
ASN 'L-peptide linking' y ASPARAGINE              ? 'C4 H8 N2 O3'    132.118 
ASP 'L-peptide linking' y 'ASPARTIC ACID'         ? 'C4 H7 N O4'     133.103 
AX7 non-polymer         . 1H-benzimidazol-2-amine ? 'C7 H7 N3'       133.151 
CYS 'L-peptide linking' y CYSTEINE                ? 'C3 H7 N O2 S'   121.158 
GLN 'L-peptide linking' y GLUTAMINE               ? 'C5 H10 N2 O3'   146.144 
GLU 'L-peptide linking' y 'GLUTAMIC ACID'         ? 'C5 H9 N O4'     147.129 
GLY 'peptide linking'   y GLYCINE                 ? 'C2 H5 N O2'     75.067  
HIS 'L-peptide linking' y HISTIDINE               ? 'C6 H10 N3 O2 1' 156.162 
HOH non-polymer         . WATER                   ? 'H2 O'           18.015  
ILE 'L-peptide linking' y ISOLEUCINE              ? 'C6 H13 N O2'    131.173 
LEU 'L-peptide linking' y LEUCINE                 ? 'C6 H13 N O2'    131.173 
LYS 'L-peptide linking' y LYSINE                  ? 'C6 H15 N2 O2 1' 147.195 
MET 'L-peptide linking' y METHIONINE              ? 'C5 H11 N O2 S'  149.211 
PHE 'L-peptide linking' y PHENYLALANINE           ? 'C9 H11 N O2'    165.189 
PRO 'L-peptide linking' y PROLINE                 ? 'C5 H9 N O2'     115.130 
SER 'L-peptide linking' y SERINE                  ? 'C3 H7 N O3'     105.093 
SO4 non-polymer         . 'SULFATE ION'           ? 'O4 S -2'        96.063  
THR 'L-peptide linking' y THREONINE               ? 'C4 H9 N O3'     119.119 
TRP 'L-peptide linking' y TRYPTOPHAN              ? 'C11 H12 N2 O2'  204.225 
TYR 'L-peptide linking' y TYROSINE                ? 'C9 H11 N O3'    181.189 
VAL 'L-peptide linking' y VALINE                  ? 'C5 H11 N O2'    117.146 
# 
loop_
_pdbx_poly_seq_scheme.asym_id 
_pdbx_poly_seq_scheme.entity_id 
_pdbx_poly_seq_scheme.seq_id 
_pdbx_poly_seq_scheme.mon_id 
_pdbx_poly_seq_scheme.ndb_seq_num 
_pdbx_poly_seq_scheme.pdb_seq_num 
_pdbx_poly_seq_scheme.auth_seq_num 
_pdbx_poly_seq_scheme.pdb_mon_id 
_pdbx_poly_seq_scheme.auth_mon_id 
_pdbx_poly_seq_scheme.pdb_strand_id 
_pdbx_poly_seq_scheme.pdb_ins_code 
_pdbx_poly_seq_scheme.hetero 
A 1 1   MET 1   -25 ?   ?   ?   A . n 
A 1 2   LYS 2   -24 ?   ?   ?   A . n 
A 1 3   HIS 3   -23 ?   ?   ?   A . n 
A 1 4   HIS 4   -22 ?   ?   ?   A . n 
A 1 5   HIS 5   -21 ?   ?   ?   A . n 
A 1 6   HIS 6   -20 ?   ?   ?   A . n 
A 1 7   HIS 7   -19 ?   ?   ?   A . n 
A 1 8   HIS 8   -18 ?   ?   ?   A . n 
A 1 9   PRO 9   -17 ?   ?   ?   A . n 
A 1 10  MET 10  -16 ?   ?   ?   A . n 
A 1 11  SER 11  -15 ?   ?   ?   A . n 
A 1 12  ASP 12  -14 ?   ?   ?   A . n 
A 1 13  TYR 13  -13 ?   ?   ?   A . n 
A 1 14  ASP 14  -12 ?   ?   ?   A . n 
A 1 15  ILE 15  -11 ?   ?   ?   A . n 
A 1 16  PRO 16  -10 ?   ?   ?   A . n 
A 1 17  THR 17  -9  ?   ?   ?   A . n 
A 1 18  THR 18  -8  ?   ?   ?   A . n 
A 1 19  GLU 19  -7  ?   ?   ?   A . n 
A 1 20  ASN 20  -6  ?   ?   ?   A . n 
A 1 21  LEU 21  -5  ?   ?   ?   A . n 
A 1 22  TYR 22  -4  ?   ?   ?   A . n 
A 1 23  PHE 23  -3  ?   ?   ?   A . n 
A 1 24  GLN 24  -2  ?   ?   ?   A . n 
A 1 25  GLY 25  -1  ?   ?   ?   A . n 
A 1 26  ALA 26  0   ?   ?   ?   A . n 
A 1 27  MET 27  1   ?   ?   ?   A . n 
A 1 28  GLY 28  2   2   GLY GLY A . n 
A 1 29  ALA 29  3   3   ALA ALA A . n 
A 1 30  SER 30  4   4   SER SER A . n 
A 1 31  ARG 31  5   5   ARG ARG A . n 
A 1 32  LEU 32  6   6   LEU LEU A . n 
A 1 33  TYR 33  7   7   TYR TYR A . n 
A 1 34  THR 34  8   8   THR THR A . n 
A 1 35  LEU 35  9   9   LEU LEU A . n 
A 1 36  VAL 36  10  10  VAL VAL A . n 
A 1 37  LEU 37  11  11  LEU LEU A . n 
A 1 38  VAL 38  12  12  VAL VAL A . n 
A 1 39  LEU 39  13  13  LEU LEU A . n 
A 1 40  GLN 40  14  14  GLN GLN A . n 
A 1 41  PRO 41  15  15  PRO PRO A . n 
A 1 42  GLN 42  16  16  GLN GLN A . n 
A 1 43  ARG 43  17  17  ARG ARG A . n 
A 1 44  VAL 44  18  18  VAL VAL A . n 
A 1 45  LEU 45  19  19  LEU LEU A . n 
A 1 46  LEU 46  20  20  LEU LEU A . n 
A 1 47  GLY 47  21  21  GLY GLY A . n 
A 1 48  MET 48  22  22  MET MET A . n 
A 1 49  LYS 49  23  23  LYS LYS A . n 
A 1 50  LYS 50  24  24  LYS LYS A . n 
A 1 51  ARG 51  25  25  ARG ARG A . n 
A 1 52  GLY 52  26  26  GLY GLY A . n 
A 1 53  PHE 53  27  27  PHE PHE A . n 
A 1 54  GLY 54  28  28  GLY GLY A . n 
A 1 55  ALA 55  29  29  ALA ALA A . n 
A 1 56  GLY 56  30  30  GLY GLY A . n 
A 1 57  ARG 57  31  31  ARG ARG A . n 
A 1 58  TRP 58  32  32  TRP TRP A . n 
A 1 59  ASN 59  33  33  ASN ASN A . n 
A 1 60  GLY 60  34  34  GLY GLY A . n 
A 1 61  PHE 61  35  35  PHE PHE A . n 
A 1 62  GLY 62  36  36  GLY GLY A . n 
A 1 63  GLY 63  37  37  GLY GLY A . n 
A 1 64  LYS 64  38  38  LYS LYS A . n 
A 1 65  VAL 65  39  39  VAL VAL A . n 
A 1 66  GLN 66  40  40  GLN GLN A . n 
A 1 67  GLU 67  41  41  GLU GLU A . n 
A 1 68  GLY 68  42  42  GLY GLY A . n 
A 1 69  GLU 69  43  43  GLU GLU A . n 
A 1 70  THR 70  44  44  THR THR A . n 
A 1 71  ILE 71  45  45  ILE ILE A . n 
A 1 72  GLU 72  46  46  GLU GLU A . n 
A 1 73  ASP 73  47  47  ASP ASP A . n 
A 1 74  GLY 74  48  48  GLY GLY A . n 
A 1 75  ALA 75  49  49  ALA ALA A . n 
A 1 76  ARG 76  50  50  ARG ARG A . n 
A 1 77  ARG 77  51  51  ARG ARG A . n 
A 1 78  GLU 78  52  52  GLU GLU A . n 
A 1 79  LEU 79  53  53  LEU LEU A . n 
A 1 80  GLN 80  54  54  GLN GLN A . n 
A 1 81  GLU 81  55  55  GLU GLU A . n 
A 1 82  GLU 82  56  56  GLU GLU A . n 
A 1 83  SER 83  57  57  SER SER A . n 
A 1 84  GLY 84  58  58  GLY GLY A . n 
A 1 85  LEU 85  59  59  LEU LEU A . n 
A 1 86  THR 86  60  60  THR THR A . n 
A 1 87  VAL 87  61  61  VAL VAL A . n 
A 1 88  ASP 88  62  62  ASP ASP A . n 
A 1 89  ALA 89  63  63  ALA ALA A . n 
A 1 90  LEU 90  64  64  LEU LEU A . n 
A 1 91  HIS 91  65  65  HIS HIS A . n 
A 1 92  LYS 92  66  66  LYS LYS A . n 
A 1 93  VAL 93  67  67  VAL VAL A . n 
A 1 94  GLY 94  68  68  GLY GLY A . n 
A 1 95  GLN 95  69  69  GLN GLN A . n 
A 1 96  ILE 96  70  70  ILE ILE A . n 
A 1 97  VAL 97  71  71  VAL VAL A . n 
A 1 98  PHE 98  72  72  PHE PHE A . n 
A 1 99  GLU 99  73  73  GLU GLU A . n 
A 1 100 PHE 100 74  74  PHE PHE A . n 
A 1 101 VAL 101 75  75  VAL VAL A . n 
A 1 102 GLY 102 76  76  GLY GLY A . n 
A 1 103 GLU 103 77  77  GLU GLU A . n 
A 1 104 PRO 104 78  78  PRO PRO A . n 
A 1 105 GLU 105 79  79  GLU GLU A . n 
A 1 106 LEU 106 80  80  LEU LEU A . n 
A 1 107 MET 107 81  81  MET MET A . n 
A 1 108 ASP 108 82  82  ASP ASP A . n 
A 1 109 VAL 109 83  83  VAL VAL A . n 
A 1 110 HIS 110 84  84  HIS HIS A . n 
A 1 111 VAL 111 85  85  VAL VAL A . n 
A 1 112 PHE 112 86  86  PHE PHE A . n 
A 1 113 CYS 113 87  87  CYS CYS A . n 
A 1 114 THR 114 88  88  THR THR A . n 
A 1 115 ASP 115 89  89  ASP ASP A . n 
A 1 116 SER 116 90  90  SER SER A . n 
A 1 117 ILE 117 91  91  ILE ILE A . n 
A 1 118 GLN 118 92  92  GLN GLN A . n 
A 1 119 GLY 119 93  93  GLY GLY A . n 
A 1 120 THR 120 94  94  THR THR A . n 
A 1 121 PRO 121 95  95  PRO PRO A . n 
A 1 122 VAL 122 96  96  VAL VAL A . n 
A 1 123 GLU 123 97  97  GLU GLU A . n 
A 1 124 SER 124 98  98  SER SER A . n 
A 1 125 ASP 125 99  99  ASP ASP A . n 
A 1 126 GLU 126 100 100 GLU GLU A . n 
A 1 127 MET 127 101 101 MET MET A . n 
A 1 128 ARG 128 102 102 ARG ARG A . n 
A 1 129 PRO 129 103 103 PRO PRO A . n 
A 1 130 CYS 130 104 104 CYS CYS A . n 
A 1 131 TRP 131 105 105 TRP TRP A . n 
A 1 132 PHE 132 106 106 PHE PHE A . n 
A 1 133 GLN 133 107 107 GLN GLN A . n 
A 1 134 LEU 134 108 108 LEU LEU A . n 
A 1 135 ASP 135 109 109 ASP ASP A . n 
A 1 136 GLN 136 110 110 GLN GLN A . n 
A 1 137 ILE 137 111 111 ILE ILE A . n 
A 1 138 PRO 138 112 112 PRO PRO A . n 
A 1 139 PHE 139 113 113 PHE PHE A . n 
A 1 140 LYS 140 114 114 LYS LYS A . n 
A 1 141 ASP 141 115 115 ASP ASP A . n 
A 1 142 MET 142 116 116 MET MET A . n 
A 1 143 TRP 143 117 117 TRP TRP A . n 
A 1 144 PRO 144 118 118 PRO PRO A . n 
A 1 145 ASP 145 119 119 ASP ASP A . n 
A 1 146 ASP 146 120 120 ASP ASP A . n 
A 1 147 SER 147 121 121 SER SER A . n 
A 1 148 TYR 148 122 122 TYR TYR A . n 
A 1 149 TRP 149 123 123 TRP TRP A . n 
A 1 150 PHE 150 124 124 PHE PHE A . n 
A 1 151 PRO 151 125 125 PRO PRO A . n 
A 1 152 LEU 152 126 126 LEU LEU A . n 
A 1 153 LEU 153 127 127 LEU LEU A . n 
A 1 154 LEU 154 128 128 LEU LEU A . n 
A 1 155 GLN 155 129 129 GLN GLN A . n 
A 1 156 LYS 156 130 130 LYS LYS A . n 
A 1 157 LYS 157 131 131 LYS LYS A . n 
A 1 158 LYS 158 132 132 LYS LYS A . n 
A 1 159 PHE 159 133 133 PHE PHE A . n 
A 1 160 HIS 160 134 134 HIS HIS A . n 
A 1 161 GLY 161 135 135 GLY GLY A . n 
A 1 162 TYR 162 136 136 TYR TYR A . n 
A 1 163 PHE 163 137 137 PHE PHE A . n 
A 1 164 LYS 164 138 138 LYS LYS A . n 
A 1 165 PHE 165 139 139 PHE PHE A . n 
A 1 166 GLN 166 140 140 GLN GLN A . n 
A 1 167 GLY 167 141 141 GLY GLY A . n 
A 1 168 GLN 168 142 142 GLN GLN A . n 
A 1 169 ASP 169 143 143 ASP ASP A . n 
A 1 170 THR 170 144 144 THR THR A . n 
A 1 171 ILE 171 145 145 ILE ILE A . n 
A 1 172 LEU 172 146 146 LEU LEU A . n 
A 1 173 ASP 173 147 147 ASP ASP A . n 
A 1 174 TYR 174 148 148 TYR TYR A . n 
A 1 175 THR 175 149 149 THR THR A . n 
A 1 176 LEU 176 150 150 LEU LEU A . n 
A 1 177 ARG 177 151 151 ARG ARG A . n 
A 1 178 GLU 178 152 152 GLU GLU A . n 
A 1 179 VAL 179 153 153 VAL VAL A . n 
A 1 180 ASP 180 154 154 ASP ASP A . n 
A 1 181 THR 181 155 155 THR THR A . n 
A 1 182 VAL 182 156 156 VAL VAL A . n 
# 
loop_
_pdbx_nonpoly_scheme.asym_id 
_pdbx_nonpoly_scheme.entity_id 
_pdbx_nonpoly_scheme.mon_id 
_pdbx_nonpoly_scheme.ndb_seq_num 
_pdbx_nonpoly_scheme.pdb_seq_num 
_pdbx_nonpoly_scheme.auth_seq_num 
_pdbx_nonpoly_scheme.pdb_mon_id 
_pdbx_nonpoly_scheme.auth_mon_id 
_pdbx_nonpoly_scheme.pdb_strand_id 
_pdbx_nonpoly_scheme.pdb_ins_code 
B 2 AX7 1   201 1   AX7 LIG A . 
C 3 SO4 1   202 1   SO4 SO4 A . 
D 4 HOH 1   301 139 HOH HOH A . 
D 4 HOH 2   302 129 HOH HOH A . 
D 4 HOH 3   303 100 HOH HOH A . 
D 4 HOH 4   304 33  HOH HOH A . 
D 4 HOH 5   305 17  HOH HOH A . 
D 4 HOH 6   306 75  HOH HOH A . 
D 4 HOH 7   307 66  HOH HOH A . 
D 4 HOH 8   308 19  HOH HOH A . 
D 4 HOH 9   309 5   HOH HOH A . 
D 4 HOH 10  310 1   HOH HOH A . 
D 4 HOH 11  311 29  HOH HOH A . 
D 4 HOH 12  312 27  HOH HOH A . 
D 4 HOH 13  313 3   HOH HOH A . 
D 4 HOH 14  314 76  HOH HOH A . 
D 4 HOH 15  315 4   HOH HOH A . 
D 4 HOH 16  316 22  HOH HOH A . 
D 4 HOH 17  317 135 HOH HOH A . 
D 4 HOH 18  318 132 HOH HOH A . 
D 4 HOH 19  319 39  HOH HOH A . 
D 4 HOH 20  320 60  HOH HOH A . 
D 4 HOH 21  321 110 HOH HOH A . 
D 4 HOH 22  322 9   HOH HOH A . 
D 4 HOH 23  323 50  HOH HOH A . 
D 4 HOH 24  324 24  HOH HOH A . 
D 4 HOH 25  325 63  HOH HOH A . 
D 4 HOH 26  326 38  HOH HOH A . 
D 4 HOH 27  327 15  HOH HOH A . 
D 4 HOH 28  328 37  HOH HOH A . 
D 4 HOH 29  329 45  HOH HOH A . 
D 4 HOH 30  330 10  HOH HOH A . 
D 4 HOH 31  331 91  HOH HOH A . 
D 4 HOH 32  332 16  HOH HOH A . 
D 4 HOH 33  333 47  HOH HOH A . 
D 4 HOH 34  334 74  HOH HOH A . 
D 4 HOH 35  335 20  HOH HOH A . 
D 4 HOH 36  336 8   HOH HOH A . 
D 4 HOH 37  337 51  HOH HOH A . 
D 4 HOH 38  338 12  HOH HOH A . 
D 4 HOH 39  339 40  HOH HOH A . 
D 4 HOH 40  340 80  HOH HOH A . 
D 4 HOH 41  341 114 HOH HOH A . 
D 4 HOH 42  342 43  HOH HOH A . 
D 4 HOH 43  343 18  HOH HOH A . 
D 4 HOH 44  344 26  HOH HOH A . 
D 4 HOH 45  345 61  HOH HOH A . 
D 4 HOH 46  346 46  HOH HOH A . 
D 4 HOH 47  347 99  HOH HOH A . 
D 4 HOH 48  348 25  HOH HOH A . 
D 4 HOH 49  349 21  HOH HOH A . 
D 4 HOH 50  350 62  HOH HOH A . 
D 4 HOH 51  351 34  HOH HOH A . 
D 4 HOH 52  352 72  HOH HOH A . 
D 4 HOH 53  353 95  HOH HOH A . 
D 4 HOH 54  354 131 HOH HOH A . 
D 4 HOH 55  355 106 HOH HOH A . 
D 4 HOH 56  356 41  HOH HOH A . 
D 4 HOH 57  357 13  HOH HOH A . 
D 4 HOH 58  358 11  HOH HOH A . 
D 4 HOH 59  359 77  HOH HOH A . 
D 4 HOH 60  360 113 HOH HOH A . 
D 4 HOH 61  361 81  HOH HOH A . 
D 4 HOH 62  362 48  HOH HOH A . 
D 4 HOH 63  363 52  HOH HOH A . 
D 4 HOH 64  364 101 HOH HOH A . 
D 4 HOH 65  365 137 HOH HOH A . 
D 4 HOH 66  366 30  HOH HOH A . 
D 4 HOH 67  367 107 HOH HOH A . 
D 4 HOH 68  368 103 HOH HOH A . 
D 4 HOH 69  369 140 HOH HOH A . 
D 4 HOH 70  370 68  HOH HOH A . 
D 4 HOH 71  371 70  HOH HOH A . 
D 4 HOH 72  372 90  HOH HOH A . 
D 4 HOH 73  373 23  HOH HOH A . 
D 4 HOH 74  374 122 HOH HOH A . 
D 4 HOH 75  375 92  HOH HOH A . 
D 4 HOH 76  376 85  HOH HOH A . 
D 4 HOH 77  377 57  HOH HOH A . 
D 4 HOH 78  378 88  HOH HOH A . 
D 4 HOH 79  379 82  HOH HOH A . 
D 4 HOH 80  380 118 HOH HOH A . 
D 4 HOH 81  381 56  HOH HOH A . 
D 4 HOH 82  382 136 HOH HOH A . 
D 4 HOH 83  383 111 HOH HOH A . 
D 4 HOH 84  384 53  HOH HOH A . 
D 4 HOH 85  385 133 HOH HOH A . 
D 4 HOH 86  386 86  HOH HOH A . 
D 4 HOH 87  387 128 HOH HOH A . 
D 4 HOH 88  388 105 HOH HOH A . 
D 4 HOH 89  389 130 HOH HOH A . 
D 4 HOH 90  390 59  HOH HOH A . 
D 4 HOH 91  391 69  HOH HOH A . 
D 4 HOH 92  392 108 HOH HOH A . 
D 4 HOH 93  393 138 HOH HOH A . 
D 4 HOH 94  394 96  HOH HOH A . 
D 4 HOH 95  395 134 HOH HOH A . 
D 4 HOH 96  396 65  HOH HOH A . 
D 4 HOH 97  397 94  HOH HOH A . 
D 4 HOH 98  398 112 HOH HOH A . 
D 4 HOH 99  399 31  HOH HOH A . 
D 4 HOH 100 400 120 HOH HOH A . 
D 4 HOH 101 401 121 HOH HOH A . 
# 
loop_
_pdbx_unobs_or_zero_occ_atoms.id 
_pdbx_unobs_or_zero_occ_atoms.PDB_model_num 
_pdbx_unobs_or_zero_occ_atoms.polymer_flag 
_pdbx_unobs_or_zero_occ_atoms.occupancy_flag 
_pdbx_unobs_or_zero_occ_atoms.auth_asym_id 
_pdbx_unobs_or_zero_occ_atoms.auth_comp_id 
_pdbx_unobs_or_zero_occ_atoms.auth_seq_id 
_pdbx_unobs_or_zero_occ_atoms.PDB_ins_code 
_pdbx_unobs_or_zero_occ_atoms.auth_atom_id 
_pdbx_unobs_or_zero_occ_atoms.label_alt_id 
_pdbx_unobs_or_zero_occ_atoms.label_asym_id 
_pdbx_unobs_or_zero_occ_atoms.label_comp_id 
_pdbx_unobs_or_zero_occ_atoms.label_seq_id 
_pdbx_unobs_or_zero_occ_atoms.label_atom_id 
1  1 Y 1 A ALA 3   ? CB  ? A ALA 29  CB  
2  1 Y 1 A ARG 5   ? NE  ? A ARG 31  NE  
3  1 Y 1 A ARG 5   ? CZ  ? A ARG 31  CZ  
4  1 Y 1 A ARG 5   ? NH1 ? A ARG 31  NH1 
5  1 Y 1 A ARG 5   ? NH2 ? A ARG 31  NH2 
6  1 Y 1 A GLN 16  ? CG  ? A GLN 42  CG  
7  1 Y 1 A GLN 16  ? CD  ? A GLN 42  CD  
8  1 Y 1 A GLN 16  ? OE1 ? A GLN 42  OE1 
9  1 Y 1 A GLN 16  ? NE2 ? A GLN 42  NE2 
10 1 Y 1 A ARG 25  ? CD  ? A ARG 51  CD  
11 1 Y 1 A ARG 25  ? NE  ? A ARG 51  NE  
12 1 Y 1 A ARG 25  ? CZ  ? A ARG 51  CZ  
13 1 Y 1 A ARG 25  ? NH1 ? A ARG 51  NH1 
14 1 Y 1 A ARG 25  ? NH2 ? A ARG 51  NH2 
15 1 Y 1 A LYS 38  ? NZ  ? A LYS 64  NZ  
16 1 Y 1 A GLN 54  ? CG  ? A GLN 80  CG  
17 1 Y 1 A GLN 54  ? CD  ? A GLN 80  CD  
18 1 Y 1 A GLN 54  ? OE1 ? A GLN 80  OE1 
19 1 Y 1 A GLN 54  ? NE2 ? A GLN 80  NE2 
20 1 Y 1 A ASP 62  ? CB  ? A ASP 88  CB  
21 1 Y 1 A ASP 62  ? CG  ? A ASP 88  CG  
22 1 Y 1 A ASP 62  ? OD1 ? A ASP 88  OD1 
23 1 Y 1 A ASP 62  ? OD2 ? A ASP 88  OD2 
24 1 Y 1 A LYS 66  ? CG  ? A LYS 92  CG  
25 1 Y 1 A LYS 66  ? CD  ? A LYS 92  CD  
26 1 Y 1 A LYS 66  ? CE  ? A LYS 92  CE  
27 1 Y 1 A LYS 66  ? NZ  ? A LYS 92  NZ  
28 1 Y 1 A GLU 77  ? CD  ? A GLU 103 CD  
29 1 Y 1 A GLU 77  ? OE1 ? A GLU 103 OE1 
30 1 Y 1 A GLU 77  ? OE2 ? A GLU 103 OE2 
31 1 Y 1 A ASP 89  ? CG  ? A ASP 115 CG  
32 1 Y 1 A ASP 89  ? OD1 ? A ASP 115 OD1 
33 1 Y 1 A ASP 89  ? OD2 ? A ASP 115 OD2 
34 1 Y 1 A SER 90  ? OG  ? A SER 116 OG  
35 1 Y 1 A ASP 99  ? CG  ? A ASP 125 CG  
36 1 Y 1 A ASP 99  ? OD1 ? A ASP 125 OD1 
37 1 Y 1 A ASP 99  ? OD2 ? A ASP 125 OD2 
38 1 Y 1 A GLU 100 ? CG  ? A GLU 126 CG  
39 1 Y 1 A GLU 100 ? CD  ? A GLU 126 CD  
40 1 Y 1 A GLU 100 ? OE1 ? A GLU 126 OE1 
41 1 Y 1 A GLU 100 ? OE2 ? A GLU 126 OE2 
42 1 Y 1 A LYS 114 ? CG  ? A LYS 140 CG  
43 1 Y 1 A LYS 114 ? CD  ? A LYS 140 CD  
44 1 Y 1 A LYS 114 ? CE  ? A LYS 140 CE  
45 1 Y 1 A LYS 114 ? NZ  ? A LYS 140 NZ  
46 1 Y 1 A LYS 130 ? CG  ? A LYS 156 CG  
47 1 Y 1 A LYS 130 ? CD  ? A LYS 156 CD  
48 1 Y 1 A LYS 130 ? CE  ? A LYS 156 CE  
49 1 Y 1 A LYS 130 ? NZ  ? A LYS 156 NZ  
50 1 Y 1 A LYS 131 ? CE  ? A LYS 157 CE  
51 1 Y 1 A LYS 131 ? NZ  ? A LYS 157 NZ  
52 1 Y 1 A LYS 132 ? CE  ? A LYS 158 CE  
53 1 Y 1 A LYS 132 ? NZ  ? A LYS 158 NZ  
54 1 Y 1 A LYS 138 ? CE  ? A LYS 164 CE  
55 1 Y 1 A LYS 138 ? NZ  ? A LYS 164 NZ  
56 1 Y 1 A GLU 152 ? CG  ? A GLU 178 CG  
57 1 Y 1 A GLU 152 ? CD  ? A GLU 178 CD  
58 1 Y 1 A GLU 152 ? OE1 ? A GLU 178 OE1 
59 1 Y 1 A GLU 152 ? OE2 ? A GLU 178 OE2 
# 
loop_
_software.citation_id 
_software.classification 
_software.compiler_name 
_software.compiler_version 
_software.contact_author 
_software.contact_author_email 
_software.date 
_software.description 
_software.dependencies 
_software.hardware 
_software.language 
_software.location 
_software.mods 
_software.name 
_software.os 
_software.os_version 
_software.type 
_software.version 
_software.pdbx_ordinal 
? refinement       ? ? ? ? ? ? ? ? ? ? ? PHENIX ? ? ? . 1 
? 'data reduction' ? ? ? ? ? ? ? ? ? ? ? XDS    ? ? ? . 2 
? phasing          ? ? ? ? ? ? ? ? ? ? ? PHASER ? ? ? . 3 
# 
_cell.angle_alpha                  90.00 
_cell.angle_alpha_esd              ? 
_cell.angle_beta                   90.00 
_cell.angle_beta_esd               ? 
_cell.angle_gamma                  90.00 
_cell.angle_gamma_esd              ? 
_cell.entry_id                     6EQ5 
_cell.details                      ? 
_cell.formula_units_Z              ? 
_cell.length_a                     60.804 
_cell.length_a_esd                 ? 
_cell.length_b                     66.467 
_cell.length_b_esd                 ? 
_cell.length_c                     36.242 
_cell.length_c_esd                 ? 
_cell.volume                       ? 
_cell.volume_esd                   ? 
_cell.Z_PDB                        4 
_cell.reciprocal_angle_alpha       ? 
_cell.reciprocal_angle_beta        ? 
_cell.reciprocal_angle_gamma       ? 
_cell.reciprocal_angle_alpha_esd   ? 
_cell.reciprocal_angle_beta_esd    ? 
_cell.reciprocal_angle_gamma_esd   ? 
_cell.reciprocal_length_a          ? 
_cell.reciprocal_length_b          ? 
_cell.reciprocal_length_c          ? 
_cell.reciprocal_length_a_esd      ? 
_cell.reciprocal_length_b_esd      ? 
_cell.reciprocal_length_c_esd      ? 
_cell.pdbx_unique_axis             ? 
# 
_symmetry.entry_id                         6EQ5 
_symmetry.cell_setting                     ? 
_symmetry.Int_Tables_number                18 
_symmetry.space_group_name_Hall            ? 
_symmetry.space_group_name_H-M             'P 21 21 2' 
_symmetry.pdbx_full_space_group_name_H-M   ? 
# 
_exptl.absorpt_coefficient_mu     ? 
_exptl.absorpt_correction_T_max   ? 
_exptl.absorpt_correction_T_min   ? 
_exptl.absorpt_correction_type    ? 
_exptl.absorpt_process_details    ? 
_exptl.entry_id                   6EQ5 
_exptl.crystals_number            1 
_exptl.details                    ? 
_exptl.method                     'X-RAY DIFFRACTION' 
_exptl.method_details             ? 
# 
_exptl_crystal.colour                      ? 
_exptl_crystal.density_diffrn              ? 
_exptl_crystal.density_Matthews            ? 
_exptl_crystal.density_method              ? 
_exptl_crystal.density_percent_sol         ? 
_exptl_crystal.description                 ? 
_exptl_crystal.F_000                       ? 
_exptl_crystal.id                          1 
_exptl_crystal.preparation                 ? 
_exptl_crystal.size_max                    ? 
_exptl_crystal.size_mid                    ? 
_exptl_crystal.size_min                    ? 
_exptl_crystal.size_rad                    ? 
_exptl_crystal.colour_lustre               ? 
_exptl_crystal.colour_modifier             ? 
_exptl_crystal.colour_primary              ? 
_exptl_crystal.density_meas                ? 
_exptl_crystal.density_meas_esd            ? 
_exptl_crystal.density_meas_gt             ? 
_exptl_crystal.density_meas_lt             ? 
_exptl_crystal.density_meas_temp           ? 
_exptl_crystal.density_meas_temp_esd       ? 
_exptl_crystal.density_meas_temp_gt        ? 
_exptl_crystal.density_meas_temp_lt        ? 
_exptl_crystal.pdbx_crystal_image_url      ? 
_exptl_crystal.pdbx_crystal_image_format   ? 
_exptl_crystal.pdbx_mosaicity              ? 
_exptl_crystal.pdbx_mosaicity_esd          ? 
# 
_exptl_crystal_grow.apparatus       ? 
_exptl_crystal_grow.atmosphere      ? 
_exptl_crystal_grow.crystal_id      1 
_exptl_crystal_grow.details         ? 
_exptl_crystal_grow.method          'VAPOR DIFFUSION, HANGING DROP' 
_exptl_crystal_grow.method_ref      ? 
_exptl_crystal_grow.pH              4.5 
_exptl_crystal_grow.pressure        ? 
_exptl_crystal_grow.pressure_esd    ? 
_exptl_crystal_grow.seeding         ? 
_exptl_crystal_grow.seeding_ref     ? 
_exptl_crystal_grow.temp            293 
_exptl_crystal_grow.temp_details    ? 
_exptl_crystal_grow.temp_esd        ? 
_exptl_crystal_grow.time            ? 
_exptl_crystal_grow.pdbx_details    '23 % PEG3350, 0.2 M LI2SO4, 0.1 M SODIUM ACETATE PH4.5' 
_exptl_crystal_grow.pdbx_pH_range   ? 
# 
_diffrn.ambient_environment    ? 
_diffrn.ambient_temp           100 
_diffrn.ambient_temp_details   ? 
_diffrn.ambient_temp_esd       ? 
_diffrn.crystal_id             1 
_diffrn.crystal_support        ? 
_diffrn.crystal_treatment      ? 
_diffrn.details                ? 
_diffrn.id                     1 
_diffrn.ambient_pressure       ? 
_diffrn.ambient_pressure_esd   ? 
_diffrn.ambient_pressure_gt    ? 
_diffrn.ambient_pressure_lt    ? 
_diffrn.ambient_temp_gt        ? 
_diffrn.ambient_temp_lt        ? 
# 
_diffrn_detector.details                      ? 
_diffrn_detector.detector                     PIXEL 
_diffrn_detector.diffrn_id                    1 
_diffrn_detector.type                         'DECTRIS EIGER X 16M' 
_diffrn_detector.area_resol_mean              ? 
_diffrn_detector.dtime                        ? 
_diffrn_detector.pdbx_frames_total            ? 
_diffrn_detector.pdbx_collection_time_total   ? 
_diffrn_detector.pdbx_collection_date         2017-05-12 
# 
_diffrn_radiation.collimation                      ? 
_diffrn_radiation.diffrn_id                        1 
_diffrn_radiation.filter_edge                      ? 
_diffrn_radiation.inhomogeneity                    ? 
_diffrn_radiation.monochromator                    ? 
_diffrn_radiation.polarisn_norm                    ? 
_diffrn_radiation.polarisn_ratio                   ? 
_diffrn_radiation.probe                            ? 
_diffrn_radiation.type                             ? 
_diffrn_radiation.xray_symbol                      ? 
_diffrn_radiation.wavelength_id                    1 
_diffrn_radiation.pdbx_monochromatic_or_laue_m_l   M 
_diffrn_radiation.pdbx_wavelength_list             ? 
_diffrn_radiation.pdbx_wavelength                  ? 
_diffrn_radiation.pdbx_diffrn_protocol             'SINGLE WAVELENGTH' 
_diffrn_radiation.pdbx_analyzer                    ? 
_diffrn_radiation.pdbx_scattering_type             x-ray 
# 
_diffrn_radiation_wavelength.id           1 
_diffrn_radiation_wavelength.wavelength   1 
_diffrn_radiation_wavelength.wt           1.0 
# 
_diffrn_source.current                     ? 
_diffrn_source.details                     ? 
_diffrn_source.diffrn_id                   1 
_diffrn_source.power                       ? 
_diffrn_source.size                        ? 
_diffrn_source.source                      SYNCHROTRON 
_diffrn_source.target                      ? 
_diffrn_source.type                        'SLS BEAMLINE X06SA' 
_diffrn_source.voltage                     ? 
_diffrn_source.take-off_angle              ? 
_diffrn_source.pdbx_wavelength_list        1 
_diffrn_source.pdbx_wavelength             ? 
_diffrn_source.pdbx_synchrotron_beamline   X06SA 
_diffrn_source.pdbx_synchrotron_site       SLS 
# 
_reflns.B_iso_Wilson_estimate            ? 
_reflns.entry_id                         6EQ5 
_reflns.data_reduction_details           ? 
_reflns.data_reduction_method            ? 
_reflns.d_resolution_high                1.80 
_reflns.d_resolution_low                 50.00 
_reflns.details                          ? 
_reflns.limit_h_max                      ? 
_reflns.limit_h_min                      ? 
_reflns.limit_k_max                      ? 
_reflns.limit_k_min                      ? 
_reflns.limit_l_max                      ? 
_reflns.limit_l_min                      ? 
_reflns.number_all                       ? 
_reflns.number_obs                       24073 
_reflns.observed_criterion               ? 
_reflns.observed_criterion_F_max         ? 
_reflns.observed_criterion_F_min         ? 
_reflns.observed_criterion_I_max         ? 
_reflns.observed_criterion_I_min         ? 
_reflns.observed_criterion_sigma_F       ? 
_reflns.observed_criterion_sigma_I       ? 
_reflns.percent_possible_obs             91.5 
_reflns.R_free_details                   ? 
_reflns.Rmerge_F_all                     ? 
_reflns.Rmerge_F_obs                     ? 
_reflns.Friedel_coverage                 ? 
_reflns.number_gt                        ? 
_reflns.threshold_expression             ? 
_reflns.pdbx_redundancy                  1.77 
_reflns.pdbx_Rmerge_I_obs                ? 
_reflns.pdbx_Rmerge_I_all                ? 
_reflns.pdbx_Rsym_value                  ? 
_reflns.pdbx_netI_over_av_sigmaI         ? 
_reflns.pdbx_netI_over_sigmaI            9.32 
_reflns.pdbx_res_netI_over_av_sigmaI_2   ? 
_reflns.pdbx_res_netI_over_sigmaI_2      ? 
_reflns.pdbx_chi_squared                 ? 
_reflns.pdbx_scaling_rejects             ? 
_reflns.pdbx_d_res_high_opt              ? 
_reflns.pdbx_d_res_low_opt               ? 
_reflns.pdbx_d_res_opt_method            ? 
_reflns.phase_calculation_details        ? 
_reflns.pdbx_Rrim_I_all                  0.073 
_reflns.pdbx_Rpim_I_all                  ? 
_reflns.pdbx_d_opt                       ? 
_reflns.pdbx_number_measured_all         ? 
_reflns.pdbx_diffrn_id                   1 
_reflns.pdbx_ordinal                     1 
_reflns.pdbx_CC_half                     0.996 
_reflns.pdbx_R_split                     ? 
# 
_reflns_shell.d_res_high                  1.80 
_reflns_shell.d_res_low                   1.91 
_reflns_shell.meanI_over_sigI_all         ? 
_reflns_shell.meanI_over_sigI_obs         2.64 
_reflns_shell.number_measured_all         ? 
_reflns_shell.number_measured_obs         ? 
_reflns_shell.number_possible             ? 
_reflns_shell.number_unique_all           ? 
_reflns_shell.number_unique_obs           4073 
_reflns_shell.percent_possible_all        95.6 
_reflns_shell.percent_possible_obs        ? 
_reflns_shell.Rmerge_F_all                ? 
_reflns_shell.Rmerge_F_obs                ? 
_reflns_shell.Rmerge_I_all                ? 
_reflns_shell.Rmerge_I_obs                ? 
_reflns_shell.meanI_over_sigI_gt          ? 
_reflns_shell.meanI_over_uI_all           ? 
_reflns_shell.meanI_over_uI_gt            ? 
_reflns_shell.number_measured_gt          ? 
_reflns_shell.number_unique_gt            ? 
_reflns_shell.percent_possible_gt         ? 
_reflns_shell.Rmerge_F_gt                 ? 
_reflns_shell.Rmerge_I_gt                 ? 
_reflns_shell.pdbx_redundancy             1.77 
_reflns_shell.pdbx_Rsym_value             ? 
_reflns_shell.pdbx_chi_squared            ? 
_reflns_shell.pdbx_netI_over_sigmaI_all   ? 
_reflns_shell.pdbx_netI_over_sigmaI_obs   ? 
_reflns_shell.pdbx_Rrim_I_all             ? 
_reflns_shell.pdbx_Rpim_I_all             ? 
_reflns_shell.pdbx_rejects                ? 
_reflns_shell.pdbx_ordinal                1 
_reflns_shell.pdbx_diffrn_id              1 
_reflns_shell.pdbx_CC_half                ? 
_reflns_shell.pdbx_R_split                ? 
# 
_refine.aniso_B[1][1]                            ? 
_refine.aniso_B[1][2]                            ? 
_refine.aniso_B[1][3]                            ? 
_refine.aniso_B[2][2]                            ? 
_refine.aniso_B[2][3]                            ? 
_refine.aniso_B[3][3]                            ? 
_refine.B_iso_max                                ? 
_refine.B_iso_mean                               ? 
_refine.B_iso_min                                ? 
_refine.correlation_coeff_Fo_to_Fc               ? 
_refine.correlation_coeff_Fo_to_Fc_free          ? 
_refine.details                                  ? 
_refine.diff_density_max                         ? 
_refine.diff_density_max_esd                     ? 
_refine.diff_density_min                         ? 
_refine.diff_density_min_esd                     ? 
_refine.diff_density_rms                         ? 
_refine.diff_density_rms_esd                     ? 
_refine.entry_id                                 6EQ5 
_refine.pdbx_refine_id                           'X-RAY DIFFRACTION' 
_refine.ls_abs_structure_details                 ? 
_refine.ls_abs_structure_Flack                   ? 
_refine.ls_abs_structure_Flack_esd               ? 
_refine.ls_abs_structure_Rogers                  ? 
_refine.ls_abs_structure_Rogers_esd              ? 
_refine.ls_d_res_high                            1.801 
_refine.ls_d_res_low                             44.864 
_refine.ls_extinction_coef                       ? 
_refine.ls_extinction_coef_esd                   ? 
_refine.ls_extinction_expression                 ? 
_refine.ls_extinction_method                     ? 
_refine.ls_goodness_of_fit_all                   ? 
_refine.ls_goodness_of_fit_all_esd               ? 
_refine.ls_goodness_of_fit_obs                   ? 
_refine.ls_goodness_of_fit_obs_esd               ? 
_refine.ls_hydrogen_treatment                    ? 
_refine.ls_matrix_type                           ? 
_refine.ls_number_constraints                    ? 
_refine.ls_number_parameters                     ? 
_refine.ls_number_reflns_all                     ? 
_refine.ls_number_reflns_obs                     13680 
_refine.ls_number_reflns_R_free                  1369 
_refine.ls_number_reflns_R_work                  ? 
_refine.ls_number_restraints                     ? 
_refine.ls_percent_reflns_obs                    96.59 
_refine.ls_percent_reflns_R_free                 10.01 
_refine.ls_R_factor_all                          ? 
_refine.ls_R_factor_obs                          0.2155 
_refine.ls_R_factor_R_free                       0.2705 
_refine.ls_R_factor_R_free_error                 ? 
_refine.ls_R_factor_R_free_error_details         ? 
_refine.ls_R_factor_R_work                       0.2095 
_refine.ls_R_Fsqd_factor_obs                     ? 
_refine.ls_R_I_factor_obs                        ? 
_refine.ls_redundancy_reflns_all                 ? 
_refine.ls_redundancy_reflns_obs                 ? 
_refine.ls_restrained_S_all                      ? 
_refine.ls_restrained_S_obs                      ? 
_refine.ls_shift_over_esd_max                    ? 
_refine.ls_shift_over_esd_mean                   ? 
_refine.ls_structure_factor_coef                 ? 
_refine.ls_weighting_details                     ? 
_refine.ls_weighting_scheme                      ? 
_refine.ls_wR_factor_all                         ? 
_refine.ls_wR_factor_obs                         ? 
_refine.ls_wR_factor_R_free                      ? 
_refine.ls_wR_factor_R_work                      ? 
_refine.occupancy_max                            ? 
_refine.occupancy_min                            ? 
_refine.solvent_model_details                    ? 
_refine.solvent_model_param_bsol                 ? 
_refine.solvent_model_param_ksol                 ? 
_refine.ls_R_factor_gt                           ? 
_refine.ls_goodness_of_fit_gt                    ? 
_refine.ls_goodness_of_fit_ref                   ? 
_refine.ls_shift_over_su_max                     ? 
_refine.ls_shift_over_su_max_lt                  ? 
_refine.ls_shift_over_su_mean                    ? 
_refine.ls_shift_over_su_mean_lt                 ? 
_refine.pdbx_ls_sigma_I                          ? 
_refine.pdbx_ls_sigma_F                          1.39 
_refine.pdbx_ls_sigma_Fsqd                       ? 
_refine.pdbx_data_cutoff_high_absF               ? 
_refine.pdbx_data_cutoff_high_rms_absF           ? 
_refine.pdbx_data_cutoff_low_absF                ? 
_refine.pdbx_isotropic_thermal_model             ? 
_refine.pdbx_ls_cross_valid_method               'FREE R-VALUE' 
_refine.pdbx_method_to_determine_struct          ? 
_refine.pdbx_starting_model                      ? 
_refine.pdbx_stereochemistry_target_values       ? 
_refine.pdbx_R_Free_selection_details            ? 
_refine.pdbx_stereochem_target_val_spec_case     ? 
_refine.pdbx_overall_ESU_R                       ? 
_refine.pdbx_overall_ESU_R_Free                  ? 
_refine.pdbx_solvent_vdw_probe_radii             1.11 
_refine.pdbx_solvent_ion_probe_radii             ? 
_refine.pdbx_solvent_shrinkage_radii             0.90 
_refine.pdbx_real_space_R                        ? 
_refine.pdbx_density_correlation                 ? 
_refine.pdbx_pd_number_of_powder_patterns        ? 
_refine.pdbx_pd_number_of_points                 ? 
_refine.pdbx_pd_meas_number_of_points            ? 
_refine.pdbx_pd_proc_ls_prof_R_factor            ? 
_refine.pdbx_pd_proc_ls_prof_wR_factor           ? 
_refine.pdbx_pd_Marquardt_correlation_coeff      ? 
_refine.pdbx_pd_Fsqrd_R_factor                   ? 
_refine.pdbx_pd_ls_matrix_band_width             ? 
_refine.pdbx_overall_phase_error                 26.50 
_refine.pdbx_overall_SU_R_free_Cruickshank_DPI   ? 
_refine.pdbx_overall_SU_R_free_Blow_DPI          ? 
_refine.pdbx_overall_SU_R_Blow_DPI               ? 
_refine.pdbx_TLS_residual_ADP_flag               ? 
_refine.pdbx_diffrn_id                           1 
_refine.overall_SU_B                             ? 
_refine.overall_SU_ML                            0.23 
_refine.overall_SU_R_Cruickshank_DPI             ? 
_refine.overall_SU_R_free                        ? 
_refine.overall_FOM_free_R_set                   ? 
_refine.overall_FOM_work_R_set                   ? 
_refine.pdbx_average_fsc_overall                 ? 
_refine.pdbx_average_fsc_work                    ? 
_refine.pdbx_average_fsc_free                    ? 
# 
_refine_hist.pdbx_refine_id                   'X-RAY DIFFRACTION' 
_refine_hist.cycle_id                         LAST 
_refine_hist.pdbx_number_atoms_protein        1199 
_refine_hist.pdbx_number_atoms_nucleic_acid   0 
_refine_hist.pdbx_number_atoms_ligand         15 
_refine_hist.number_atoms_solvent             101 
_refine_hist.number_atoms_total               1315 
_refine_hist.d_res_high                       1.801 
_refine_hist.d_res_low                        44.864 
# 
loop_
_refine_ls_restr.pdbx_refine_id 
_refine_ls_restr.criterion 
_refine_ls_restr.dev_ideal 
_refine_ls_restr.dev_ideal_target 
_refine_ls_restr.number 
_refine_ls_restr.rejects 
_refine_ls_restr.type 
_refine_ls_restr.weight 
_refine_ls_restr.pdbx_restraint_function 
'X-RAY DIFFRACTION' ? 0.006 ? 1276 ? f_bond_d           ? ? 
'X-RAY DIFFRACTION' ? 0.772 ? 1739 ? f_angle_d          ? ? 
'X-RAY DIFFRACTION' ? 6.456 ? 985  ? f_dihedral_angle_d ? ? 
'X-RAY DIFFRACTION' ? 0.053 ? 183  ? f_chiral_restr     ? ? 
'X-RAY DIFFRACTION' ? 0.006 ? 227  ? f_plane_restr      ? ? 
# 
loop_
_refine_ls_shell.pdbx_refine_id 
_refine_ls_shell.d_res_high 
_refine_ls_shell.d_res_low 
_refine_ls_shell.number_reflns_all 
_refine_ls_shell.number_reflns_obs 
_refine_ls_shell.number_reflns_R_free 
_refine_ls_shell.number_reflns_R_work 
_refine_ls_shell.percent_reflns_obs 
_refine_ls_shell.percent_reflns_R_free 
_refine_ls_shell.R_factor_all 
_refine_ls_shell.R_factor_obs 
_refine_ls_shell.R_factor_R_free 
_refine_ls_shell.R_factor_R_free_error 
_refine_ls_shell.R_factor_R_work 
_refine_ls_shell.redundancy_reflns_all 
_refine_ls_shell.redundancy_reflns_obs 
_refine_ls_shell.wR_factor_all 
_refine_ls_shell.wR_factor_obs 
_refine_ls_shell.wR_factor_R_free 
_refine_ls_shell.wR_factor_R_work 
_refine_ls_shell.pdbx_total_number_of_bins_used 
_refine_ls_shell.pdbx_phase_error 
_refine_ls_shell.pdbx_fsc_work 
_refine_ls_shell.pdbx_fsc_free 
'X-RAY DIFFRACTION' 1.8009 1.8653  . . 133 1189 96.00 . . . 0.3447 . 0.2617 . . . . . . . . . . 
'X-RAY DIFFRACTION' 1.8653 1.9400  . . 136 1233 99.00 . . . 0.2959 . 0.2372 . . . . . . . . . . 
'X-RAY DIFFRACTION' 1.9400 2.0282  . . 138 1238 99.00 . . . 0.2774 . 0.2153 . . . . . . . . . . 
'X-RAY DIFFRACTION' 2.0282 2.1352  . . 137 1230 98.00 . . . 0.3029 . 0.2325 . . . . . . . . . . 
'X-RAY DIFFRACTION' 2.1352 2.2689  . . 133 1198 95.00 . . . 0.2773 . 0.2032 . . . . . . . . . . 
'X-RAY DIFFRACTION' 2.2689 2.4441  . . 137 1232 97.00 . . . 0.2954 . 0.2165 . . . . . . . . . . 
'X-RAY DIFFRACTION' 2.4441 2.6901  . . 134 1215 97.00 . . . 0.2710 . 0.2129 . . . . . . . . . . 
'X-RAY DIFFRACTION' 2.6901 3.0792  . . 137 1231 95.00 . . . 0.2702 . 0.2214 . . . . . . . . . . 
'X-RAY DIFFRACTION' 3.0792 3.8792  . . 136 1218 94.00 . . . 0.2765 . 0.1874 . . . . . . . . . . 
'X-RAY DIFFRACTION' 3.8792 44.8775 . . 148 1327 96.00 . . . 0.2421 . 0.2053 . . . . . . . . . . 
# 
_struct.entry_id                     6EQ5 
_struct.title                        'MTH1 in complex with fragment 4' 
_struct.pdbx_model_details           ? 
_struct.pdbx_formula_weight          ? 
_struct.pdbx_formula_weight_method   ? 
_struct.pdbx_model_type_details      ? 
_struct.pdbx_CASP_flag               N 
# 
_struct_keywords.entry_id        6EQ5 
_struct_keywords.text            'Inhibitor, Complex, Hydrolase, DNA repair, Fragment' 
_struct_keywords.pdbx_keywords   HYDROLASE 
# 
loop_
_struct_asym.id 
_struct_asym.pdbx_blank_PDB_chainid_flag 
_struct_asym.pdbx_modified 
_struct_asym.entity_id 
_struct_asym.details 
A N N 1 ? 
B N N 2 ? 
C N N 3 ? 
D N N 4 ? 
# 
_struct_ref.id                         1 
_struct_ref.db_name                    UNP 
_struct_ref.db_code                    8ODP_HUMAN 
_struct_ref.pdbx_db_accession          P36639 
_struct_ref.pdbx_db_isoform            ? 
_struct_ref.entity_id                  1 
_struct_ref.pdbx_seq_one_letter_code   
;MGASRLYTLVLVLQPQRVLLGMKKRGFGAGRWNGFGGKVQEGETIEDGARRELQEESGLTVDALHKVGQIVFEFVGEPEL
MDVHVFCTDSIQGTPVESDEMRPCWFQLDQIPFKDMWPDDSYWFPLLLQKKKFHGYFKFQGQDTILDYTLREVDTV
;
_struct_ref.pdbx_align_begin           42 
# 
_struct_ref_seq.align_id                      1 
_struct_ref_seq.ref_id                        1 
_struct_ref_seq.pdbx_PDB_id_code              6EQ5 
_struct_ref_seq.pdbx_strand_id                A 
_struct_ref_seq.seq_align_beg                 27 
_struct_ref_seq.pdbx_seq_align_beg_ins_code   ? 
_struct_ref_seq.seq_align_end                 182 
_struct_ref_seq.pdbx_seq_align_end_ins_code   ? 
_struct_ref_seq.pdbx_db_accession             P36639 
_struct_ref_seq.db_align_beg                  42 
_struct_ref_seq.pdbx_db_align_beg_ins_code    ? 
_struct_ref_seq.db_align_end                  197 
_struct_ref_seq.pdbx_db_align_end_ins_code    ? 
_struct_ref_seq.pdbx_auth_seq_align_beg       1 
_struct_ref_seq.pdbx_auth_seq_align_end       156 
# 
loop_
_struct_ref_seq_dif.align_id 
_struct_ref_seq_dif.pdbx_pdb_id_code 
_struct_ref_seq_dif.mon_id 
_struct_ref_seq_dif.pdbx_pdb_strand_id 
_struct_ref_seq_dif.seq_num 
_struct_ref_seq_dif.pdbx_pdb_ins_code 
_struct_ref_seq_dif.pdbx_seq_db_name 
_struct_ref_seq_dif.pdbx_seq_db_accession_code 
_struct_ref_seq_dif.db_mon_id 
_struct_ref_seq_dif.pdbx_seq_db_seq_num 
_struct_ref_seq_dif.details 
_struct_ref_seq_dif.pdbx_auth_seq_num 
_struct_ref_seq_dif.pdbx_ordinal 
1 6EQ5 MET A 1  ? UNP P36639 ? ? 'initiating methionine' -25 1  
1 6EQ5 LYS A 2  ? UNP P36639 ? ? 'expression tag'        -24 2  
1 6EQ5 HIS A 3  ? UNP P36639 ? ? 'expression tag'        -23 3  
1 6EQ5 HIS A 4  ? UNP P36639 ? ? 'expression tag'        -22 4  
1 6EQ5 HIS A 5  ? UNP P36639 ? ? 'expression tag'        -21 5  
1 6EQ5 HIS A 6  ? UNP P36639 ? ? 'expression tag'        -20 6  
1 6EQ5 HIS A 7  ? UNP P36639 ? ? 'expression tag'        -19 7  
1 6EQ5 HIS A 8  ? UNP P36639 ? ? 'expression tag'        -18 8  
1 6EQ5 PRO A 9  ? UNP P36639 ? ? 'expression tag'        -17 9  
1 6EQ5 MET A 10 ? UNP P36639 ? ? 'expression tag'        -16 10 
1 6EQ5 SER A 11 ? UNP P36639 ? ? 'expression tag'        -15 11 
1 6EQ5 ASP A 12 ? UNP P36639 ? ? 'expression tag'        -14 12 
1 6EQ5 TYR A 13 ? UNP P36639 ? ? 'expression tag'        -13 13 
1 6EQ5 ASP A 14 ? UNP P36639 ? ? 'expression tag'        -12 14 
1 6EQ5 ILE A 15 ? UNP P36639 ? ? 'expression tag'        -11 15 
1 6EQ5 PRO A 16 ? UNP P36639 ? ? 'expression tag'        -10 16 
1 6EQ5 THR A 17 ? UNP P36639 ? ? 'expression tag'        -9  17 
1 6EQ5 THR A 18 ? UNP P36639 ? ? 'expression tag'        -8  18 
1 6EQ5 GLU A 19 ? UNP P36639 ? ? 'expression tag'        -7  19 
1 6EQ5 ASN A 20 ? UNP P36639 ? ? 'expression tag'        -6  20 
1 6EQ5 LEU A 21 ? UNP P36639 ? ? 'expression tag'        -5  21 
1 6EQ5 TYR A 22 ? UNP P36639 ? ? 'expression tag'        -4  22 
1 6EQ5 PHE A 23 ? UNP P36639 ? ? 'expression tag'        -3  23 
1 6EQ5 GLN A 24 ? UNP P36639 ? ? 'expression tag'        -2  24 
1 6EQ5 GLY A 25 ? UNP P36639 ? ? 'expression tag'        -1  25 
1 6EQ5 ALA A 26 ? UNP P36639 ? ? 'expression tag'        0   26 
# 
_pdbx_struct_assembly.id                   1 
_pdbx_struct_assembly.details              author_and_software_defined_assembly 
_pdbx_struct_assembly.method_details       PISA 
_pdbx_struct_assembly.oligomeric_details   monomeric 
_pdbx_struct_assembly.oligomeric_count     1 
# 
loop_
_pdbx_struct_assembly_prop.biol_id 
_pdbx_struct_assembly_prop.type 
_pdbx_struct_assembly_prop.value 
_pdbx_struct_assembly_prop.details 
1 'ABSA (A^2)' 140  ? 
1 MORE         -10  ? 
1 'SSA (A^2)'  7840 ? 
# 
_pdbx_struct_assembly_gen.assembly_id       1 
_pdbx_struct_assembly_gen.oper_expression   1 
_pdbx_struct_assembly_gen.asym_id_list      A,B,C,D 
# 
_pdbx_struct_assembly_auth_evidence.id                     1 
_pdbx_struct_assembly_auth_evidence.assembly_id            1 
_pdbx_struct_assembly_auth_evidence.experimental_support   'gel filtration' 
_pdbx_struct_assembly_auth_evidence.details                ? 
# 
_pdbx_struct_oper_list.id                   1 
_pdbx_struct_oper_list.type                 'identity operation' 
_pdbx_struct_oper_list.name                 1_555 
_pdbx_struct_oper_list.symmetry_operation   x,y,z 
_pdbx_struct_oper_list.matrix[1][1]         1.0000000000 
_pdbx_struct_oper_list.matrix[1][2]         0.0000000000 
_pdbx_struct_oper_list.matrix[1][3]         0.0000000000 
_pdbx_struct_oper_list.vector[1]            0.0000000000 
_pdbx_struct_oper_list.matrix[2][1]         0.0000000000 
_pdbx_struct_oper_list.matrix[2][2]         1.0000000000 
_pdbx_struct_oper_list.matrix[2][3]         0.0000000000 
_pdbx_struct_oper_list.vector[2]            0.0000000000 
_pdbx_struct_oper_list.matrix[3][1]         0.0000000000 
_pdbx_struct_oper_list.matrix[3][2]         0.0000000000 
_pdbx_struct_oper_list.matrix[3][3]         1.0000000000 
_pdbx_struct_oper_list.vector[3]            0.0000000000 
# 
loop_
_struct_conf.conf_type_id 
_struct_conf.id 
_struct_conf.pdbx_PDB_helix_id 
_struct_conf.beg_label_comp_id 
_struct_conf.beg_label_asym_id 
_struct_conf.beg_label_seq_id 
_struct_conf.pdbx_beg_PDB_ins_code 
_struct_conf.end_label_comp_id 
_struct_conf.end_label_asym_id 
_struct_conf.end_label_seq_id 
_struct_conf.pdbx_end_PDB_ins_code 
_struct_conf.beg_auth_comp_id 
_struct_conf.beg_auth_asym_id 
_struct_conf.beg_auth_seq_id 
_struct_conf.end_auth_comp_id 
_struct_conf.end_auth_asym_id 
_struct_conf.end_auth_seq_id 
_struct_conf.pdbx_PDB_helix_class 
_struct_conf.details 
_struct_conf.pdbx_PDB_helix_length 
HELX_P HELX_P1 AA1 THR A 70  ? GLY A 84  ? THR A 44  GLY A 58  1 ? 15 
HELX_P HELX_P2 AA2 ASP A 135 ? ILE A 137 ? ASP A 109 ILE A 111 5 ? 3  
HELX_P HELX_P3 AA3 PRO A 138 ? MET A 142 ? PRO A 112 MET A 116 5 ? 5  
HELX_P HELX_P4 AA4 TRP A 143 ? PRO A 144 ? TRP A 117 PRO A 118 5 ? 2  
HELX_P HELX_P5 AA5 ASP A 145 ? GLN A 155 ? ASP A 119 GLN A 129 1 ? 11 
# 
_struct_conf_type.id          HELX_P 
_struct_conf_type.criteria    ? 
_struct_conf_type.reference   ? 
# 
loop_
_struct_sheet.id 
_struct_sheet.type 
_struct_sheet.number_strands 
_struct_sheet.details 
AA1 ? 3 ? 
AA2 ? 7 ? 
AA3 ? 2 ? 
# 
loop_
_struct_sheet_order.sheet_id 
_struct_sheet_order.range_id_1 
_struct_sheet_order.range_id_2 
_struct_sheet_order.offset 
_struct_sheet_order.sense 
AA1 1 2 ? anti-parallel 
AA1 2 3 ? anti-parallel 
AA2 1 2 ? anti-parallel 
AA2 2 3 ? anti-parallel 
AA2 3 4 ? parallel      
AA2 4 5 ? anti-parallel 
AA2 5 6 ? parallel      
AA2 6 7 ? anti-parallel 
AA3 1 2 ? anti-parallel 
# 
loop_
_struct_sheet_range.sheet_id 
_struct_sheet_range.id 
_struct_sheet_range.beg_label_comp_id 
_struct_sheet_range.beg_label_asym_id 
_struct_sheet_range.beg_label_seq_id 
_struct_sheet_range.pdbx_beg_PDB_ins_code 
_struct_sheet_range.end_label_comp_id 
_struct_sheet_range.end_label_asym_id 
_struct_sheet_range.end_label_seq_id 
_struct_sheet_range.pdbx_end_PDB_ins_code 
_struct_sheet_range.beg_auth_comp_id 
_struct_sheet_range.beg_auth_asym_id 
_struct_sheet_range.beg_auth_seq_id 
_struct_sheet_range.end_auth_comp_id 
_struct_sheet_range.end_auth_asym_id 
_struct_sheet_range.end_auth_seq_id 
AA1 1 TRP A 58  ? ASN A 59  ? TRP A 32  ASN A 33  
AA1 2 ARG A 43  ? LYS A 49  ? ARG A 17  LYS A 23  
AA1 3 MET A 127 ? GLN A 133 ? MET A 101 GLN A 107 
AA2 1 TRP A 58  ? ASN A 59  ? TRP A 32  ASN A 33  
AA2 2 ARG A 43  ? LYS A 49  ? ARG A 17  LYS A 23  
AA2 3 SER A 30  ? GLN A 40  ? SER A 4   GLN A 14  
AA2 4 LEU A 106 ? THR A 114 ? LEU A 80  THR A 88  
AA2 5 HIS A 91  ? PHE A 100 ? HIS A 65  PHE A 74  
AA2 6 LYS A 158 ? GLN A 166 ? LYS A 132 GLN A 140 
AA2 7 THR A 170 ? VAL A 179 ? THR A 144 VAL A 153 
AA3 1 THR A 86  ? VAL A 87  ? THR A 60  VAL A 61  
AA3 2 ILE A 117 ? GLN A 118 ? ILE A 91  GLN A 92  
# 
loop_
_pdbx_struct_sheet_hbond.sheet_id 
_pdbx_struct_sheet_hbond.range_id_1 
_pdbx_struct_sheet_hbond.range_id_2 
_pdbx_struct_sheet_hbond.range_1_label_atom_id 
_pdbx_struct_sheet_hbond.range_1_label_comp_id 
_pdbx_struct_sheet_hbond.range_1_label_asym_id 
_pdbx_struct_sheet_hbond.range_1_label_seq_id 
_pdbx_struct_sheet_hbond.range_1_PDB_ins_code 
_pdbx_struct_sheet_hbond.range_1_auth_atom_id 
_pdbx_struct_sheet_hbond.range_1_auth_comp_id 
_pdbx_struct_sheet_hbond.range_1_auth_asym_id 
_pdbx_struct_sheet_hbond.range_1_auth_seq_id 
_pdbx_struct_sheet_hbond.range_2_label_atom_id 
_pdbx_struct_sheet_hbond.range_2_label_comp_id 
_pdbx_struct_sheet_hbond.range_2_label_asym_id 
_pdbx_struct_sheet_hbond.range_2_label_seq_id 
_pdbx_struct_sheet_hbond.range_2_PDB_ins_code 
_pdbx_struct_sheet_hbond.range_2_auth_atom_id 
_pdbx_struct_sheet_hbond.range_2_auth_comp_id 
_pdbx_struct_sheet_hbond.range_2_auth_asym_id 
_pdbx_struct_sheet_hbond.range_2_auth_seq_id 
AA1 1 2 O ASN A 59  ? O ASN A 33  N GLY A 47  ? N GLY A 21  
AA1 2 3 N MET A 48  ? N MET A 22  O ARG A 128 ? O ARG A 102 
AA2 1 2 O ASN A 59  ? O ASN A 33  N GLY A 47  ? N GLY A 21  
AA2 2 3 O ARG A 43  ? O ARG A 17  N GLN A 40  ? N GLN A 14  
AA2 3 4 N LEU A 35  ? N LEU A 9   O PHE A 112 ? O PHE A 86  
AA2 4 5 O VAL A 109 ? O VAL A 83  N ILE A 96  ? N ILE A 70  
AA2 5 6 N GLU A 99  ? N GLU A 73  O PHE A 165 ? O PHE A 139 
AA2 6 7 N LYS A 164 ? N LYS A 138 O LEU A 172 ? O LEU A 146 
AA3 1 2 N THR A 86  ? N THR A 60  O GLN A 118 ? O GLN A 92  
# 
loop_
_struct_site.id 
_struct_site.pdbx_evidence_code 
_struct_site.pdbx_auth_asym_id 
_struct_site.pdbx_auth_comp_id 
_struct_site.pdbx_auth_seq_id 
_struct_site.pdbx_auth_ins_code 
_struct_site.pdbx_num_residues 
_struct_site.details 
AC1 Software A AX7 201 ? 8 'binding site for residue AX7 A 201' 
AC2 Software A SO4 202 ? 3 'binding site for residue SO4 A 202' 
# 
loop_
_struct_site_gen.id 
_struct_site_gen.site_id 
_struct_site_gen.pdbx_num_res 
_struct_site_gen.label_comp_id 
_struct_site_gen.label_asym_id 
_struct_site_gen.label_seq_id 
_struct_site_gen.pdbx_auth_ins_code 
_struct_site_gen.auth_comp_id 
_struct_site_gen.auth_asym_id 
_struct_site_gen.auth_seq_id 
_struct_site_gen.label_atom_id 
_struct_site_gen.label_alt_id 
_struct_site_gen.symmetry 
_struct_site_gen.details 
1  AC1 8 PHE A 98  ? PHE A 72  . ? 1_555 ? 
2  AC1 8 PHE A 100 ? PHE A 74  . ? 1_555 ? 
3  AC1 8 MET A 107 ? MET A 81  . ? 1_555 ? 
4  AC1 8 TRP A 143 ? TRP A 117 . ? 1_555 ? 
5  AC1 8 ASP A 145 ? ASP A 119 . ? 1_555 ? 
6  AC1 8 ASP A 146 ? ASP A 120 . ? 1_555 ? 
7  AC1 8 HOH D .   ? HOH A 308 . ? 1_555 ? 
8  AC1 8 HOH D .   ? HOH A 313 . ? 1_555 ? 
9  AC2 3 HIS A 91  ? HIS A 65  . ? 1_555 ? 
10 AC2 3 LYS A 92  ? LYS A 66  . ? 1_555 ? 
11 AC2 3 HOH D .   ? HOH A 329 . ? 1_555 ? 
# 
_pdbx_validate_close_contact.id               1 
_pdbx_validate_close_contact.PDB_model_num    1 
_pdbx_validate_close_contact.auth_atom_id_1   O 
_pdbx_validate_close_contact.auth_asym_id_1   A 
_pdbx_validate_close_contact.auth_comp_id_1   HOH 
_pdbx_validate_close_contact.auth_seq_id_1    308 
_pdbx_validate_close_contact.PDB_ins_code_1   ? 
_pdbx_validate_close_contact.label_alt_id_1   ? 
_pdbx_validate_close_contact.auth_atom_id_2   O 
_pdbx_validate_close_contact.auth_asym_id_2   A 
_pdbx_validate_close_contact.auth_comp_id_2   HOH 
_pdbx_validate_close_contact.auth_seq_id_2    331 
_pdbx_validate_close_contact.PDB_ins_code_2   ? 
_pdbx_validate_close_contact.label_alt_id_2   ? 
_pdbx_validate_close_contact.dist             2.16 
# 
_pdbx_validate_symm_contact.id                1 
_pdbx_validate_symm_contact.PDB_model_num     1 
_pdbx_validate_symm_contact.auth_atom_id_1    O 
_pdbx_validate_symm_contact.auth_asym_id_1    A 
_pdbx_validate_symm_contact.auth_comp_id_1    HOH 
_pdbx_validate_symm_contact.auth_seq_id_1     376 
_pdbx_validate_symm_contact.PDB_ins_code_1    ? 
_pdbx_validate_symm_contact.label_alt_id_1    ? 
_pdbx_validate_symm_contact.site_symmetry_1   1_555 
_pdbx_validate_symm_contact.auth_atom_id_2    O 
_pdbx_validate_symm_contact.auth_asym_id_2    A 
_pdbx_validate_symm_contact.auth_comp_id_2    HOH 
_pdbx_validate_symm_contact.auth_seq_id_2     378 
_pdbx_validate_symm_contact.PDB_ins_code_2    ? 
_pdbx_validate_symm_contact.label_alt_id_2    ? 
_pdbx_validate_symm_contact.site_symmetry_2   4_555 
_pdbx_validate_symm_contact.dist              2.18 
# 
_pdbx_validate_torsion.id              1 
_pdbx_validate_torsion.PDB_model_num   1 
_pdbx_validate_torsion.auth_comp_id    ASP 
_pdbx_validate_torsion.auth_asym_id    A 
_pdbx_validate_torsion.auth_seq_id     62 
_pdbx_validate_torsion.PDB_ins_code    ? 
_pdbx_validate_torsion.label_alt_id    ? 
_pdbx_validate_torsion.phi             -84.70 
_pdbx_validate_torsion.psi             -92.00 
# 
loop_
_pdbx_struct_special_symmetry.id 
_pdbx_struct_special_symmetry.PDB_model_num 
_pdbx_struct_special_symmetry.auth_asym_id 
_pdbx_struct_special_symmetry.auth_comp_id 
_pdbx_struct_special_symmetry.auth_seq_id 
_pdbx_struct_special_symmetry.PDB_ins_code 
_pdbx_struct_special_symmetry.label_asym_id 
_pdbx_struct_special_symmetry.label_comp_id 
_pdbx_struct_special_symmetry.label_seq_id 
1 1 A HOH 341 ? D HOH . 
2 1 A HOH 360 ? D HOH . 
# 
loop_
_pdbx_distant_solvent_atoms.id 
_pdbx_distant_solvent_atoms.PDB_model_num 
_pdbx_distant_solvent_atoms.auth_atom_id 
_pdbx_distant_solvent_atoms.label_alt_id 
_pdbx_distant_solvent_atoms.auth_asym_id 
_pdbx_distant_solvent_atoms.auth_comp_id 
_pdbx_distant_solvent_atoms.auth_seq_id 
_pdbx_distant_solvent_atoms.PDB_ins_code 
_pdbx_distant_solvent_atoms.neighbor_macromolecule_distance 
_pdbx_distant_solvent_atoms.neighbor_ligand_distance 
1 1 O ? A HOH 400 ? 6.60 . 
2 1 O ? A HOH 401 ? 7.63 . 
# 
loop_
_pdbx_unobs_or_zero_occ_residues.id 
_pdbx_unobs_or_zero_occ_residues.PDB_model_num 
_pdbx_unobs_or_zero_occ_residues.polymer_flag 
_pdbx_unobs_or_zero_occ_residues.occupancy_flag 
_pdbx_unobs_or_zero_occ_residues.auth_asym_id 
_pdbx_unobs_or_zero_occ_residues.auth_comp_id 
_pdbx_unobs_or_zero_occ_residues.auth_seq_id 
_pdbx_unobs_or_zero_occ_residues.PDB_ins_code 
_pdbx_unobs_or_zero_occ_residues.label_asym_id 
_pdbx_unobs_or_zero_occ_residues.label_comp_id 
_pdbx_unobs_or_zero_occ_residues.label_seq_id 
1  1 Y 1 A MET -25 ? A MET 1  
2  1 Y 1 A LYS -24 ? A LYS 2  
3  1 Y 1 A HIS -23 ? A HIS 3  
4  1 Y 1 A HIS -22 ? A HIS 4  
5  1 Y 1 A HIS -21 ? A HIS 5  
6  1 Y 1 A HIS -20 ? A HIS 6  
7  1 Y 1 A HIS -19 ? A HIS 7  
8  1 Y 1 A HIS -18 ? A HIS 8  
9  1 Y 1 A PRO -17 ? A PRO 9  
10 1 Y 1 A MET -16 ? A MET 10 
11 1 Y 1 A SER -15 ? A SER 11 
12 1 Y 1 A ASP -14 ? A ASP 12 
13 1 Y 1 A TYR -13 ? A TYR 13 
14 1 Y 1 A ASP -12 ? A ASP 14 
15 1 Y 1 A ILE -11 ? A ILE 15 
16 1 Y 1 A PRO -10 ? A PRO 16 
17 1 Y 1 A THR -9  ? A THR 17 
18 1 Y 1 A THR -8  ? A THR 18 
19 1 Y 1 A GLU -7  ? A GLU 19 
20 1 Y 1 A ASN -6  ? A ASN 20 
21 1 Y 1 A LEU -5  ? A LEU 21 
22 1 Y 1 A TYR -4  ? A TYR 22 
23 1 Y 1 A PHE -3  ? A PHE 23 
24 1 Y 1 A GLN -2  ? A GLN 24 
25 1 Y 1 A GLY -1  ? A GLY 25 
26 1 Y 1 A ALA 0   ? A ALA 26 
27 1 Y 1 A MET 1   ? A MET 27 
# 
loop_
_chem_comp_atom.comp_id 
_chem_comp_atom.atom_id 
_chem_comp_atom.type_symbol 
_chem_comp_atom.pdbx_aromatic_flag 
_chem_comp_atom.pdbx_stereo_config 
_chem_comp_atom.pdbx_ordinal 
ALA N    N N N 1   
ALA CA   C N S 2   
ALA C    C N N 3   
ALA O    O N N 4   
ALA CB   C N N 5   
ALA OXT  O N N 6   
ALA H    H N N 7   
ALA H2   H N N 8   
ALA HA   H N N 9   
ALA HB1  H N N 10  
ALA HB2  H N N 11  
ALA HB3  H N N 12  
ALA HXT  H N N 13  
ARG N    N N N 14  
ARG CA   C N S 15  
ARG C    C N N 16  
ARG O    O N N 17  
ARG CB   C N N 18  
ARG CG   C N N 19  
ARG CD   C N N 20  
ARG NE   N N N 21  
ARG CZ   C N N 22  
ARG NH1  N N N 23  
ARG NH2  N N N 24  
ARG OXT  O N N 25  
ARG H    H N N 26  
ARG H2   H N N 27  
ARG HA   H N N 28  
ARG HB2  H N N 29  
ARG HB3  H N N 30  
ARG HG2  H N N 31  
ARG HG3  H N N 32  
ARG HD2  H N N 33  
ARG HD3  H N N 34  
ARG HE   H N N 35  
ARG HH11 H N N 36  
ARG HH12 H N N 37  
ARG HH21 H N N 38  
ARG HH22 H N N 39  
ARG HXT  H N N 40  
ASN N    N N N 41  
ASN CA   C N S 42  
ASN C    C N N 43  
ASN O    O N N 44  
ASN CB   C N N 45  
ASN CG   C N N 46  
ASN OD1  O N N 47  
ASN ND2  N N N 48  
ASN OXT  O N N 49  
ASN H    H N N 50  
ASN H2   H N N 51  
ASN HA   H N N 52  
ASN HB2  H N N 53  
ASN HB3  H N N 54  
ASN HD21 H N N 55  
ASN HD22 H N N 56  
ASN HXT  H N N 57  
ASP N    N N N 58  
ASP CA   C N S 59  
ASP C    C N N 60  
ASP O    O N N 61  
ASP CB   C N N 62  
ASP CG   C N N 63  
ASP OD1  O N N 64  
ASP OD2  O N N 65  
ASP OXT  O N N 66  
ASP H    H N N 67  
ASP H2   H N N 68  
ASP HA   H N N 69  
ASP HB2  H N N 70  
ASP HB3  H N N 71  
ASP HD2  H N N 72  
ASP HXT  H N N 73  
AX7 NAF  N Y N 74  
AX7 CAI  C Y N 75  
AX7 CAD  C Y N 76  
AX7 CAB  C Y N 77  
AX7 CAC  C Y N 78  
AX7 CAE  C Y N 79  
AX7 CAJ  C Y N 80  
AX7 NAG  N Y N 81  
AX7 CAH  C Y N 82  
AX7 NAA  N N N 83  
AX7 HNAF H N N 84  
AX7 HAD  H N N 85  
AX7 HAB  H N N 86  
AX7 HAC  H N N 87  
AX7 HAE  H N N 88  
AX7 HNAA H N N 89  
AX7 HNAB H N N 90  
CYS N    N N N 91  
CYS CA   C N R 92  
CYS C    C N N 93  
CYS O    O N N 94  
CYS CB   C N N 95  
CYS SG   S N N 96  
CYS OXT  O N N 97  
CYS H    H N N 98  
CYS H2   H N N 99  
CYS HA   H N N 100 
CYS HB2  H N N 101 
CYS HB3  H N N 102 
CYS HG   H N N 103 
CYS HXT  H N N 104 
GLN N    N N N 105 
GLN CA   C N S 106 
GLN C    C N N 107 
GLN O    O N N 108 
GLN CB   C N N 109 
GLN CG   C N N 110 
GLN CD   C N N 111 
GLN OE1  O N N 112 
GLN NE2  N N N 113 
GLN OXT  O N N 114 
GLN H    H N N 115 
GLN H2   H N N 116 
GLN HA   H N N 117 
GLN HB2  H N N 118 
GLN HB3  H N N 119 
GLN HG2  H N N 120 
GLN HG3  H N N 121 
GLN HE21 H N N 122 
GLN HE22 H N N 123 
GLN HXT  H N N 124 
GLU N    N N N 125 
GLU CA   C N S 126 
GLU C    C N N 127 
GLU O    O N N 128 
GLU CB   C N N 129 
GLU CG   C N N 130 
GLU CD   C N N 131 
GLU OE1  O N N 132 
GLU OE2  O N N 133 
GLU OXT  O N N 134 
GLU H    H N N 135 
GLU H2   H N N 136 
GLU HA   H N N 137 
GLU HB2  H N N 138 
GLU HB3  H N N 139 
GLU HG2  H N N 140 
GLU HG3  H N N 141 
GLU HE2  H N N 142 
GLU HXT  H N N 143 
GLY N    N N N 144 
GLY CA   C N N 145 
GLY C    C N N 146 
GLY O    O N N 147 
GLY OXT  O N N 148 
GLY H    H N N 149 
GLY H2   H N N 150 
GLY HA2  H N N 151 
GLY HA3  H N N 152 
GLY HXT  H N N 153 
HIS N    N N N 154 
HIS CA   C N S 155 
HIS C    C N N 156 
HIS O    O N N 157 
HIS CB   C N N 158 
HIS CG   C Y N 159 
HIS ND1  N Y N 160 
HIS CD2  C Y N 161 
HIS CE1  C Y N 162 
HIS NE2  N Y N 163 
HIS OXT  O N N 164 
HIS H    H N N 165 
HIS H2   H N N 166 
HIS HA   H N N 167 
HIS HB2  H N N 168 
HIS HB3  H N N 169 
HIS HD1  H N N 170 
HIS HD2  H N N 171 
HIS HE1  H N N 172 
HIS HE2  H N N 173 
HIS HXT  H N N 174 
HOH O    O N N 175 
HOH H1   H N N 176 
HOH H2   H N N 177 
ILE N    N N N 178 
ILE CA   C N S 179 
ILE C    C N N 180 
ILE O    O N N 181 
ILE CB   C N S 182 
ILE CG1  C N N 183 
ILE CG2  C N N 184 
ILE CD1  C N N 185 
ILE OXT  O N N 186 
ILE H    H N N 187 
ILE H2   H N N 188 
ILE HA   H N N 189 
ILE HB   H N N 190 
ILE HG12 H N N 191 
ILE HG13 H N N 192 
ILE HG21 H N N 193 
ILE HG22 H N N 194 
ILE HG23 H N N 195 
ILE HD11 H N N 196 
ILE HD12 H N N 197 
ILE HD13 H N N 198 
ILE HXT  H N N 199 
LEU N    N N N 200 
LEU CA   C N S 201 
LEU C    C N N 202 
LEU O    O N N 203 
LEU CB   C N N 204 
LEU CG   C N N 205 
LEU CD1  C N N 206 
LEU CD2  C N N 207 
LEU OXT  O N N 208 
LEU H    H N N 209 
LEU H2   H N N 210 
LEU HA   H N N 211 
LEU HB2  H N N 212 
LEU HB3  H N N 213 
LEU HG   H N N 214 
LEU HD11 H N N 215 
LEU HD12 H N N 216 
LEU HD13 H N N 217 
LEU HD21 H N N 218 
LEU HD22 H N N 219 
LEU HD23 H N N 220 
LEU HXT  H N N 221 
LYS N    N N N 222 
LYS CA   C N S 223 
LYS C    C N N 224 
LYS O    O N N 225 
LYS CB   C N N 226 
LYS CG   C N N 227 
LYS CD   C N N 228 
LYS CE   C N N 229 
LYS NZ   N N N 230 
LYS OXT  O N N 231 
LYS H    H N N 232 
LYS H2   H N N 233 
LYS HA   H N N 234 
LYS HB2  H N N 235 
LYS HB3  H N N 236 
LYS HG2  H N N 237 
LYS HG3  H N N 238 
LYS HD2  H N N 239 
LYS HD3  H N N 240 
LYS HE2  H N N 241 
LYS HE3  H N N 242 
LYS HZ1  H N N 243 
LYS HZ2  H N N 244 
LYS HZ3  H N N 245 
LYS HXT  H N N 246 
MET N    N N N 247 
MET CA   C N S 248 
MET C    C N N 249 
MET O    O N N 250 
MET CB   C N N 251 
MET CG   C N N 252 
MET SD   S N N 253 
MET CE   C N N 254 
MET OXT  O N N 255 
MET H    H N N 256 
MET H2   H N N 257 
MET HA   H N N 258 
MET HB2  H N N 259 
MET HB3  H N N 260 
MET HG2  H N N 261 
MET HG3  H N N 262 
MET HE1  H N N 263 
MET HE2  H N N 264 
MET HE3  H N N 265 
MET HXT  H N N 266 
PHE N    N N N 267 
PHE CA   C N S 268 
PHE C    C N N 269 
PHE O    O N N 270 
PHE CB   C N N 271 
PHE CG   C Y N 272 
PHE CD1  C Y N 273 
PHE CD2  C Y N 274 
PHE CE1  C Y N 275 
PHE CE2  C Y N 276 
PHE CZ   C Y N 277 
PHE OXT  O N N 278 
PHE H    H N N 279 
PHE H2   H N N 280 
PHE HA   H N N 281 
PHE HB2  H N N 282 
PHE HB3  H N N 283 
PHE HD1  H N N 284 
PHE HD2  H N N 285 
PHE HE1  H N N 286 
PHE HE2  H N N 287 
PHE HZ   H N N 288 
PHE HXT  H N N 289 
PRO N    N N N 290 
PRO CA   C N S 291 
PRO C    C N N 292 
PRO O    O N N 293 
PRO CB   C N N 294 
PRO CG   C N N 295 
PRO CD   C N N 296 
PRO OXT  O N N 297 
PRO H    H N N 298 
PRO HA   H N N 299 
PRO HB2  H N N 300 
PRO HB3  H N N 301 
PRO HG2  H N N 302 
PRO HG3  H N N 303 
PRO HD2  H N N 304 
PRO HD3  H N N 305 
PRO HXT  H N N 306 
SER N    N N N 307 
SER CA   C N S 308 
SER C    C N N 309 
SER O    O N N 310 
SER CB   C N N 311 
SER OG   O N N 312 
SER OXT  O N N 313 
SER H    H N N 314 
SER H2   H N N 315 
SER HA   H N N 316 
SER HB2  H N N 317 
SER HB3  H N N 318 
SER HG   H N N 319 
SER HXT  H N N 320 
SO4 S    S N N 321 
SO4 O1   O N N 322 
SO4 O2   O N N 323 
SO4 O3   O N N 324 
SO4 O4   O N N 325 
THR N    N N N 326 
THR CA   C N S 327 
THR C    C N N 328 
THR O    O N N 329 
THR CB   C N R 330 
THR OG1  O N N 331 
THR CG2  C N N 332 
THR OXT  O N N 333 
THR H    H N N 334 
THR H2   H N N 335 
THR HA   H N N 336 
THR HB   H N N 337 
THR HG1  H N N 338 
THR HG21 H N N 339 
THR HG22 H N N 340 
THR HG23 H N N 341 
THR HXT  H N N 342 
TRP N    N N N 343 
TRP CA   C N S 344 
TRP C    C N N 345 
TRP O    O N N 346 
TRP CB   C N N 347 
TRP CG   C Y N 348 
TRP CD1  C Y N 349 
TRP CD2  C Y N 350 
TRP NE1  N Y N 351 
TRP CE2  C Y N 352 
TRP CE3  C Y N 353 
TRP CZ2  C Y N 354 
TRP CZ3  C Y N 355 
TRP CH2  C Y N 356 
TRP OXT  O N N 357 
TRP H    H N N 358 
TRP H2   H N N 359 
TRP HA   H N N 360 
TRP HB2  H N N 361 
TRP HB3  H N N 362 
TRP HD1  H N N 363 
TRP HE1  H N N 364 
TRP HE3  H N N 365 
TRP HZ2  H N N 366 
TRP HZ3  H N N 367 
TRP HH2  H N N 368 
TRP HXT  H N N 369 
TYR N    N N N 370 
TYR CA   C N S 371 
TYR C    C N N 372 
TYR O    O N N 373 
TYR CB   C N N 374 
TYR CG   C Y N 375 
TYR CD1  C Y N 376 
TYR CD2  C Y N 377 
TYR CE1  C Y N 378 
TYR CE2  C Y N 379 
TYR CZ   C Y N 380 
TYR OH   O N N 381 
TYR OXT  O N N 382 
TYR H    H N N 383 
TYR H2   H N N 384 
TYR HA   H N N 385 
TYR HB2  H N N 386 
TYR HB3  H N N 387 
TYR HD1  H N N 388 
TYR HD2  H N N 389 
TYR HE1  H N N 390 
TYR HE2  H N N 391 
TYR HH   H N N 392 
TYR HXT  H N N 393 
VAL N    N N N 394 
VAL CA   C N S 395 
VAL C    C N N 396 
VAL O    O N N 397 
VAL CB   C N N 398 
VAL CG1  C N N 399 
VAL CG2  C N N 400 
VAL OXT  O N N 401 
VAL H    H N N 402 
VAL H2   H N N 403 
VAL HA   H N N 404 
VAL HB   H N N 405 
VAL HG11 H N N 406 
VAL HG12 H N N 407 
VAL HG13 H N N 408 
VAL HG21 H N N 409 
VAL HG22 H N N 410 
VAL HG23 H N N 411 
VAL HXT  H N N 412 
# 
loop_
_chem_comp_bond.comp_id 
_chem_comp_bond.atom_id_1 
_chem_comp_bond.atom_id_2 
_chem_comp_bond.value_order 
_chem_comp_bond.pdbx_aromatic_flag 
_chem_comp_bond.pdbx_stereo_config 
_chem_comp_bond.pdbx_ordinal 
ALA N   CA   sing N N 1   
ALA N   H    sing N N 2   
ALA N   H2   sing N N 3   
ALA CA  C    sing N N 4   
ALA CA  CB   sing N N 5   
ALA CA  HA   sing N N 6   
ALA C   O    doub N N 7   
ALA C   OXT  sing N N 8   
ALA CB  HB1  sing N N 9   
ALA CB  HB2  sing N N 10  
ALA CB  HB3  sing N N 11  
ALA OXT HXT  sing N N 12  
ARG N   CA   sing N N 13  
ARG N   H    sing N N 14  
ARG N   H2   sing N N 15  
ARG CA  C    sing N N 16  
ARG CA  CB   sing N N 17  
ARG CA  HA   sing N N 18  
ARG C   O    doub N N 19  
ARG C   OXT  sing N N 20  
ARG CB  CG   sing N N 21  
ARG CB  HB2  sing N N 22  
ARG CB  HB3  sing N N 23  
ARG CG  CD   sing N N 24  
ARG CG  HG2  sing N N 25  
ARG CG  HG3  sing N N 26  
ARG CD  NE   sing N N 27  
ARG CD  HD2  sing N N 28  
ARG CD  HD3  sing N N 29  
ARG NE  CZ   sing N N 30  
ARG NE  HE   sing N N 31  
ARG CZ  NH1  sing N N 32  
ARG CZ  NH2  doub N N 33  
ARG NH1 HH11 sing N N 34  
ARG NH1 HH12 sing N N 35  
ARG NH2 HH21 sing N N 36  
ARG NH2 HH22 sing N N 37  
ARG OXT HXT  sing N N 38  
ASN N   CA   sing N N 39  
ASN N   H    sing N N 40  
ASN N   H2   sing N N 41  
ASN CA  C    sing N N 42  
ASN CA  CB   sing N N 43  
ASN CA  HA   sing N N 44  
ASN C   O    doub N N 45  
ASN C   OXT  sing N N 46  
ASN CB  CG   sing N N 47  
ASN CB  HB2  sing N N 48  
ASN CB  HB3  sing N N 49  
ASN CG  OD1  doub N N 50  
ASN CG  ND2  sing N N 51  
ASN ND2 HD21 sing N N 52  
ASN ND2 HD22 sing N N 53  
ASN OXT HXT  sing N N 54  
ASP N   CA   sing N N 55  
ASP N   H    sing N N 56  
ASP N   H2   sing N N 57  
ASP CA  C    sing N N 58  
ASP CA  CB   sing N N 59  
ASP CA  HA   sing N N 60  
ASP C   O    doub N N 61  
ASP C   OXT  sing N N 62  
ASP CB  CG   sing N N 63  
ASP CB  HB2  sing N N 64  
ASP CB  HB3  sing N N 65  
ASP CG  OD1  doub N N 66  
ASP CG  OD2  sing N N 67  
ASP OD2 HD2  sing N N 68  
ASP OXT HXT  sing N N 69  
AX7 NAF CAI  sing Y N 70  
AX7 NAF CAH  sing Y N 71  
AX7 CAI CAD  doub Y N 72  
AX7 CAI CAJ  sing Y N 73  
AX7 CAD CAB  sing Y N 74  
AX7 CAB CAC  doub Y N 75  
AX7 CAC CAE  sing Y N 76  
AX7 CAE CAJ  doub Y N 77  
AX7 CAJ NAG  sing Y N 78  
AX7 NAG CAH  doub Y N 79  
AX7 CAH NAA  sing N N 80  
AX7 NAF HNAF sing N N 81  
AX7 CAD HAD  sing N N 82  
AX7 CAB HAB  sing N N 83  
AX7 CAC HAC  sing N N 84  
AX7 CAE HAE  sing N N 85  
AX7 NAA HNAA sing N N 86  
AX7 NAA HNAB sing N N 87  
CYS N   CA   sing N N 88  
CYS N   H    sing N N 89  
CYS N   H2   sing N N 90  
CYS CA  C    sing N N 91  
CYS CA  CB   sing N N 92  
CYS CA  HA   sing N N 93  
CYS C   O    doub N N 94  
CYS C   OXT  sing N N 95  
CYS CB  SG   sing N N 96  
CYS CB  HB2  sing N N 97  
CYS CB  HB3  sing N N 98  
CYS SG  HG   sing N N 99  
CYS OXT HXT  sing N N 100 
GLN N   CA   sing N N 101 
GLN N   H    sing N N 102 
GLN N   H2   sing N N 103 
GLN CA  C    sing N N 104 
GLN CA  CB   sing N N 105 
GLN CA  HA   sing N N 106 
GLN C   O    doub N N 107 
GLN C   OXT  sing N N 108 
GLN CB  CG   sing N N 109 
GLN CB  HB2  sing N N 110 
GLN CB  HB3  sing N N 111 
GLN CG  CD   sing N N 112 
GLN CG  HG2  sing N N 113 
GLN CG  HG3  sing N N 114 
GLN CD  OE1  doub N N 115 
GLN CD  NE2  sing N N 116 
GLN NE2 HE21 sing N N 117 
GLN NE2 HE22 sing N N 118 
GLN OXT HXT  sing N N 119 
GLU N   CA   sing N N 120 
GLU N   H    sing N N 121 
GLU N   H2   sing N N 122 
GLU CA  C    sing N N 123 
GLU CA  CB   sing N N 124 
GLU CA  HA   sing N N 125 
GLU C   O    doub N N 126 
GLU C   OXT  sing N N 127 
GLU CB  CG   sing N N 128 
GLU CB  HB2  sing N N 129 
GLU CB  HB3  sing N N 130 
GLU CG  CD   sing N N 131 
GLU CG  HG2  sing N N 132 
GLU CG  HG3  sing N N 133 
GLU CD  OE1  doub N N 134 
GLU CD  OE2  sing N N 135 
GLU OE2 HE2  sing N N 136 
GLU OXT HXT  sing N N 137 
GLY N   CA   sing N N 138 
GLY N   H    sing N N 139 
GLY N   H2   sing N N 140 
GLY CA  C    sing N N 141 
GLY CA  HA2  sing N N 142 
GLY CA  HA3  sing N N 143 
GLY C   O    doub N N 144 
GLY C   OXT  sing N N 145 
GLY OXT HXT  sing N N 146 
HIS N   CA   sing N N 147 
HIS N   H    sing N N 148 
HIS N   H2   sing N N 149 
HIS CA  C    sing N N 150 
HIS CA  CB   sing N N 151 
HIS CA  HA   sing N N 152 
HIS C   O    doub N N 153 
HIS C   OXT  sing N N 154 
HIS CB  CG   sing N N 155 
HIS CB  HB2  sing N N 156 
HIS CB  HB3  sing N N 157 
HIS CG  ND1  sing Y N 158 
HIS CG  CD2  doub Y N 159 
HIS ND1 CE1  doub Y N 160 
HIS ND1 HD1  sing N N 161 
HIS CD2 NE2  sing Y N 162 
HIS CD2 HD2  sing N N 163 
HIS CE1 NE2  sing Y N 164 
HIS CE1 HE1  sing N N 165 
HIS NE2 HE2  sing N N 166 
HIS OXT HXT  sing N N 167 
HOH O   H1   sing N N 168 
HOH O   H2   sing N N 169 
ILE N   CA   sing N N 170 
ILE N   H    sing N N 171 
ILE N   H2   sing N N 172 
ILE CA  C    sing N N 173 
ILE CA  CB   sing N N 174 
ILE CA  HA   sing N N 175 
ILE C   O    doub N N 176 
ILE C   OXT  sing N N 177 
ILE CB  CG1  sing N N 178 
ILE CB  CG2  sing N N 179 
ILE CB  HB   sing N N 180 
ILE CG1 CD1  sing N N 181 
ILE CG1 HG12 sing N N 182 
ILE CG1 HG13 sing N N 183 
ILE CG2 HG21 sing N N 184 
ILE CG2 HG22 sing N N 185 
ILE CG2 HG23 sing N N 186 
ILE CD1 HD11 sing N N 187 
ILE CD1 HD12 sing N N 188 
ILE CD1 HD13 sing N N 189 
ILE OXT HXT  sing N N 190 
LEU N   CA   sing N N 191 
LEU N   H    sing N N 192 
LEU N   H2   sing N N 193 
LEU CA  C    sing N N 194 
LEU CA  CB   sing N N 195 
LEU CA  HA   sing N N 196 
LEU C   O    doub N N 197 
LEU C   OXT  sing N N 198 
LEU CB  CG   sing N N 199 
LEU CB  HB2  sing N N 200 
LEU CB  HB3  sing N N 201 
LEU CG  CD1  sing N N 202 
LEU CG  CD2  sing N N 203 
LEU CG  HG   sing N N 204 
LEU CD1 HD11 sing N N 205 
LEU CD1 HD12 sing N N 206 
LEU CD1 HD13 sing N N 207 
LEU CD2 HD21 sing N N 208 
LEU CD2 HD22 sing N N 209 
LEU CD2 HD23 sing N N 210 
LEU OXT HXT  sing N N 211 
LYS N   CA   sing N N 212 
LYS N   H    sing N N 213 
LYS N   H2   sing N N 214 
LYS CA  C    sing N N 215 
LYS CA  CB   sing N N 216 
LYS CA  HA   sing N N 217 
LYS C   O    doub N N 218 
LYS C   OXT  sing N N 219 
LYS CB  CG   sing N N 220 
LYS CB  HB2  sing N N 221 
LYS CB  HB3  sing N N 222 
LYS CG  CD   sing N N 223 
LYS CG  HG2  sing N N 224 
LYS CG  HG3  sing N N 225 
LYS CD  CE   sing N N 226 
LYS CD  HD2  sing N N 227 
LYS CD  HD3  sing N N 228 
LYS CE  NZ   sing N N 229 
LYS CE  HE2  sing N N 230 
LYS CE  HE3  sing N N 231 
LYS NZ  HZ1  sing N N 232 
LYS NZ  HZ2  sing N N 233 
LYS NZ  HZ3  sing N N 234 
LYS OXT HXT  sing N N 235 
MET N   CA   sing N N 236 
MET N   H    sing N N 237 
MET N   H2   sing N N 238 
MET CA  C    sing N N 239 
MET CA  CB   sing N N 240 
MET CA  HA   sing N N 241 
MET C   O    doub N N 242 
MET C   OXT  sing N N 243 
MET CB  CG   sing N N 244 
MET CB  HB2  sing N N 245 
MET CB  HB3  sing N N 246 
MET CG  SD   sing N N 247 
MET CG  HG2  sing N N 248 
MET CG  HG3  sing N N 249 
MET SD  CE   sing N N 250 
MET CE  HE1  sing N N 251 
MET CE  HE2  sing N N 252 
MET CE  HE3  sing N N 253 
MET OXT HXT  sing N N 254 
PHE N   CA   sing N N 255 
PHE N   H    sing N N 256 
PHE N   H2   sing N N 257 
PHE CA  C    sing N N 258 
PHE CA  CB   sing N N 259 
PHE CA  HA   sing N N 260 
PHE C   O    doub N N 261 
PHE C   OXT  sing N N 262 
PHE CB  CG   sing N N 263 
PHE CB  HB2  sing N N 264 
PHE CB  HB3  sing N N 265 
PHE CG  CD1  doub Y N 266 
PHE CG  CD2  sing Y N 267 
PHE CD1 CE1  sing Y N 268 
PHE CD1 HD1  sing N N 269 
PHE CD2 CE2  doub Y N 270 
PHE CD2 HD2  sing N N 271 
PHE CE1 CZ   doub Y N 272 
PHE CE1 HE1  sing N N 273 
PHE CE2 CZ   sing Y N 274 
PHE CE2 HE2  sing N N 275 
PHE CZ  HZ   sing N N 276 
PHE OXT HXT  sing N N 277 
PRO N   CA   sing N N 278 
PRO N   CD   sing N N 279 
PRO N   H    sing N N 280 
PRO CA  C    sing N N 281 
PRO CA  CB   sing N N 282 
PRO CA  HA   sing N N 283 
PRO C   O    doub N N 284 
PRO C   OXT  sing N N 285 
PRO CB  CG   sing N N 286 
PRO CB  HB2  sing N N 287 
PRO CB  HB3  sing N N 288 
PRO CG  CD   sing N N 289 
PRO CG  HG2  sing N N 290 
PRO CG  HG3  sing N N 291 
PRO CD  HD2  sing N N 292 
PRO CD  HD3  sing N N 293 
PRO OXT HXT  sing N N 294 
SER N   CA   sing N N 295 
SER N   H    sing N N 296 
SER N   H2   sing N N 297 
SER CA  C    sing N N 298 
SER CA  CB   sing N N 299 
SER CA  HA   sing N N 300 
SER C   O    doub N N 301 
SER C   OXT  sing N N 302 
SER CB  OG   sing N N 303 
SER CB  HB2  sing N N 304 
SER CB  HB3  sing N N 305 
SER OG  HG   sing N N 306 
SER OXT HXT  sing N N 307 
SO4 S   O1   doub N N 308 
SO4 S   O2   doub N N 309 
SO4 S   O3   sing N N 310 
SO4 S   O4   sing N N 311 
THR N   CA   sing N N 312 
THR N   H    sing N N 313 
THR N   H2   sing N N 314 
THR CA  C    sing N N 315 
THR CA  CB   sing N N 316 
THR CA  HA   sing N N 317 
THR C   O    doub N N 318 
THR C   OXT  sing N N 319 
THR CB  OG1  sing N N 320 
THR CB  CG2  sing N N 321 
THR CB  HB   sing N N 322 
THR OG1 HG1  sing N N 323 
THR CG2 HG21 sing N N 324 
THR CG2 HG22 sing N N 325 
THR CG2 HG23 sing N N 326 
THR OXT HXT  sing N N 327 
TRP N   CA   sing N N 328 
TRP N   H    sing N N 329 
TRP N   H2   sing N N 330 
TRP CA  C    sing N N 331 
TRP CA  CB   sing N N 332 
TRP CA  HA   sing N N 333 
TRP C   O    doub N N 334 
TRP C   OXT  sing N N 335 
TRP CB  CG   sing N N 336 
TRP CB  HB2  sing N N 337 
TRP CB  HB3  sing N N 338 
TRP CG  CD1  doub Y N 339 
TRP CG  CD2  sing Y N 340 
TRP CD1 NE1  sing Y N 341 
TRP CD1 HD1  sing N N 342 
TRP CD2 CE2  doub Y N 343 
TRP CD2 CE3  sing Y N 344 
TRP NE1 CE2  sing Y N 345 
TRP NE1 HE1  sing N N 346 
TRP CE2 CZ2  sing Y N 347 
TRP CE3 CZ3  doub Y N 348 
TRP CE3 HE3  sing N N 349 
TRP CZ2 CH2  doub Y N 350 
TRP CZ2 HZ2  sing N N 351 
TRP CZ3 CH2  sing Y N 352 
TRP CZ3 HZ3  sing N N 353 
TRP CH2 HH2  sing N N 354 
TRP OXT HXT  sing N N 355 
TYR N   CA   sing N N 356 
TYR N   H    sing N N 357 
TYR N   H2   sing N N 358 
TYR CA  C    sing N N 359 
TYR CA  CB   sing N N 360 
TYR CA  HA   sing N N 361 
TYR C   O    doub N N 362 
TYR C   OXT  sing N N 363 
TYR CB  CG   sing N N 364 
TYR CB  HB2  sing N N 365 
TYR CB  HB3  sing N N 366 
TYR CG  CD1  doub Y N 367 
TYR CG  CD2  sing Y N 368 
TYR CD1 CE1  sing Y N 369 
TYR CD1 HD1  sing N N 370 
TYR CD2 CE2  doub Y N 371 
TYR CD2 HD2  sing N N 372 
TYR CE1 CZ   doub Y N 373 
TYR CE1 HE1  sing N N 374 
TYR CE2 CZ   sing Y N 375 
TYR CE2 HE2  sing N N 376 
TYR CZ  OH   sing N N 377 
TYR OH  HH   sing N N 378 
TYR OXT HXT  sing N N 379 
VAL N   CA   sing N N 380 
VAL N   H    sing N N 381 
VAL N   H2   sing N N 382 
VAL CA  C    sing N N 383 
VAL CA  CB   sing N N 384 
VAL CA  HA   sing N N 385 
VAL C   O    doub N N 386 
VAL C   OXT  sing N N 387 
VAL CB  CG1  sing N N 388 
VAL CB  CG2  sing N N 389 
VAL CB  HB   sing N N 390 
VAL CG1 HG11 sing N N 391 
VAL CG1 HG12 sing N N 392 
VAL CG1 HG13 sing N N 393 
VAL CG2 HG21 sing N N 394 
VAL CG2 HG22 sing N N 395 
VAL CG2 HG23 sing N N 396 
VAL OXT HXT  sing N N 397 
# 
_pdbx_audit_support.funding_organization   'University of Zurich' 
_pdbx_audit_support.country                Switzerland 
_pdbx_audit_support.grant_number           FK-16-032 
_pdbx_audit_support.ordinal                1 
# 
_pdbx_entity_instance_feature.ordinal        1 
_pdbx_entity_instance_feature.comp_id        AX7 
_pdbx_entity_instance_feature.asym_id        ? 
_pdbx_entity_instance_feature.seq_num        ? 
_pdbx_entity_instance_feature.auth_comp_id   AX7 
_pdbx_entity_instance_feature.auth_asym_id   ? 
_pdbx_entity_instance_feature.auth_seq_num   ? 
_pdbx_entity_instance_feature.feature_type   'SUBJECT OF INVESTIGATION' 
_pdbx_entity_instance_feature.details        ? 
# 
_atom_sites.entry_id                    6EQ5 
_atom_sites.fract_transf_matrix[1][1]   0.00620102 
_atom_sites.fract_transf_matrix[1][2]   0.01167821 
_atom_sites.fract_transf_matrix[1][3]   -0.00977945 
_atom_sites.fract_transf_matrix[2][1]   0.00884547 
_atom_sites.fract_transf_matrix[2][2]   -0.01022444 
_atom_sites.fract_transf_matrix[2][3]   -0.00660079 
_atom_sites.fract_transf_matrix[3][1]   -0.01974639 
_atom_sites.fract_transf_matrix[3][2]   -0.00508195 
_atom_sites.fract_transf_matrix[3][3]   -0.01858958 
_atom_sites.fract_transf_vector[1]      -0.270721 
_atom_sites.fract_transf_vector[2]      0.202177 
_atom_sites.fract_transf_vector[3]      0.240017 
# 
loop_
_atom_type.symbol 
C 
N 
O 
S 
# 
loop_
_atom_site.group_PDB 
_atom_site.id 
_atom_site.type_symbol 
_atom_site.label_atom_id 
_atom_site.label_alt_id 
_atom_site.label_comp_id 
_atom_site.label_asym_id 
_atom_site.label_entity_id 
_atom_site.label_seq_id 
_atom_site.pdbx_PDB_ins_code 
_atom_site.Cartn_x 
_atom_site.Cartn_y 
_atom_site.Cartn_z 
_atom_site.occupancy 
_atom_site.B_iso_or_equiv 
_atom_site.pdbx_formal_charge 
_atom_site.auth_seq_id 
_atom_site.auth_comp_id 
_atom_site.auth_asym_id 
_atom_site.auth_atom_id 
_atom_site.pdbx_PDB_model_num 
ATOM   1    N N   . GLY A 1 28  ? -15.201 14.706  3.977   1.00 41.59 ? 2   GLY A N   1 
ATOM   2    C CA  . GLY A 1 28  ? -16.401 13.900  4.115   1.00 43.26 ? 2   GLY A CA  1 
ATOM   3    C C   . GLY A 1 28  ? -16.159 12.476  4.589   1.00 46.23 ? 2   GLY A C   1 
ATOM   4    O O   . GLY A 1 28  ? -15.079 12.154  5.092   1.00 41.74 ? 2   GLY A O   1 
ATOM   5    N N   . ALA A 1 29  ? -17.171 11.626  4.421   1.00 37.89 ? 3   ALA A N   1 
ATOM   6    C CA  . ALA A 1 29  ? -17.094 10.246  4.887   1.00 48.84 ? 3   ALA A CA  1 
ATOM   7    C C   . ALA A 1 29  ? -16.022 9.478   4.119   1.00 35.43 ? 3   ALA A C   1 
ATOM   8    O O   . ALA A 1 29  ? -15.991 9.493   2.883   1.00 34.02 ? 3   ALA A O   1 
ATOM   9    N N   . SER A 1 30  ? -15.140 8.806   4.854   1.00 41.98 ? 4   SER A N   1 
ATOM   10   C CA  . SER A 1 30  ? -14.067 8.032   4.250   1.00 33.59 ? 4   SER A CA  1 
ATOM   11   C C   . SER A 1 30  ? -13.982 6.664   4.910   1.00 36.25 ? 4   SER A C   1 
ATOM   12   O O   . SER A 1 30  ? -14.228 6.516   6.111   1.00 41.30 ? 4   SER A O   1 
ATOM   13   C CB  . SER A 1 30  ? -12.725 8.758   4.369   1.00 38.51 ? 4   SER A CB  1 
ATOM   14   O OG  . SER A 1 30  ? -12.376 8.981   5.722   1.00 52.73 ? 4   SER A OG  1 
ATOM   15   N N   . ARG A 1 31  ? -13.640 5.657   4.112   1.00 31.37 ? 5   ARG A N   1 
ATOM   16   C CA  . ARG A 1 31  ? -13.456 4.305   4.621   1.00 30.32 ? 5   ARG A CA  1 
ATOM   17   C C   . ARG A 1 31  ? -11.973 4.058   4.860   1.00 28.22 ? 5   ARG A C   1 
ATOM   18   O O   . ARG A 1 31  ? -11.135 4.404   4.018   1.00 22.55 ? 5   ARG A O   1 
ATOM   19   C CB  . ARG A 1 31  ? -14.005 3.256   3.657   1.00 24.46 ? 5   ARG A CB  1 
ATOM   20   C CG  . ARG A 1 31  ? -14.021 1.857   4.241   1.00 27.27 ? 5   ARG A CG  1 
ATOM   21   C CD  . ARG A 1 31  ? -15.432 1.326   4.420   1.00 38.97 ? 5   ARG A CD  1 
ATOM   22   N N   . LEU A 1 32  ? -11.663 3.475   6.021   1.00 24.10 ? 6   LEU A N   1 
ATOM   23   C CA  . LEU A 1 32  ? -10.284 3.204   6.423   1.00 25.53 ? 6   LEU A CA  1 
ATOM   24   C C   . LEU A 1 32  ? -9.726  1.990   5.701   1.00 23.72 ? 6   LEU A C   1 
ATOM   25   O O   . LEU A 1 32  ? -10.344 0.918   5.690   1.00 28.02 ? 6   LEU A O   1 
ATOM   26   C CB  . LEU A 1 32  ? -10.212 2.953   7.924   1.00 29.07 ? 6   LEU A CB  1 
ATOM   27   C CG  . LEU A 1 32  ? -10.480 4.129   8.841   1.00 32.53 ? 6   LEU A CG  1 
ATOM   28   C CD1 . LEU A 1 32  ? -10.387 3.662   10.285  1.00 32.24 ? 6   LEU A CD1 1 
ATOM   29   C CD2 . LEU A 1 32  ? -9.479  5.228   8.565   1.00 30.69 ? 6   LEU A CD2 1 
ATOM   30   N N   . TYR A 1 33  ? -8.536  2.149   5.129   1.00 17.14 ? 7   TYR A N   1 
ATOM   31   C CA  . TYR A 1 33  ? -7.795  1.035   4.568   1.00 22.34 ? 7   TYR A CA  1 
ATOM   32   C C   . TYR A 1 33  ? -6.361  1.085   5.084   1.00 21.89 ? 7   TYR A C   1 
ATOM   33   O O   . TYR A 1 33  ? -5.861  2.125   5.527   1.00 21.34 ? 7   TYR A O   1 
ATOM   34   C CB  . TYR A 1 33  ? -7.797  1.045   3.019   1.00 24.14 ? 7   TYR A CB  1 
ATOM   35   C CG  . TYR A 1 33  ? -9.156  0.873   2.342   1.00 22.89 ? 7   TYR A CG  1 
ATOM   36   C CD1 . TYR A 1 33  ? -10.030 1.946   2.214   1.00 20.45 ? 7   TYR A CD1 1 
ATOM   37   C CD2 . TYR A 1 33  ? -9.543  -0.350  1.806   1.00 22.72 ? 7   TYR A CD2 1 
ATOM   38   C CE1 . TYR A 1 33  ? -11.256 1.808   1.592   1.00 26.95 ? 7   TYR A CE1 1 
ATOM   39   C CE2 . TYR A 1 33  ? -10.776 -0.503  1.170   1.00 29.16 ? 7   TYR A CE2 1 
ATOM   40   C CZ  . TYR A 1 33  ? -11.628 0.587   1.072   1.00 28.18 ? 7   TYR A CZ  1 
ATOM   41   O OH  . TYR A 1 33  ? -12.852 0.472   0.446   1.00 35.90 ? 7   TYR A OH  1 
ATOM   42   N N   . THR A 1 34  ? -5.703  -0.062  5.041   1.00 18.77 ? 8   THR A N   1 
ATOM   43   C CA  . THR A 1 34  ? -4.285  -0.127  5.344   1.00 16.73 ? 8   THR A CA  1 
ATOM   44   C C   . THR A 1 34  ? -3.490  -0.538  4.109   1.00 16.51 ? 8   THR A C   1 
ATOM   45   O O   . THR A 1 34  ? -4.005  -1.188  3.194   1.00 17.88 ? 8   THR A O   1 
ATOM   46   C CB  . THR A 1 34  ? -4.012  -1.127  6.466   1.00 22.07 ? 8   THR A CB  1 
ATOM   47   O OG1 . THR A 1 34  ? -4.481  -2.401  6.043   1.00 18.39 ? 8   THR A OG1 1 
ATOM   48   C CG2 . THR A 1 34  ? -4.731  -0.724  7.764   1.00 21.64 ? 8   THR A CG2 1 
ATOM   49   N N   . LEU A 1 35  ? -2.210  -0.174  4.113   1.00 20.56 ? 9   LEU A N   1 
ATOM   50   C CA  . LEU A 1 35  ? -1.290  -0.544  3.035   1.00 20.83 ? 9   LEU A CA  1 
ATOM   51   C C   . LEU A 1 35  ? 0.092   -0.731  3.640   1.00 22.85 ? 9   LEU A C   1 
ATOM   52   O O   . LEU A 1 35  ? 0.653   0.197   4.228   1.00 19.43 ? 9   LEU A O   1 
ATOM   53   C CB  . LEU A 1 35  ? -1.276  0.523   1.934   1.00 19.35 ? 9   LEU A CB  1 
ATOM   54   C CG  . LEU A 1 35  ? -0.507  0.275   0.636   1.00 24.28 ? 9   LEU A CG  1 
ATOM   55   C CD1 . LEU A 1 35  ? -0.840  -1.082  0.075   1.00 28.02 ? 9   LEU A CD1 1 
ATOM   56   C CD2 . LEU A 1 35  ? -0.886  1.352   -0.357  1.00 25.35 ? 9   LEU A CD2 1 
ATOM   57   N N   . VAL A 1 36  ? 0.636   -1.939  3.516   1.00 19.62 ? 10  VAL A N   1 
ATOM   58   C CA  . VAL A 1 36  ? 1.894   -2.298  4.163   1.00 16.65 ? 10  VAL A CA  1 
ATOM   59   C C   . VAL A 1 36  ? 2.903   -2.642  3.085   1.00 16.39 ? 10  VAL A C   1 
ATOM   60   O O   . VAL A 1 36  ? 2.641   -3.513  2.247   1.00 18.46 ? 10  VAL A O   1 
ATOM   61   C CB  . VAL A 1 36  ? 1.717   -3.484  5.125   1.00 18.82 ? 10  VAL A CB  1 
ATOM   62   C CG1 . VAL A 1 36  ? 3.072   -3.933  5.674   1.00 20.21 ? 10  VAL A CG1 1 
ATOM   63   C CG2 . VAL A 1 36  ? 0.768   -3.095  6.247   1.00 23.61 ? 10  VAL A CG2 1 
ATOM   64   N N   . LEU A 1 37  ? 4.056   -1.976  3.118   1.00 16.96 ? 11  LEU A N   1 
ATOM   65   C CA  . LEU A 1 37  ? 5.181   -2.282  2.247   1.00 17.44 ? 11  LEU A CA  1 
ATOM   66   C C   . LEU A 1 37  ? 6.268   -2.953  3.077   1.00 23.10 ? 11  LEU A C   1 
ATOM   67   O O   . LEU A 1 37  ? 6.768   -2.373  4.054   1.00 19.27 ? 11  LEU A O   1 
ATOM   68   C CB  . LEU A 1 37  ? 5.724   -1.014  1.584   1.00 19.96 ? 11  LEU A CB  1 
ATOM   69   C CG  . LEU A 1 37  ? 4.900   -0.444  0.433   1.00 26.52 ? 11  LEU A CG  1 
ATOM   70   C CD1 . LEU A 1 37  ? 4.473   -1.534  -0.560  1.00 25.83 ? 11  LEU A CD1 1 
ATOM   71   C CD2 . LEU A 1 37  ? 3.702   0.324   0.956   1.00 33.94 ? 11  LEU A CD2 1 
ATOM   72   N N   . VAL A 1 38  ? 6.632   -4.170  2.690   1.00 20.99 ? 12  VAL A N   1 
ATOM   73   C CA  . VAL A 1 38  ? 7.747   -4.871  3.303   1.00 19.30 ? 12  VAL A CA  1 
ATOM   74   C C   . VAL A 1 38  ? 8.989   -4.417  2.553   1.00 22.09 ? 12  VAL A C   1 
ATOM   75   O O   . VAL A 1 38  ? 9.261   -4.865  1.440   1.00 19.43 ? 12  VAL A O   1 
ATOM   76   C CB  . VAL A 1 38  ? 7.564   -6.384  3.248   1.00 21.51 ? 12  VAL A CB  1 
ATOM   77   C CG1 . VAL A 1 38  ? 8.773   -7.076  3.881   1.00 27.25 ? 12  VAL A CG1 1 
ATOM   78   C CG2 . VAL A 1 38  ? 6.286   -6.760  3.972   1.00 19.87 ? 12  VAL A CG2 1 
ATOM   79   N N   . LEU A 1 39  ? 9.734   -3.508  3.164   1.00 24.45 ? 13  LEU A N   1 
ATOM   80   C CA  . LEU A 1 39  ? 10.793  -2.763  2.497   1.00 28.16 ? 13  LEU A CA  1 
ATOM   81   C C   . LEU A 1 39  ? 12.098  -3.029  3.235   1.00 25.66 ? 13  LEU A C   1 
ATOM   82   O O   . LEU A 1 39  ? 12.283  -2.572  4.371   1.00 23.91 ? 13  LEU A O   1 
ATOM   83   C CB  . LEU A 1 39  ? 10.462  -1.273  2.474   1.00 24.80 ? 13  LEU A CB  1 
ATOM   84   C CG  . LEU A 1 39  ? 11.488  -0.325  1.854   1.00 30.32 ? 13  LEU A CG  1 
ATOM   85   C CD1 . LEU A 1 39  ? 11.746  -0.665  0.391   1.00 23.41 ? 13  LEU A CD1 1 
ATOM   86   C CD2 . LEU A 1 39  ? 11.005  1.118   2.005   1.00 32.37 ? 13  LEU A CD2 1 
ATOM   87   N N   . GLN A 1 40  ? 12.986  -3.769  2.598   1.00 21.87 ? 14  GLN A N   1 
ATOM   88   C CA  . GLN A 1 40  ? 14.307  -4.093  3.103   1.00 26.42 ? 14  GLN A CA  1 
ATOM   89   C C   . GLN A 1 40  ? 15.356  -3.294  2.348   1.00 21.64 ? 14  GLN A C   1 
ATOM   90   O O   . GLN A 1 40  ? 15.059  -2.667  1.328   1.00 26.66 ? 14  GLN A O   1 
ATOM   91   C CB  . GLN A 1 40  ? 14.548  -5.597  2.976   1.00 28.33 ? 14  GLN A CB  1 
ATOM   92   C CG  . GLN A 1 40  ? 13.423  -6.393  3.624   1.00 27.84 ? 14  GLN A CG  1 
ATOM   93   C CD  . GLN A 1 40  ? 13.667  -7.890  3.640   1.00 28.48 ? 14  GLN A CD  1 
ATOM   94   O OE1 . GLN A 1 40  ? 13.998  -8.493  2.621   1.00 33.90 ? 14  GLN A OE1 1 
ATOM   95   N NE2 . GLN A 1 40  ? 13.480  -8.499  4.802   1.00 36.53 ? 14  GLN A NE2 1 
ATOM   96   N N   . PRO A 1 41  ? 16.593  -3.238  2.850   1.00 33.62 ? 15  PRO A N   1 
ATOM   97   C CA  . PRO A 1 41  ? 17.577  -2.331  2.240   1.00 30.67 ? 15  PRO A CA  1 
ATOM   98   C C   . PRO A 1 41  ? 17.728  -2.481  0.736   1.00 34.87 ? 15  PRO A C   1 
ATOM   99   O O   . PRO A 1 41  ? 17.924  -1.466  0.052   1.00 34.49 ? 15  PRO A O   1 
ATOM   100  C CB  . PRO A 1 41  ? 18.868  -2.689  2.985   1.00 39.75 ? 15  PRO A CB  1 
ATOM   101  C CG  . PRO A 1 41  ? 18.387  -3.038  4.350   1.00 37.15 ? 15  PRO A CG  1 
ATOM   102  C CD  . PRO A 1 41  ? 17.086  -3.777  4.133   1.00 34.01 ? 15  PRO A CD  1 
ATOM   103  N N   . GLN A 1 42  ? 17.605  -3.694  0.186   1.00 30.18 ? 16  GLN A N   1 
ATOM   104  C CA  . GLN A 1 42  ? 17.856  -3.904  -1.235  1.00 33.89 ? 16  GLN A CA  1 
ATOM   105  C C   . GLN A 1 42  ? 16.651  -4.399  -2.029  1.00 40.43 ? 16  GLN A C   1 
ATOM   106  O O   . GLN A 1 42  ? 16.779  -4.606  -3.245  1.00 32.10 ? 16  GLN A O   1 
ATOM   107  C CB  . GLN A 1 42  ? 19.016  -4.889  -1.418  1.00 44.47 ? 16  GLN A CB  1 
ATOM   108  N N   . ARG A 1 43  ? 15.487  -4.574  -1.400  1.00 28.35 ? 17  ARG A N   1 
ATOM   109  C CA  . ARG A 1 43  ? 14.343  -5.179  -2.065  1.00 18.64 ? 17  ARG A CA  1 
ATOM   110  C C   . ARG A 1 43  ? 13.055  -4.764  -1.362  1.00 20.70 ? 17  ARG A C   1 
ATOM   111  O O   . ARG A 1 43  ? 13.064  -4.443  -0.172  1.00 23.40 ? 17  ARG A O   1 
ATOM   112  C CB  . ARG A 1 43  ? 14.467  -6.706  -2.080  1.00 26.34 ? 17  ARG A CB  1 
ATOM   113  C CG  . ARG A 1 43  ? 14.450  -7.349  -0.708  1.00 27.33 ? 17  ARG A CG  1 
ATOM   114  C CD  . ARG A 1 43  ? 14.619  -8.861  -0.808  1.00 28.41 ? 17  ARG A CD  1 
ATOM   115  N NE  . ARG A 1 43  ? 14.328  -9.522  0.460   1.00 27.77 ? 17  ARG A NE  1 
ATOM   116  C CZ  . ARG A 1 43  ? 14.263  -10.842 0.612   1.00 32.47 ? 17  ARG A CZ  1 
ATOM   117  N NH1 . ARG A 1 43  ? 14.463  -11.629 -0.429  1.00 32.37 ? 17  ARG A NH1 1 
ATOM   118  N NH2 . ARG A 1 43  ? 13.992  -11.372 1.801   1.00 37.40 ? 17  ARG A NH2 1 
ATOM   119  N N   . VAL A 1 44  ? 11.956  -4.776  -2.119  1.00 21.19 ? 18  VAL A N   1 
ATOM   120  C CA  . VAL A 1 44  ? 10.612  -4.555  -1.595  1.00 19.27 ? 18  VAL A CA  1 
ATOM   121  C C   . VAL A 1 44  ? 9.688   -5.652  -2.121  1.00 20.57 ? 18  VAL A C   1 
ATOM   122  O O   . VAL A 1 44  ? 9.767   -6.059  -3.290  1.00 19.80 ? 18  VAL A O   1 
ATOM   123  C CB  . VAL A 1 44  ? 10.085  -3.152  -1.974  1.00 23.45 ? 18  VAL A CB  1 
ATOM   124  C CG1 . VAL A 1 44  ? 10.013  -3.001  -3.477  1.00 22.03 ? 18  VAL A CG1 1 
ATOM   125  C CG2 . VAL A 1 44  ? 8.718   -2.853  -1.323  1.00 22.66 ? 18  VAL A CG2 1 
ATOM   126  N N   . LEU A 1 45  ? 8.801   -6.129  -1.258  1.00 19.49 ? 19  LEU A N   1 
ATOM   127  C CA  . LEU A 1 45  ? 7.857   -7.177  -1.625  1.00 19.31 ? 19  LEU A CA  1 
ATOM   128  C C   . LEU A 1 45  ? 6.563   -6.563  -2.152  1.00 23.24 ? 19  LEU A C   1 
ATOM   129  O O   . LEU A 1 45  ? 5.982   -5.687  -1.509  1.00 22.62 ? 19  LEU A O   1 
ATOM   130  C CB  . LEU A 1 45  ? 7.551   -8.065  -0.418  1.00 16.08 ? 19  LEU A CB  1 
ATOM   131  C CG  . LEU A 1 45  ? 6.548   -9.182  -0.672  1.00 22.36 ? 19  LEU A CG  1 
ATOM   132  C CD1 . LEU A 1 45  ? 7.165   -10.202 -1.623  1.00 18.52 ? 19  LEU A CD1 1 
ATOM   133  C CD2 . LEU A 1 45  ? 6.210   -9.826  0.658   1.00 21.68 ? 19  LEU A CD2 1 
ATOM   134  N N   . LEU A 1 46  ? 6.127   -7.009  -3.325  1.00 18.81 ? 20  LEU A N   1 
ATOM   135  C CA  . LEU A 1 46  ? 4.815   -6.648  -3.836  1.00 17.60 ? 20  LEU A CA  1 
ATOM   136  C C   . LEU A 1 46  ? 4.094   -7.923  -4.246  1.00 23.04 ? 20  LEU A C   1 
ATOM   137  O O   . LEU A 1 46  ? 4.723   -8.948  -4.522  1.00 22.40 ? 20  LEU A O   1 
ATOM   138  C CB  . LEU A 1 46  ? 4.900   -5.686  -5.034  1.00 15.85 ? 20  LEU A CB  1 
ATOM   139  C CG  . LEU A 1 46  ? 5.613   -4.372  -4.715  1.00 22.22 ? 20  LEU A CG  1 
ATOM   140  C CD1 . LEU A 1 46  ? 6.058   -3.627  -5.978  1.00 17.60 ? 20  LEU A CD1 1 
ATOM   141  C CD2 . LEU A 1 46  ? 4.742   -3.486  -3.790  1.00 17.47 ? 20  LEU A CD2 1 
ATOM   142  N N   . GLY A 1 47  ? 2.767   -7.852  -4.246  1.00 19.50 ? 21  GLY A N   1 
ATOM   143  C CA  . GLY A 1 47  ? 1.934   -8.944  -4.683  1.00 24.06 ? 21  GLY A CA  1 
ATOM   144  C C   . GLY A 1 47  ? 1.040   -8.565  -5.849  1.00 23.92 ? 21  GLY A C   1 
ATOM   145  O O   . GLY A 1 47  ? 0.400   -7.501  -5.860  1.00 20.90 ? 21  GLY A O   1 
ATOM   146  N N   . MET A 1 48  ? 0.988   -9.440  -6.850  1.00 20.62 ? 22  MET A N   1 
ATOM   147  C CA  . MET A 1 48  ? 0.181   -9.157  -8.024  1.00 20.39 ? 22  MET A CA  1 
ATOM   148  C C   . MET A 1 48  ? -1.249  -9.553  -7.673  1.00 24.91 ? 22  MET A C   1 
ATOM   149  O O   . MET A 1 48  ? -1.523  -10.732 -7.413  1.00 26.26 ? 22  MET A O   1 
ATOM   150  C CB  . MET A 1 48  ? 0.686   -9.939  -9.238  1.00 25.74 ? 22  MET A CB  1 
ATOM   151  C CG  . MET A 1 48  ? -0.347  -10.160 -10.335 1.00 36.31 ? 22  MET A CG  1 
ATOM   152  S SD  . MET A 1 48  ? -0.988  -8.601  -11.026 1.00 30.74 ? 22  MET A SD  1 
ATOM   153  C CE  . MET A 1 48  ? 0.501   -7.910  -11.745 1.00 34.12 ? 22  MET A CE  1 
ATOM   154  N N   . LYS A 1 49  ? -2.145  -8.572  -7.634  1.00 24.86 ? 23  LYS A N   1 
ATOM   155  C CA  . LYS A 1 49  ? -3.532  -8.810  -7.249  1.00 23.51 ? 23  LYS A CA  1 
ATOM   156  C C   . LYS A 1 49  ? -4.279  -9.553  -8.353  1.00 30.37 ? 23  LYS A C   1 
ATOM   157  O O   . LYS A 1 49  ? -4.414  -9.051  -9.473  1.00 32.75 ? 23  LYS A O   1 
ATOM   158  C CB  . LYS A 1 49  ? -4.207  -7.480  -6.938  1.00 28.01 ? 23  LYS A CB  1 
ATOM   159  C CG  . LYS A 1 49  ? -5.556  -7.573  -6.242  1.00 33.79 ? 23  LYS A CG  1 
ATOM   160  C CD  . LYS A 1 49  ? -5.997  -6.175  -5.768  1.00 25.85 ? 23  LYS A CD  1 
ATOM   161  C CE  . LYS A 1 49  ? -7.445  -6.158  -5.295  1.00 42.71 ? 23  LYS A CE  1 
ATOM   162  N NZ  . LYS A 1 49  ? -7.688  -7.165  -4.243  1.00 52.60 ? 23  LYS A NZ  1 
ATOM   163  N N   . LYS A 1 50  ? -4.785  -10.740 -8.028  1.00 34.69 ? 24  LYS A N   1 
ATOM   164  C CA  . LYS A 1 50  ? -5.356  -11.613 -9.042  1.00 34.39 ? 24  LYS A CA  1 
ATOM   165  C C   . LYS A 1 50  ? -6.829  -11.339 -9.324  1.00 39.89 ? 24  LYS A C   1 
ATOM   166  O O   . LYS A 1 50  ? -7.283  -11.576 -10.449 1.00 47.17 ? 24  LYS A O   1 
ATOM   167  C CB  . LYS A 1 50  ? -5.186  -13.077 -8.633  1.00 32.14 ? 24  LYS A CB  1 
ATOM   168  C CG  . LYS A 1 50  ? -3.791  -13.614 -8.819  1.00 32.81 ? 24  LYS A CG  1 
ATOM   169  C CD  . LYS A 1 50  ? -3.757  -15.087 -8.446  1.00 36.08 ? 24  LYS A CD  1 
ATOM   170  C CE  . LYS A 1 50  ? -2.379  -15.678 -8.604  1.00 39.08 ? 24  LYS A CE  1 
ATOM   171  N NZ  . LYS A 1 50  ? -2.421  -17.141 -8.323  1.00 41.01 ? 24  LYS A NZ  1 
ATOM   172  N N   . ARG A 1 51  ? -7.588  -10.843 -8.349  1.00 40.21 ? 25  ARG A N   1 
ATOM   173  C CA  . ARG A 1 51  ? -9.014  -10.623 -8.540  1.00 43.18 ? 25  ARG A CA  1 
ATOM   174  C C   . ARG A 1 51  ? -9.441  -9.349  -7.823  1.00 43.38 ? 25  ARG A C   1 
ATOM   175  O O   . ARG A 1 51  ? -8.756  -8.861  -6.922  1.00 40.30 ? 25  ARG A O   1 
ATOM   176  C CB  . ARG A 1 51  ? -9.839  -11.814 -8.030  1.00 44.50 ? 25  ARG A CB  1 
ATOM   177  C CG  . ARG A 1 51  ? -9.546  -12.193 -6.582  1.00 44.51 ? 25  ARG A CG  1 
ATOM   178  N N   . GLY A 1 52  ? -10.586 -8.814  -8.237  1.00 51.34 ? 26  GLY A N   1 
ATOM   179  C CA  . GLY A 1 52  ? -11.183 -7.670  -7.568  1.00 40.65 ? 26  GLY A CA  1 
ATOM   180  C C   . GLY A 1 52  ? -10.775 -6.333  -8.162  1.00 46.60 ? 26  GLY A C   1 
ATOM   181  O O   . GLY A 1 52  ? -10.262 -6.228  -9.281  1.00 54.44 ? 26  GLY A O   1 
ATOM   182  N N   . PHE A 1 53  ? -11.003 -5.286  -7.372  1.00 46.14 ? 27  PHE A N   1 
ATOM   183  C CA  . PHE A 1 53  ? -10.747 -3.922  -7.817  1.00 41.04 ? 27  PHE A CA  1 
ATOM   184  C C   . PHE A 1 53  ? -9.252  -3.705  -8.022  1.00 41.99 ? 27  PHE A C   1 
ATOM   185  O O   . PHE A 1 53  ? -8.458  -3.873  -7.090  1.00 41.95 ? 27  PHE A O   1 
ATOM   186  C CB  . PHE A 1 53  ? -11.306 -2.930  -6.802  1.00 46.15 ? 27  PHE A CB  1 
ATOM   187  C CG  . PHE A 1 53  ? -11.210 -1.494  -7.238  1.00 43.59 ? 27  PHE A CG  1 
ATOM   188  C CD1 . PHE A 1 53  ? -12.076 -0.985  -8.191  1.00 43.71 ? 27  PHE A CD1 1 
ATOM   189  C CD2 . PHE A 1 53  ? -10.256 -0.654  -6.690  1.00 43.56 ? 27  PHE A CD2 1 
ATOM   190  C CE1 . PHE A 1 53  ? -11.992 0.343   -8.591  1.00 42.64 ? 27  PHE A CE1 1 
ATOM   191  C CE2 . PHE A 1 53  ? -10.167 0.667   -7.085  1.00 37.97 ? 27  PHE A CE2 1 
ATOM   192  C CZ  . PHE A 1 53  ? -11.037 1.167   -8.039  1.00 43.51 ? 27  PHE A CZ  1 
ATOM   193  N N   . GLY A 1 54  ? -8.865  -3.351  -9.242  1.00 45.79 ? 28  GLY A N   1 
ATOM   194  C CA  . GLY A 1 54  ? -7.467  -3.130  -9.539  1.00 38.85 ? 28  GLY A CA  1 
ATOM   195  C C   . GLY A 1 54  ? -6.637  -4.378  -9.719  1.00 36.97 ? 28  GLY A C   1 
ATOM   196  O O   . GLY A 1 54  ? -5.405  -4.304  -9.640  1.00 31.98 ? 28  GLY A O   1 
ATOM   197  N N   . ALA A 1 55  ? -7.263  -5.533  -9.933  1.00 35.24 ? 29  ALA A N   1 
ATOM   198  C CA  . ALA A 1 55  ? -6.489  -6.702  -10.310 1.00 30.43 ? 29  ALA A CA  1 
ATOM   199  C C   . ALA A 1 55  ? -5.629  -6.378  -11.527 1.00 30.97 ? 29  ALA A C   1 
ATOM   200  O O   . ALA A 1 55  ? -5.975  -5.523  -12.347 1.00 31.48 ? 29  ALA A O   1 
ATOM   201  C CB  . ALA A 1 55  ? -7.407  -7.892  -10.603 1.00 43.90 ? 29  ALA A CB  1 
ATOM   202  N N   . GLY A 1 56  ? -4.489  -7.061  -11.630 1.00 26.27 ? 30  GLY A N   1 
ATOM   203  C CA  . GLY A 1 56  ? -3.523  -6.806  -12.676 1.00 33.58 ? 30  GLY A CA  1 
ATOM   204  C C   . GLY A 1 56  ? -2.395  -5.876  -12.282 1.00 32.63 ? 30  GLY A C   1 
ATOM   205  O O   . GLY A 1 56  ? -1.476  -5.660  -13.089 1.00 33.52 ? 30  GLY A O   1 
ATOM   206  N N   . ARG A 1 57  ? -2.434  -5.321  -11.073 1.00 26.66 ? 31  ARG A N   1 
ATOM   207  C CA  . ARG A 1 57  ? -1.413  -4.400  -10.597 1.00 24.15 ? 31  ARG A CA  1 
ATOM   208  C C   . ARG A 1 57  ? -0.674  -4.981  -9.396  1.00 22.99 ? 31  ARG A C   1 
ATOM   209  O O   . ARG A 1 57  ? -1.240  -5.729  -8.596  1.00 23.65 ? 31  ARG A O   1 
ATOM   210  C CB  . ARG A 1 57  ? -2.029  -3.055  -10.217 1.00 25.32 ? 31  ARG A CB  1 
ATOM   211  C CG  . ARG A 1 57  ? -2.223  -2.114  -11.405 1.00 22.06 ? 31  ARG A CG  1 
ATOM   212  C CD  . ARG A 1 57  ? -3.306  -1.085  -11.158 1.00 29.42 ? 31  ARG A CD  1 
ATOM   213  N NE  . ARG A 1 57  ? -3.427  -0.179  -12.301 1.00 32.41 ? 31  ARG A NE  1 
ATOM   214  C CZ  . ARG A 1 57  ? -4.222  0.886   -12.343 1.00 35.33 ? 31  ARG A CZ  1 
ATOM   215  N NH1 . ARG A 1 57  ? -4.972  1.199   -11.297 1.00 28.32 ? 31  ARG A NH1 1 
ATOM   216  N NH2 . ARG A 1 57  ? -4.251  1.655   -13.428 1.00 31.51 ? 31  ARG A NH2 1 
ATOM   217  N N   . TRP A 1 58  ? 0.607   -4.634  -9.283  1.00 22.37 ? 32  TRP A N   1 
ATOM   218  C CA  . TRP A 1 58  ? 1.403   -5.002  -8.114  1.00 17.56 ? 32  TRP A CA  1 
ATOM   219  C C   . TRP A 1 58  ? 1.055   -4.070  -6.955  1.00 19.28 ? 32  TRP A C   1 
ATOM   220  O O   . TRP A 1 58  ? 1.162   -2.851  -7.089  1.00 30.72 ? 32  TRP A O   1 
ATOM   221  C CB  . TRP A 1 58  ? 2.899   -4.928  -8.431  1.00 18.68 ? 32  TRP A CB  1 
ATOM   222  C CG  . TRP A 1 58  ? 3.341   -5.916  -9.489  1.00 17.66 ? 32  TRP A CG  1 
ATOM   223  C CD1 . TRP A 1 58  ? 3.475   -5.677  -10.826 1.00 20.72 ? 32  TRP A CD1 1 
ATOM   224  C CD2 . TRP A 1 58  ? 3.730   -7.279  -9.282  1.00 21.39 ? 32  TRP A CD2 1 
ATOM   225  N NE1 . TRP A 1 58  ? 3.905   -6.822  -11.476 1.00 24.18 ? 32  TRP A NE1 1 
ATOM   226  C CE2 . TRP A 1 58  ? 4.069   -7.817  -10.546 1.00 31.58 ? 32  TRP A CE2 1 
ATOM   227  C CE3 . TRP A 1 58  ? 3.816   -8.101  -8.148  1.00 16.04 ? 32  TRP A CE3 1 
ATOM   228  C CZ2 . TRP A 1 58  ? 4.495   -9.144  -10.709 1.00 28.79 ? 32  TRP A CZ2 1 
ATOM   229  C CZ3 . TRP A 1 58  ? 4.255   -9.426  -8.309  1.00 23.09 ? 32  TRP A CZ3 1 
ATOM   230  C CH2 . TRP A 1 58  ? 4.584   -9.928  -9.584  1.00 22.46 ? 32  TRP A CH2 1 
ATOM   231  N N   . ASN A 1 59  ? 0.624   -4.645  -5.834  1.00 19.44 ? 33  ASN A N   1 
ATOM   232  C CA  . ASN A 1 59  ? 0.205   -3.894  -4.653  1.00 22.13 ? 33  ASN A CA  1 
ATOM   233  C C   . ASN A 1 59  ? 1.030   -4.299  -3.438  1.00 23.57 ? 33  ASN A C   1 
ATOM   234  O O   . ASN A 1 59  ? 1.634   -5.378  -3.397  1.00 20.26 ? 33  ASN A O   1 
ATOM   235  C CB  . ASN A 1 59  ? -1.282  -4.136  -4.331  1.00 24.52 ? 33  ASN A CB  1 
ATOM   236  C CG  . ASN A 1 59  ? -2.224  -3.534  -5.358  1.00 38.96 ? 33  ASN A CG  1 
ATOM   237  O OD1 . ASN A 1 59  ? -2.504  -4.134  -6.397  1.00 34.96 ? 33  ASN A OD1 1 
ATOM   238  N ND2 . ASN A 1 59  ? -2.744  -2.350  -5.055  1.00 35.71 ? 33  ASN A ND2 1 
ATOM   239  N N   . GLY A 1 60  ? 1.058   -3.412  -2.449  1.00 17.05 ? 34  GLY A N   1 
ATOM   240  C CA  . GLY A 1 60  ? 1.367   -3.829  -1.103  1.00 19.48 ? 34  GLY A CA  1 
ATOM   241  C C   . GLY A 1 60  ? 0.178   -4.572  -0.519  1.00 20.39 ? 34  GLY A C   1 
ATOM   242  O O   . GLY A 1 60  ? -0.821  -4.843  -1.188  1.00 21.48 ? 34  GLY A O   1 
ATOM   243  N N   . PHE A 1 61  ? 0.288   -4.899  0.764   1.00 16.34 ? 35  PHE A N   1 
ATOM   244  C CA  . PHE A 1 61  ? -0.707  -5.734  1.425   1.00 20.34 ? 35  PHE A CA  1 
ATOM   245  C C   . PHE A 1 61  ? -1.548  -4.899  2.383   1.00 22.08 ? 35  PHE A C   1 
ATOM   246  O O   . PHE A 1 61  ? -1.031  -4.029  3.086   1.00 21.65 ? 35  PHE A O   1 
ATOM   247  C CB  . PHE A 1 61  ? -0.031  -6.896  2.145   1.00 21.02 ? 35  PHE A CB  1 
ATOM   248  C CG  . PHE A 1 61  ? 0.889   -7.670  1.244   1.00 16.11 ? 35  PHE A CG  1 
ATOM   249  C CD1 . PHE A 1 61  ? 0.389   -8.629  0.382   1.00 21.17 ? 35  PHE A CD1 1 
ATOM   250  C CD2 . PHE A 1 61  ? 2.236   -7.368  1.202   1.00 27.92 ? 35  PHE A CD2 1 
ATOM   251  C CE1 . PHE A 1 61  ? 1.220   -9.306  -0.477  1.00 26.29 ? 35  PHE A CE1 1 
ATOM   252  C CE2 . PHE A 1 61  ? 3.084   -8.051  0.346   1.00 25.95 ? 35  PHE A CE2 1 
ATOM   253  C CZ  . PHE A 1 61  ? 2.580   -9.013  -0.490  1.00 24.27 ? 35  PHE A CZ  1 
ATOM   254  N N   . GLY A 1 62  ? -2.846  -5.160  2.401   1.00 22.74 ? 36  GLY A N   1 
ATOM   255  C CA  . GLY A 1 62  ? -3.725  -4.360  3.228   1.00 20.99 ? 36  GLY A CA  1 
ATOM   256  C C   . GLY A 1 62  ? -5.167  -4.486  2.783   1.00 22.93 ? 36  GLY A C   1 
ATOM   257  O O   . GLY A 1 62  ? -5.512  -5.268  1.903   1.00 27.41 ? 36  GLY A O   1 
ATOM   258  N N   . GLY A 1 63  ? -6.006  -3.692  3.431   1.00 19.32 ? 37  GLY A N   1 
ATOM   259  C CA  . GLY A 1 63  ? -7.426  -3.764  3.158   1.00 25.00 ? 37  GLY A CA  1 
ATOM   260  C C   . GLY A 1 63  ? -8.177  -3.034  4.245   1.00 21.68 ? 37  GLY A C   1 
ATOM   261  O O   . GLY A 1 63  ? -7.620  -2.177  4.925   1.00 19.57 ? 37  GLY A O   1 
ATOM   262  N N   . LYS A 1 64  ? -9.442  -3.399  4.400   1.00 24.47 ? 38  LYS A N   1 
ATOM   263  C CA  . LYS A 1 64  ? -10.300 -2.694  5.332   1.00 21.80 ? 38  LYS A CA  1 
ATOM   264  C C   . LYS A 1 64  ? -9.921  -3.022  6.769   1.00 21.04 ? 38  LYS A C   1 
ATOM   265  O O   . LYS A 1 64  ? -9.325  -4.058  7.063   1.00 24.89 ? 38  LYS A O   1 
ATOM   266  C CB  . LYS A 1 64  ? -11.769 -3.043  5.073   1.00 30.38 ? 38  LYS A CB  1 
ATOM   267  C CG  . LYS A 1 64  ? -12.284 -2.657  3.696   1.00 38.21 ? 38  LYS A CG  1 
ATOM   268  C CD  . LYS A 1 64  ? -13.719 -3.126  3.500   1.00 48.41 ? 38  LYS A CD  1 
ATOM   269  C CE  . LYS A 1 64  ? -14.054 -3.274  2.027   1.00 45.79 ? 38  LYS A CE  1 
ATOM   270  N N   . VAL A 1 65  ? -10.238 -2.093  7.657   1.00 22.77 ? 39  VAL A N   1 
ATOM   271  C CA  . VAL A 1 65  ? -10.048 -2.223  9.094   1.00 23.32 ? 39  VAL A CA  1 
ATOM   272  C C   . VAL A 1 65  ? -11.368 -2.679  9.701   1.00 28.14 ? 39  VAL A C   1 
ATOM   273  O O   . VAL A 1 65  ? -12.441 -2.236  9.274   1.00 31.34 ? 39  VAL A O   1 
ATOM   274  C CB  . VAL A 1 65  ? -9.604  -0.881  9.704   1.00 21.47 ? 39  VAL A CB  1 
ATOM   275  C CG1 . VAL A 1 65  ? -9.388  -1.006  11.192  1.00 25.89 ? 39  VAL A CG1 1 
ATOM   276  C CG2 . VAL A 1 65  ? -8.333  -0.346  8.990   1.00 23.25 ? 39  VAL A CG2 1 
ATOM   277  N N   . GLN A 1 66  ? -11.301 -3.549  10.696  1.00 21.51 ? 40  GLN A N   1 
ATOM   278  C CA  . GLN A 1 66  ? -12.542 -4.075  11.254  1.00 26.75 ? 40  GLN A CA  1 
ATOM   279  C C   . GLN A 1 66  ? -13.052 -3.211  12.403  1.00 23.04 ? 40  GLN A C   1 
ATOM   280  O O   . GLN A 1 66  ? -12.313 -2.425  13.008  1.00 28.70 ? 40  GLN A O   1 
ATOM   281  C CB  . GLN A 1 66  ? -12.352 -5.511  11.728  1.00 34.61 ? 40  GLN A CB  1 
ATOM   282  C CG  . GLN A 1 66  ? -11.968 -6.460  10.599  1.00 39.38 ? 40  GLN A CG  1 
ATOM   283  C CD  . GLN A 1 66  ? -11.929 -7.900  11.047  1.00 40.18 ? 40  GLN A CD  1 
ATOM   284  O OE1 . GLN A 1 66  ? -11.885 -8.190  12.246  1.00 48.94 ? 40  GLN A OE1 1 
ATOM   285  N NE2 . GLN A 1 66  ? -11.931 -8.816  10.088  1.00 48.77 ? 40  GLN A NE2 1 
ATOM   286  N N   . GLU A 1 67  ? -14.337 -3.371  12.698  1.00 26.98 ? 41  GLU A N   1 
ATOM   287  C CA  . GLU A 1 67  ? -14.920 -2.738  13.872  1.00 25.77 ? 41  GLU A CA  1 
ATOM   288  C C   . GLU A 1 67  ? -14.207 -3.229  15.129  1.00 22.61 ? 41  GLU A C   1 
ATOM   289  O O   . GLU A 1 67  ? -13.980 -4.430  15.297  1.00 28.11 ? 41  GLU A O   1 
ATOM   290  C CB  . GLU A 1 67  ? -16.422 -3.057  13.935  1.00 25.67 ? 41  GLU A CB  1 
ATOM   291  C CG  . GLU A 1 67  ? -17.225 -2.539  12.733  1.00 28.11 ? 41  GLU A CG  1 
ATOM   292  C CD  . GLU A 1 67  ? -18.695 -2.943  12.768  1.00 43.24 ? 41  GLU A CD  1 
ATOM   293  O OE1 . GLU A 1 67  ? -19.074 -3.739  13.655  1.00 43.84 ? 41  GLU A OE1 1 
ATOM   294  O OE2 . GLU A 1 67  ? -19.471 -2.465  11.902  1.00 41.19 ? 41  GLU A OE2 1 
ATOM   295  N N   . GLY A 1 68  ? -13.835 -2.297  16.005  1.00 26.01 ? 42  GLY A N   1 
ATOM   296  C CA  . GLY A 1 68  ? -13.142 -2.645  17.228  1.00 28.53 ? 42  GLY A CA  1 
ATOM   297  C C   . GLY A 1 68  ? -11.668 -2.946  17.065  1.00 27.04 ? 42  GLY A C   1 
ATOM   298  O O   . GLY A 1 68  ? -11.034 -3.400  18.020  1.00 29.41 ? 42  GLY A O   1 
ATOM   299  N N   . GLU A 1 69  ? -11.097 -2.686  15.893  1.00 27.24 ? 43  GLU A N   1 
ATOM   300  C CA  . GLU A 1 69  ? -9.704  -2.989  15.597  1.00 30.93 ? 43  GLU A CA  1 
ATOM   301  C C   . GLU A 1 69  ? -8.961  -1.682  15.345  1.00 33.88 ? 43  GLU A C   1 
ATOM   302  O O   . GLU A 1 69  ? -9.451  -0.825  14.603  1.00 31.80 ? 43  GLU A O   1 
ATOM   303  C CB  . GLU A 1 69  ? -9.638  -3.919  14.387  1.00 36.73 ? 43  GLU A CB  1 
ATOM   304  C CG  . GLU A 1 69  ? -8.267  -4.276  13.861  1.00 32.25 ? 43  GLU A CG  1 
ATOM   305  C CD  . GLU A 1 69  ? -8.373  -5.169  12.627  1.00 19.43 ? 43  GLU A CD  1 
ATOM   306  O OE1 . GLU A 1 69  ? -8.843  -4.696  11.571  1.00 28.76 ? 43  GLU A OE1 1 
ATOM   307  O OE2 . GLU A 1 69  ? -7.988  -6.354  12.705  1.00 29.85 ? 43  GLU A OE2 1 
ATOM   308  N N   . THR A 1 70  ? -7.802  -1.509  15.986  1.00 28.12 ? 44  THR A N   1 
ATOM   309  C CA  . THR A 1 70  ? -7.002  -0.327  15.697  1.00 25.47 ? 44  THR A CA  1 
ATOM   310  C C   . THR A 1 70  ? -6.426  -0.424  14.285  1.00 29.32 ? 44  THR A C   1 
ATOM   311  O O   . THR A 1 70  ? -6.386  -1.493  13.667  1.00 27.79 ? 44  THR A O   1 
ATOM   312  C CB  . THR A 1 70  ? -5.876  -0.140  16.719  1.00 34.33 ? 44  THR A CB  1 
ATOM   313  O OG1 . THR A 1 70  ? -4.718  -0.888  16.331  1.00 48.43 ? 44  THR A OG1 1 
ATOM   314  C CG2 . THR A 1 70  ? -6.319  -0.573  18.119  1.00 41.77 ? 44  THR A CG2 1 
ATOM   315  N N   . ILE A 1 71  ? -6.013  0.728   13.760  1.00 24.13 ? 45  ILE A N   1 
ATOM   316  C CA  . ILE A 1 71  ? -5.526  0.773   12.385  1.00 27.81 ? 45  ILE A CA  1 
ATOM   317  C C   . ILE A 1 71  ? -4.286  -0.090  12.248  1.00 21.17 ? 45  ILE A C   1 
ATOM   318  O O   . ILE A 1 71  ? -4.181  -0.910  11.323  1.00 26.39 ? 45  ILE A O   1 
ATOM   319  C CB  . ILE A 1 71  ? -5.272  2.231   11.956  1.00 27.05 ? 45  ILE A CB  1 
ATOM   320  C CG1 . ILE A 1 71  ? -6.602  3.002   11.899  1.00 28.59 ? 45  ILE A CG1 1 
ATOM   321  C CG2 . ILE A 1 71  ? -4.529  2.278   10.616  1.00 34.13 ? 45  ILE A CG2 1 
ATOM   322  C CD1 . ILE A 1 71  ? -6.471  4.463   11.488  1.00 24.95 ? 45  ILE A CD1 1 
ATOM   323  N N   . GLU A 1 72  ? -3.352  0.046   13.194  1.00 22.47 ? 46  GLU A N   1 
ATOM   324  C CA  . GLU A 1 72  ? -2.119  -0.741  13.168  1.00 24.22 ? 46  GLU A CA  1 
ATOM   325  C C   . GLU A 1 72  ? -2.401  -2.233  13.310  1.00 27.78 ? 46  GLU A C   1 
ATOM   326  O O   . GLU A 1 72  ? -1.796  -3.052  12.608  1.00 22.27 ? 46  GLU A O   1 
ATOM   327  C CB  . GLU A 1 72  ? -1.159  -0.256  14.264  1.00 29.91 ? 46  GLU A CB  1 
ATOM   328  C CG  . GLU A 1 72  ? 0.156   -1.039  14.354  1.00 42.15 ? 46  GLU A CG  1 
ATOM   329  C CD  . GLU A 1 72  ? 1.179   -0.393  15.280  1.00 40.84 ? 46  GLU A CD  1 
ATOM   330  O OE1 . GLU A 1 72  ? 1.264   0.852   15.311  1.00 54.74 ? 46  GLU A OE1 1 
ATOM   331  O OE2 . GLU A 1 72  ? 1.912   -1.132  15.969  1.00 55.78 ? 46  GLU A OE2 1 
ATOM   332  N N   . ASP A 1 73  ? -3.333  -2.613  14.187  1.00 30.07 ? 47  ASP A N   1 
ATOM   333  C CA  . ASP A 1 73  ? -3.682  -4.027  14.284  1.00 34.91 ? 47  ASP A CA  1 
ATOM   334  C C   . ASP A 1 73  ? -4.281  -4.553  12.980  1.00 20.85 ? 47  ASP A C   1 
ATOM   335  O O   . ASP A 1 73  ? -3.999  -5.686  12.580  1.00 27.15 ? 47  ASP A O   1 
ATOM   336  C CB  . ASP A 1 73  ? -4.634  -4.256  15.457  1.00 41.19 ? 47  ASP A CB  1 
ATOM   337  C CG  . ASP A 1 73  ? -3.928  -4.160  16.800  1.00 38.71 ? 47  ASP A CG  1 
ATOM   338  O OD1 . ASP A 1 73  ? -2.684  -4.033  16.812  1.00 44.45 ? 47  ASP A OD1 1 
ATOM   339  O OD2 . ASP A 1 73  ? -4.614  -4.207  17.841  1.00 48.10 ? 47  ASP A OD2 1 
ATOM   340  N N   . GLY A 1 74  ? -5.106  -3.750  12.301  1.00 24.68 ? 48  GLY A N   1 
ATOM   341  C CA  . GLY A 1 74  ? -5.645  -4.179  11.018  1.00 26.97 ? 48  GLY A CA  1 
ATOM   342  C C   . GLY A 1 74  ? -4.572  -4.345  9.956   1.00 27.01 ? 48  GLY A C   1 
ATOM   343  O O   . GLY A 1 74  ? -4.638  -5.255  9.124   1.00 22.28 ? 48  GLY A O   1 
ATOM   344  N N   . ALA A 1 75  ? -3.578  -3.460  9.956   1.00 20.71 ? 49  ALA A N   1 
ATOM   345  C CA  . ALA A 1 75  ? -2.499  -3.597  8.984   1.00 23.01 ? 49  ALA A CA  1 
ATOM   346  C C   . ALA A 1 75  ? -1.696  -4.860  9.246   1.00 26.82 ? 49  ALA A C   1 
ATOM   347  O O   . ALA A 1 75  ? -1.317  -5.570  8.307   1.00 28.73 ? 49  ALA A O   1 
ATOM   348  C CB  . ALA A 1 75  ? -1.603  -2.363  9.018   1.00 23.16 ? 49  ALA A CB  1 
ATOM   349  N N   . ARG A 1 76  ? -1.441  -5.158  10.520  1.00 27.46 ? 50  ARG A N   1 
ATOM   350  C CA  . ARG A 1 76  ? -0.744  -6.385  10.873  1.00 28.96 ? 50  ARG A CA  1 
ATOM   351  C C   . ARG A 1 76  ? -1.557  -7.605  10.461  1.00 21.03 ? 50  ARG A C   1 
ATOM   352  O O   . ARG A 1 76  ? -1.016  -8.555  9.882   1.00 25.56 ? 50  ARG A O   1 
ATOM   353  C CB  . ARG A 1 76  ? -0.462  -6.391  12.376  1.00 33.22 ? 50  ARG A CB  1 
ATOM   354  C CG  . ARG A 1 76  ? 0.568   -7.406  12.831  1.00 35.93 ? 50  ARG A CG  1 
ATOM   355  C CD  . ARG A 1 76  ? 0.786   -7.269  14.328  1.00 41.38 ? 50  ARG A CD  1 
ATOM   356  N NE  . ARG A 1 76  ? 1.082   -5.885  14.694  1.00 35.26 ? 50  ARG A NE  1 
ATOM   357  C CZ  . ARG A 1 76  ? 2.306   -5.405  14.872  1.00 42.47 ? 50  ARG A CZ  1 
ATOM   358  N NH1 . ARG A 1 76  ? 3.359   -6.201  14.734  1.00 42.87 ? 50  ARG A NH1 1 
ATOM   359  N NH2 . ARG A 1 76  ? 2.479   -4.131  15.198  1.00 48.36 ? 50  ARG A NH2 1 
ATOM   360  N N   . ARG A 1 77  ? -2.865  -7.594  10.739  1.00 25.58 ? 51  ARG A N   1 
ATOM   361  C CA  . ARG A 1 77  ? -3.710  -8.723  10.350  1.00 30.91 ? 51  ARG A CA  1 
ATOM   362  C C   . ARG A 1 77  ? -3.735  -8.907  8.836   1.00 27.00 ? 51  ARG A C   1 
ATOM   363  O O   . ARG A 1 77  ? -3.564  -10.024 8.329   1.00 28.00 ? 51  ARG A O   1 
ATOM   364  C CB  . ARG A 1 77  ? -5.132  -8.535  10.887  1.00 29.90 ? 51  ARG A CB  1 
ATOM   365  C CG  . ARG A 1 77  ? -6.126  -9.556  10.320  1.00 23.80 ? 51  ARG A CG  1 
ATOM   366  C CD  . ARG A 1 77  ? -7.558  -9.260  10.773  1.00 33.74 ? 51  ARG A CD  1 
ATOM   367  N NE  . ARG A 1 77  ? -7.903  -7.863  10.531  1.00 33.78 ? 51  ARG A NE  1 
ATOM   368  C CZ  . ARG A 1 77  ? -8.339  -7.393  9.367   1.00 28.46 ? 51  ARG A CZ  1 
ATOM   369  N NH1 . ARG A 1 77  ? -8.494  -8.215  8.341   1.00 26.66 ? 51  ARG A NH1 1 
ATOM   370  N NH2 . ARG A 1 77  ? -8.609  -6.096  9.226   1.00 28.21 ? 51  ARG A NH2 1 
ATOM   371  N N   . GLU A 1 78  ? -3.948  -7.821  8.093   1.00 24.72 ? 52  GLU A N   1 
ATOM   372  C CA  . GLU A 1 78  ? -4.027  -7.935  6.640   1.00 27.06 ? 52  GLU A CA  1 
ATOM   373  C C   . GLU A 1 78  ? -2.719  -8.425  6.025   1.00 27.02 ? 52  GLU A C   1 
ATOM   374  O O   . GLU A 1 78  ? -2.731  -9.187  5.047   1.00 24.76 ? 52  GLU A O   1 
ATOM   375  C CB  . GLU A 1 78  ? -4.439  -6.595  6.043   1.00 32.31 ? 52  GLU A CB  1 
ATOM   376  C CG  . GLU A 1 78  ? -5.903  -6.290  6.278   1.00 32.34 ? 52  GLU A CG  1 
ATOM   377  C CD  . GLU A 1 78  ? -6.832  -6.972  5.285   1.00 35.73 ? 52  GLU A CD  1 
ATOM   378  O OE1 . GLU A 1 78  ? -7.967  -6.486  5.114   1.00 43.60 ? 52  GLU A OE1 1 
ATOM   379  O OE2 . GLU A 1 78  ? -6.445  -7.982  4.671   1.00 39.58 ? 52  GLU A OE2 1 
ATOM   380  N N   . LEU A 1 79  ? -1.582  -7.982  6.557   1.00 25.22 ? 53  LEU A N   1 
ATOM   381  C CA  . LEU A 1 79  ? -0.301  -8.474  6.052   1.00 26.80 ? 53  LEU A CA  1 
ATOM   382  C C   . LEU A 1 79  ? -0.194  -9.986  6.220   1.00 28.60 ? 53  LEU A C   1 
ATOM   383  O O   . LEU A 1 79  ? 0.114   -10.711 5.265   1.00 28.02 ? 53  LEU A O   1 
ATOM   384  C CB  . LEU A 1 79  ? 0.848   -7.767  6.759   1.00 20.74 ? 53  LEU A CB  1 
ATOM   385  C CG  . LEU A 1 79  ? 2.253   -8.205  6.330   1.00 30.50 ? 53  LEU A CG  1 
ATOM   386  C CD1 . LEU A 1 79  ? 2.478   -7.958  4.839   1.00 29.49 ? 53  LEU A CD1 1 
ATOM   387  C CD2 . LEU A 1 79  ? 3.275   -7.461  7.150   1.00 34.82 ? 53  LEU A CD2 1 
ATOM   388  N N   . GLN A 1 80  ? -0.459  -10.483 7.431   1.00 30.38 ? 54  GLN A N   1 
ATOM   389  C CA  . GLN A 1 80  ? -0.441  -11.926 7.662   1.00 31.68 ? 54  GLN A CA  1 
ATOM   390  C C   . GLN A 1 80  ? -1.441  -12.644 6.767   1.00 33.96 ? 54  GLN A C   1 
ATOM   391  O O   . GLN A 1 80  ? -1.101  -13.636 6.108   1.00 43.78 ? 54  GLN A O   1 
ATOM   392  C CB  . GLN A 1 80  ? -0.741  -12.220 9.129   1.00 33.74 ? 54  GLN A CB  1 
ATOM   393  N N   . GLU A 1 81  ? -2.688  -12.159 6.734   1.00 32.48 ? 55  GLU A N   1 
ATOM   394  C CA  . GLU A 1 81  ? -3.726  -12.821 5.944   1.00 35.26 ? 55  GLU A CA  1 
ATOM   395  C C   . GLU A 1 81  ? -3.332  -12.925 4.476   1.00 37.94 ? 55  GLU A C   1 
ATOM   396  O O   . GLU A 1 81  ? -3.570  -13.955 3.831   1.00 35.97 ? 55  GLU A O   1 
ATOM   397  C CB  . GLU A 1 81  ? -5.060  -12.073 6.072   1.00 28.54 ? 55  GLU A CB  1 
ATOM   398  C CG  . GLU A 1 81  ? -5.797  -12.292 7.373   1.00 39.74 ? 55  GLU A CG  1 
ATOM   399  C CD  . GLU A 1 81  ? -7.171  -11.627 7.385   1.00 47.47 ? 55  GLU A CD  1 
ATOM   400  O OE1 . GLU A 1 81  ? -7.595  -11.100 6.332   1.00 42.71 ? 55  GLU A OE1 1 
ATOM   401  O OE2 . GLU A 1 81  ? -7.832  -11.639 8.447   1.00 44.94 ? 55  GLU A OE2 1 
ATOM   402  N N   . GLU A 1 82  ? -2.714  -11.876 3.934   1.00 30.79 ? 56  GLU A N   1 
ATOM   403  C CA  . GLU A 1 82  ? -2.511  -11.779 2.492   1.00 30.20 ? 56  GLU A CA  1 
ATOM   404  C C   . GLU A 1 82  ? -1.135  -12.238 2.038   1.00 34.17 ? 56  GLU A C   1 
ATOM   405  O O   . GLU A 1 82  ? -1.000  -12.703 0.902   1.00 32.29 ? 56  GLU A O   1 
ATOM   406  C CB  . GLU A 1 82  ? -2.736  -10.336 2.026   1.00 31.12 ? 56  GLU A CB  1 
ATOM   407  C CG  . GLU A 1 82  ? -4.144  -9.833  2.285   1.00 40.07 ? 56  GLU A CG  1 
ATOM   408  C CD  . GLU A 1 82  ? -4.402  -8.446  1.726   1.00 38.86 ? 56  GLU A CD  1 
ATOM   409  O OE1 . GLU A 1 82  ? -3.490  -7.840  1.121   1.00 32.64 ? 56  GLU A OE1 1 
ATOM   410  O OE2 . GLU A 1 82  ? -5.537  -7.961  1.894   1.00 52.80 ? 56  GLU A OE2 1 
ATOM   411  N N   . SER A 1 83  ? -0.106  -12.110 2.880   1.00 32.22 ? 57  SER A N   1 
ATOM   412  C CA  . SER A 1 83  ? 1.250   -12.482 2.493   1.00 32.54 ? 57  SER A CA  1 
ATOM   413  C C   . SER A 1 83  ? 1.800   -13.678 3.249   1.00 36.13 ? 57  SER A C   1 
ATOM   414  O O   . SER A 1 83  ? 2.866   -14.178 2.878   1.00 39.95 ? 57  SER A O   1 
ATOM   415  C CB  . SER A 1 83  ? 2.216   -11.302 2.689   1.00 21.98 ? 57  SER A CB  1 
ATOM   416  O OG  . SER A 1 83  ? 2.579   -11.150 4.050   1.00 26.92 ? 57  SER A OG  1 
ATOM   417  N N   . GLY A 1 84  ? 1.123   -14.135 4.300   1.00 34.08 ? 58  GLY A N   1 
ATOM   418  C CA  . GLY A 1 84  ? 1.686   -15.164 5.148   1.00 39.26 ? 58  GLY A CA  1 
ATOM   419  C C   . GLY A 1 84  ? 2.792   -14.702 6.067   1.00 31.72 ? 58  GLY A C   1 
ATOM   420  O O   . GLY A 1 84  ? 3.376   -15.525 6.767   1.00 36.93 ? 58  GLY A O   1 
ATOM   421  N N   . LEU A 1 85  ? 3.082   -13.405 6.113   1.00 33.98 ? 59  LEU A N   1 
ATOM   422  C CA  . LEU A 1 85  ? 4.191   -12.891 6.902   1.00 29.59 ? 59  LEU A CA  1 
ATOM   423  C C   . LEU A 1 85  ? 3.740   -12.399 8.272   1.00 31.63 ? 59  LEU A C   1 
ATOM   424  O O   . LEU A 1 85  ? 2.675   -11.797 8.416   1.00 33.87 ? 59  LEU A O   1 
ATOM   425  C CB  . LEU A 1 85  ? 4.881   -11.755 6.140   1.00 35.55 ? 59  LEU A CB  1 
ATOM   426  C CG  . LEU A 1 85  ? 5.505   -12.151 4.797   1.00 28.51 ? 59  LEU A CG  1 
ATOM   427  C CD1 . LEU A 1 85  ? 5.987   -10.914 4.046   1.00 27.92 ? 59  LEU A CD1 1 
ATOM   428  C CD2 . LEU A 1 85  ? 6.667   -13.114 5.006   1.00 29.08 ? 59  LEU A CD2 1 
ATOM   429  N N   . THR A 1 86  ? 4.574   -12.634 9.280   1.00 37.54 ? 60  THR A N   1 
ATOM   430  C CA  . THR A 1 86  ? 4.393   -12.059 10.605  1.00 38.90 ? 60  THR A CA  1 
ATOM   431  C C   . THR A 1 86  ? 5.450   -10.986 10.809  1.00 31.28 ? 60  THR A C   1 
ATOM   432  O O   . THR A 1 86  ? 6.626   -11.212 10.513  1.00 34.25 ? 60  THR A O   1 
ATOM   433  C CB  . THR A 1 86  ? 4.502   -13.126 11.697  1.00 41.15 ? 60  THR A CB  1 
ATOM   434  O OG1 . THR A 1 86  ? 3.608   -14.205 11.397  1.00 35.35 ? 60  THR A OG1 1 
ATOM   435  C CG2 . THR A 1 86  ? 4.161   -12.543 13.052  1.00 40.63 ? 60  THR A CG2 1 
ATOM   436  N N   . VAL A 1 87  ? 5.036   -9.818  11.295  1.00 42.83 ? 61  VAL A N   1 
ATOM   437  C CA  . VAL A 1 87  ? 5.978   -8.724  11.480  1.00 42.55 ? 61  VAL A CA  1 
ATOM   438  C C   . VAL A 1 87  ? 5.965   -8.258  12.925  1.00 51.51 ? 61  VAL A C   1 
ATOM   439  O O   . VAL A 1 87  ? 4.952   -8.339  13.625  1.00 55.80 ? 61  VAL A O   1 
ATOM   440  C CB  . VAL A 1 87  ? 5.699   -7.537  10.535  1.00 40.13 ? 61  VAL A CB  1 
ATOM   441  C CG1 . VAL A 1 87  ? 6.053   -7.927  9.113   1.00 39.56 ? 61  VAL A CG1 1 
ATOM   442  C CG2 . VAL A 1 87  ? 4.253   -7.081  10.647  1.00 36.05 ? 61  VAL A CG2 1 
ATOM   443  N N   . ASP A 1 88  ? 7.119   -7.765  13.366  1.00 48.28 ? 62  ASP A N   1 
ATOM   444  C CA  . ASP A 1 88  ? 7.229   -7.134  14.671  1.00 49.73 ? 62  ASP A CA  1 
ATOM   445  C C   . ASP A 1 88  ? 6.822   -5.671  14.560  1.00 48.98 ? 62  ASP A C   1 
ATOM   446  O O   . ASP A 1 88  ? 5.639   -5.336  14.673  1.00 56.19 ? 62  ASP A O   1 
ATOM   447  N N   . ALA A 1 89  ? 7.788   -4.795  14.320  1.00 42.24 ? 63  ALA A N   1 
ATOM   448  C CA  . ALA A 1 89  ? 7.522   -3.367  14.357  1.00 50.90 ? 63  ALA A CA  1 
ATOM   449  C C   . ALA A 1 89  ? 6.908   -2.910  13.040  1.00 29.55 ? 63  ALA A C   1 
ATOM   450  O O   . ALA A 1 89  ? 7.417   -3.234  11.963  1.00 32.81 ? 63  ALA A O   1 
ATOM   451  C CB  . ALA A 1 89  ? 8.812   -2.598  14.647  1.00 40.46 ? 63  ALA A CB  1 
ATOM   452  N N   . LEU A 1 90  ? 5.804   -2.171  13.127  1.00 29.78 ? 64  LEU A N   1 
ATOM   453  C CA  . LEU A 1 90  ? 5.217   -1.503  11.977  1.00 21.90 ? 64  LEU A CA  1 
ATOM   454  C C   . LEU A 1 90  ? 5.414   -0.010  12.157  1.00 33.77 ? 64  LEU A C   1 
ATOM   455  O O   . LEU A 1 90  ? 5.089   0.535   13.215  1.00 34.57 ? 64  LEU A O   1 
ATOM   456  C CB  . LEU A 1 90  ? 3.719   -1.822  11.839  1.00 32.90 ? 64  LEU A CB  1 
ATOM   457  C CG  . LEU A 1 90  ? 3.247   -3.025  11.013  1.00 30.10 ? 64  LEU A CG  1 
ATOM   458  C CD1 . LEU A 1 90  ? 1.750   -3.252  11.241  1.00 38.59 ? 64  LEU A CD1 1 
ATOM   459  C CD2 . LEU A 1 90  ? 3.537   -2.867  9.512   1.00 24.58 ? 64  LEU A CD2 1 
ATOM   460  N N   . HIS A 1 91  ? 5.934   0.655   11.136  1.00 24.17 ? 65  HIS A N   1 
ATOM   461  C CA  . HIS A 1 91  ? 6.129   2.094   11.188  1.00 26.54 ? 65  HIS A CA  1 
ATOM   462  C C   . HIS A 1 91  ? 5.126   2.783   10.274  1.00 23.36 ? 65  HIS A C   1 
ATOM   463  O O   . HIS A 1 91  ? 5.028   2.451   9.094   1.00 19.68 ? 65  HIS A O   1 
ATOM   464  C CB  . HIS A 1 91  ? 7.562   2.455   10.799  1.00 24.56 ? 65  HIS A CB  1 
ATOM   465  C CG  . HIS A 1 91  ? 8.592   1.722   11.602  1.00 34.99 ? 65  HIS A CG  1 
ATOM   466  N ND1 . HIS A 1 91  ? 8.701   1.861   12.969  1.00 39.97 ? 65  HIS A ND1 1 
ATOM   467  C CD2 . HIS A 1 91  ? 9.525   0.811   11.241  1.00 43.55 ? 65  HIS A CD2 1 
ATOM   468  C CE1 . HIS A 1 91  ? 9.667   1.078   13.415  1.00 44.23 ? 65  HIS A CE1 1 
ATOM   469  N NE2 . HIS A 1 91  ? 10.185  0.431   12.386  1.00 43.11 ? 65  HIS A NE2 1 
ATOM   470  N N   . LYS A 1 92  ? 4.392   3.754   10.809  1.00 22.89 ? 66  LYS A N   1 
ATOM   471  C CA  . LYS A 1 92  ? 3.527   4.555   9.954   1.00 20.07 ? 66  LYS A CA  1 
ATOM   472  C C   . LYS A 1 92  ? 4.381   5.494   9.110   1.00 21.87 ? 66  LYS A C   1 
ATOM   473  O O   . LYS A 1 92  ? 5.245   6.210   9.631   1.00 31.42 ? 66  LYS A O   1 
ATOM   474  C CB  . LYS A 1 92  ? 2.525   5.343   10.807  1.00 29.10 ? 66  LYS A CB  1 
ATOM   475  N N   . VAL A 1 93  ? 4.169   5.475   7.803   1.00 17.22 ? 67  VAL A N   1 
ATOM   476  C CA  . VAL A 1 93  ? 4.923   6.339   6.909   1.00 18.88 ? 67  VAL A CA  1 
ATOM   477  C C   . VAL A 1 93  ? 4.052   7.299   6.107   1.00 24.72 ? 67  VAL A C   1 
ATOM   478  O O   . VAL A 1 93  ? 4.567   8.313   5.614   1.00 21.37 ? 67  VAL A O   1 
ATOM   479  C CB  . VAL A 1 93  ? 5.799   5.500   5.965   1.00 24.74 ? 67  VAL A CB  1 
ATOM   480  C CG1 . VAL A 1 93  ? 6.843   4.781   6.772   1.00 30.85 ? 67  VAL A CG1 1 
ATOM   481  C CG2 . VAL A 1 93  ? 4.937   4.508   5.202   1.00 25.32 ? 67  VAL A CG2 1 
ATOM   482  N N   . GLY A 1 94  ? 2.753   7.062   5.960   1.00 24.18 ? 68  GLY A N   1 
ATOM   483  C CA  . GLY A 1 94  ? 1.974   7.978   5.149   1.00 21.12 ? 68  GLY A CA  1 
ATOM   484  C C   . GLY A 1 94  ? 0.487   7.845   5.357   1.00 20.70 ? 68  GLY A C   1 
ATOM   485  O O   . GLY A 1 94  ? -0.002  6.842   5.879   1.00 21.11 ? 68  GLY A O   1 
ATOM   486  N N   . GLN A 1 95  ? -0.232  8.875   4.918   1.00 17.89 ? 69  GLN A N   1 
ATOM   487  C CA  . GLN A 1 95  ? -1.683  8.841   4.800   1.00 21.38 ? 69  GLN A CA  1 
ATOM   488  C C   . GLN A 1 95  ? -2.047  9.398   3.434   1.00 27.53 ? 69  GLN A C   1 
ATOM   489  O O   . GLN A 1 95  ? -1.634  10.511  3.097   1.00 24.28 ? 69  GLN A O   1 
ATOM   490  C CB  . GLN A 1 95  ? -2.352  9.659   5.913   1.00 27.42 ? 69  GLN A CB  1 
ATOM   491  C CG  . GLN A 1 95  ? -3.815  9.345   6.116   1.00 28.71 ? 69  GLN A CG  1 
ATOM   492  C CD  . GLN A 1 95  ? -4.336  9.877   7.440   1.00 33.84 ? 69  GLN A CD  1 
ATOM   493  O OE1 . GLN A 1 95  ? -3.587  10.450  8.229   1.00 32.59 ? 69  GLN A OE1 1 
ATOM   494  N NE2 . GLN A 1 95  ? -5.630  9.706   7.679   1.00 36.13 ? 69  GLN A NE2 1 
ATOM   495  N N   . ILE A 1 96  ? -2.779  8.610   2.638   1.00 18.81 ? 70  ILE A N   1 
ATOM   496  C CA  . ILE A 1 96  ? -3.243  9.016   1.312   1.00 19.34 ? 70  ILE A CA  1 
ATOM   497  C C   . ILE A 1 96  ? -4.753  8.868   1.234   1.00 26.72 ? 70  ILE A C   1 
ATOM   498  O O   . ILE A 1 96  ? -5.293  7.792   1.520   1.00 20.98 ? 70  ILE A O   1 
ATOM   499  C CB  . ILE A 1 96  ? -2.588  8.190   0.191   1.00 18.88 ? 70  ILE A CB  1 
ATOM   500  C CG1 . ILE A 1 96  ? -1.068  8.171   0.365   1.00 26.32 ? 70  ILE A CG1 1 
ATOM   501  C CG2 . ILE A 1 96  ? -2.992  8.748   -1.158  1.00 26.03 ? 70  ILE A CG2 1 
ATOM   502  C CD1 . ILE A 1 96  ? -0.385  7.094   -0.451  1.00 31.01 ? 70  ILE A CD1 1 
ATOM   503  N N   . VAL A 1 97  ? -5.426  9.926   0.792   1.00 22.64 ? 71  VAL A N   1 
ATOM   504  C CA  . VAL A 1 97  ? -6.861  9.892   0.538   1.00 22.69 ? 71  VAL A CA  1 
ATOM   505  C C   . VAL A 1 97  ? -7.079  9.802   -0.965  1.00 20.88 ? 71  VAL A C   1 
ATOM   506  O O   . VAL A 1 97  ? -6.497  10.580  -1.732  1.00 27.16 ? 71  VAL A O   1 
ATOM   507  C CB  . VAL A 1 97  ? -7.567  11.122  1.130   1.00 24.44 ? 71  VAL A CB  1 
ATOM   508  C CG1 . VAL A 1 97  ? -9.068  11.060  0.811   1.00 30.85 ? 71  VAL A CG1 1 
ATOM   509  C CG2 . VAL A 1 97  ? -7.324  11.202  2.623   1.00 20.63 ? 71  VAL A CG2 1 
ATOM   510  N N   . PHE A 1 98  ? -7.855  8.812   -1.389  1.00 20.64 ? 72  PHE A N   1 
ATOM   511  C CA  . PHE A 1 98  ? -8.201  8.626   -2.790  1.00 20.51 ? 72  PHE A CA  1 
ATOM   512  C C   . PHE A 1 98  ? -9.651  9.001   -3.021  1.00 25.21 ? 72  PHE A C   1 
ATOM   513  O O   . PHE A 1 98  ? -10.531 8.574   -2.266  1.00 23.38 ? 72  PHE A O   1 
ATOM   514  C CB  . PHE A 1 98  ? -7.997  7.184   -3.224  1.00 23.92 ? 72  PHE A CB  1 
ATOM   515  C CG  . PHE A 1 98  ? -6.571  6.756   -3.204  1.00 19.49 ? 72  PHE A CG  1 
ATOM   516  C CD1 . PHE A 1 98  ? -5.693  7.227   -4.153  1.00 24.27 ? 72  PHE A CD1 1 
ATOM   517  C CD2 . PHE A 1 98  ? -6.113  5.880   -2.251  1.00 27.44 ? 72  PHE A CD2 1 
ATOM   518  C CE1 . PHE A 1 98  ? -4.366  6.838   -4.145  1.00 27.32 ? 72  PHE A CE1 1 
ATOM   519  C CE2 . PHE A 1 98  ? -4.788  5.485   -2.241  1.00 31.39 ? 72  PHE A CE2 1 
ATOM   520  C CZ  . PHE A 1 98  ? -3.919  5.972   -3.190  1.00 18.90 ? 72  PHE A CZ  1 
ATOM   521  N N   . GLU A 1 99  ? -9.889  9.761   -4.084  1.00 18.39 ? 73  GLU A N   1 
ATOM   522  C CA  . GLU A 1 99  ? -11.228 10.035  -4.597  1.00 26.21 ? 73  GLU A CA  1 
ATOM   523  C C   . GLU A 1 99  ? -11.346 9.473   -6.000  1.00 23.39 ? 73  GLU A C   1 
ATOM   524  O O   . GLU A 1 99  ? -10.477 9.713   -6.847  1.00 28.76 ? 73  GLU A O   1 
ATOM   525  C CB  . GLU A 1 99  ? -11.538 11.533  -4.631  1.00 26.66 ? 73  GLU A CB  1 
ATOM   526  C CG  . GLU A 1 99  ? -12.923 11.818  -5.166  1.00 30.64 ? 73  GLU A CG  1 
ATOM   527  C CD  . GLU A 1 99  ? -13.091 13.227  -5.689  1.00 31.92 ? 73  GLU A CD  1 
ATOM   528  O OE1 . GLU A 1 99  ? -12.500 14.159  -5.116  1.00 36.44 ? 73  GLU A OE1 1 
ATOM   529  O OE2 . GLU A 1 99  ? -13.855 13.398  -6.660  1.00 41.66 ? 73  GLU A OE2 1 
ATOM   530  N N   . PHE A 1 100 ? -12.408 8.716   -6.239  1.00 24.43 ? 74  PHE A N   1 
ATOM   531  C CA  . PHE A 1 100 ? -12.822 8.360   -7.584  1.00 22.76 ? 74  PHE A CA  1 
ATOM   532  C C   . PHE A 1 100 ? -14.077 9.151   -7.928  1.00 31.46 ? 74  PHE A C   1 
ATOM   533  O O   . PHE A 1 100 ? -15.050 9.128   -7.169  1.00 31.32 ? 74  PHE A O   1 
ATOM   534  C CB  . PHE A 1 100 ? -13.066 6.855   -7.708  1.00 24.77 ? 74  PHE A CB  1 
ATOM   535  C CG  . PHE A 1 100 ? -11.821 6.043   -7.553  1.00 24.29 ? 74  PHE A CG  1 
ATOM   536  C CD1 . PHE A 1 100 ? -11.265 5.839   -6.299  1.00 29.87 ? 74  PHE A CD1 1 
ATOM   537  C CD2 . PHE A 1 100 ? -11.180 5.518   -8.672  1.00 27.66 ? 74  PHE A CD2 1 
ATOM   538  C CE1 . PHE A 1 100 ? -10.092 5.107   -6.154  1.00 36.19 ? 74  PHE A CE1 1 
ATOM   539  C CE2 . PHE A 1 100 ? -10.020 4.789   -8.538  1.00 31.98 ? 74  PHE A CE2 1 
ATOM   540  C CZ  . PHE A 1 100 ? -9.474  4.581   -7.278  1.00 36.92 ? 74  PHE A CZ  1 
ATOM   541  N N   . VAL A 1 101 ? -14.037 9.869   -9.057  1.00 26.52 ? 75  VAL A N   1 
ATOM   542  C CA  . VAL A 1 101 ? -15.178 10.678  -9.476  1.00 25.82 ? 75  VAL A CA  1 
ATOM   543  C C   . VAL A 1 101 ? -16.387 9.784   -9.695  1.00 19.58 ? 75  VAL A C   1 
ATOM   544  O O   . VAL A 1 101 ? -16.288 8.709   -10.303 1.00 24.07 ? 75  VAL A O   1 
ATOM   545  C CB  . VAL A 1 101 ? -14.835 11.480  -10.741 1.00 27.43 ? 75  VAL A CB  1 
ATOM   546  C CG1 . VAL A 1 101 ? -16.077 12.220  -11.254 1.00 29.88 ? 75  VAL A CG1 1 
ATOM   547  C CG2 . VAL A 1 101 ? -13.706 12.456  -10.446 1.00 29.84 ? 75  VAL A CG2 1 
ATOM   548  N N   . GLY A 1 102 ? -17.531 10.210  -9.173  1.00 22.65 ? 76  GLY A N   1 
ATOM   549  C CA  . GLY A 1 102 ? -18.735 9.415   -9.212  1.00 33.38 ? 76  GLY A CA  1 
ATOM   550  C C   . GLY A 1 102 ? -18.912 8.460   -8.048  1.00 36.51 ? 76  GLY A C   1 
ATOM   551  O O   . GLY A 1 102 ? -20.015 7.936   -7.855  1.00 41.62 ? 76  GLY A O   1 
ATOM   552  N N   . GLU A 1 103 ? -17.864 8.213   -7.271  1.00 27.45 ? 77  GLU A N   1 
ATOM   553  C CA  . GLU A 1 103 ? -17.938 7.288   -6.149  1.00 28.54 ? 77  GLU A CA  1 
ATOM   554  C C   . GLU A 1 103 ? -18.055 8.076   -4.859  1.00 20.26 ? 77  GLU A C   1 
ATOM   555  O O   . GLU A 1 103 ? -17.174 8.908   -4.567  1.00 24.36 ? 77  GLU A O   1 
ATOM   556  C CB  . GLU A 1 103 ? -16.706 6.387   -6.107  1.00 35.72 ? 77  GLU A CB  1 
ATOM   557  C CG  . GLU A 1 103 ? -16.763 5.224   -7.077  1.00 35.18 ? 77  GLU A CG  1 
ATOM   558  N N   . PRO A 1 104 ? -19.103 7.873   -4.058  1.00 21.12 ? 78  PRO A N   1 
ATOM   559  C CA  . PRO A 1 104 ? -19.250 8.703   -2.854  1.00 23.52 ? 78  PRO A CA  1 
ATOM   560  C C   . PRO A 1 104 ? -18.209 8.436   -1.773  1.00 26.38 ? 78  PRO A C   1 
ATOM   561  O O   . PRO A 1 104 ? -17.847 9.364   -1.041  1.00 23.10 ? 78  PRO A O   1 
ATOM   562  C CB  . PRO A 1 104 ? -20.676 8.382   -2.368  1.00 24.23 ? 78  PRO A CB  1 
ATOM   563  C CG  . PRO A 1 104 ? -21.002 7.065   -2.966  1.00 31.84 ? 78  PRO A CG  1 
ATOM   564  C CD  . PRO A 1 104 ? -20.280 7.017   -4.297  1.00 28.35 ? 78  PRO A CD  1 
ATOM   565  N N   . GLU A 1 105 ? -17.715 7.210   -1.630  1.00 23.45 ? 79  GLU A N   1 
ATOM   566  C CA  . GLU A 1 105 ? -16.816 6.906   -0.528  1.00 28.71 ? 79  GLU A CA  1 
ATOM   567  C C   . GLU A 1 105 ? -15.390 7.297   -0.897  1.00 23.13 ? 79  GLU A C   1 
ATOM   568  O O   . GLU A 1 105 ? -14.886 6.886   -1.949  1.00 23.31 ? 79  GLU A O   1 
ATOM   569  C CB  . GLU A 1 105 ? -16.893 5.420   -0.177  1.00 37.97 ? 79  GLU A CB  1 
ATOM   570  C CG  . GLU A 1 105 ? -16.588 5.104   1.262   1.00 41.75 ? 79  GLU A CG  1 
ATOM   571  C CD  . GLU A 1 105 ? -16.962 3.685   1.631   1.00 37.61 ? 79  GLU A CD  1 
ATOM   572  O OE1 . GLU A 1 105 ? -16.340 2.748   1.095   1.00 46.08 ? 79  GLU A OE1 1 
ATOM   573  O OE2 . GLU A 1 105 ? -17.885 3.508   2.457   1.00 52.41 ? 79  GLU A OE2 1 
ATOM   574  N N   . LEU A 1 106 ? -14.764 8.132   -0.061  1.00 22.41 ? 80  LEU A N   1 
ATOM   575  C CA  . LEU A 1 106 ? -13.313 8.342   -0.126  1.00 24.73 ? 80  LEU A CA  1 
ATOM   576  C C   . LEU A 1 106 ? -12.574 7.195   0.558   1.00 23.18 ? 80  LEU A C   1 
ATOM   577  O O   . LEU A 1 106 ? -13.063 6.621   1.528   1.00 25.22 ? 80  LEU A O   1 
ATOM   578  C CB  . LEU A 1 106 ? -12.911 9.649   0.552   1.00 22.95 ? 80  LEU A CB  1 
ATOM   579  C CG  . LEU A 1 106 ? -13.545 10.919  -0.002  1.00 25.22 ? 80  LEU A CG  1 
ATOM   580  C CD1 . LEU A 1 106 ? -13.014 12.133  0.728   1.00 24.41 ? 80  LEU A CD1 1 
ATOM   581  C CD2 . LEU A 1 106 ? -13.300 11.009  -1.513  1.00 23.84 ? 80  LEU A CD2 1 
ATOM   582  N N   . MET A 1 107 ? -11.391 6.846   0.025   1.00 19.61 ? 81  MET A N   1 
ATOM   583  C CA  . MET A 1 107 ? -10.512 5.859   0.648   1.00 24.40 ? 81  MET A CA  1 
ATOM   584  C C   . MET A 1 107 ? -9.440  6.580   1.464   1.00 26.42 ? 81  MET A C   1 
ATOM   585  O O   . MET A 1 107 ? -8.646  7.348   0.914   1.00 26.43 ? 81  MET A O   1 
ATOM   586  C CB  . MET A 1 107 ? -9.839  4.962   -0.398  1.00 18.62 ? 81  MET A CB  1 
ATOM   587  C CG  . MET A 1 107 ? -10.779 4.101   -1.195  1.00 19.80 ? 81  MET A CG  1 
ATOM   588  S SD  . MET A 1 107 ? -9.841  3.172   -2.417  1.00 33.20 ? 81  MET A SD  1 
ATOM   589  C CE  . MET A 1 107 ? -8.598  2.431   -1.361  1.00 29.66 ? 81  MET A CE  1 
ATOM   590  N N   . ASP A 1 108 ? -9.420  6.325   2.768   1.00 18.66 ? 82  ASP A N   1 
ATOM   591  C CA  . ASP A 1 108 ? -8.444  6.889   3.701   1.00 22.47 ? 82  ASP A CA  1 
ATOM   592  C C   . ASP A 1 108 ? -7.390  5.822   3.977   1.00 23.27 ? 82  ASP A C   1 
ATOM   593  O O   . ASP A 1 108 ? -7.582  4.949   4.821   1.00 21.67 ? 82  ASP A O   1 
ATOM   594  C CB  . ASP A 1 108 ? -9.143  7.318   4.989   1.00 26.59 ? 82  ASP A CB  1 
ATOM   595  C CG  . ASP A 1 108 ? -8.193  7.936   6.002   1.00 34.62 ? 82  ASP A CG  1 
ATOM   596  O OD1 . ASP A 1 108 ? -7.105  8.396   5.606   1.00 32.82 ? 82  ASP A OD1 1 
ATOM   597  O OD2 . ASP A 1 108 ? -8.536  7.943   7.207   1.00 33.07 ? 82  ASP A OD2 1 
ATOM   598  N N   . VAL A 1 109 ? -6.277  5.874   3.249   1.00 21.08 ? 83  VAL A N   1 
ATOM   599  C CA  . VAL A 1 109 ? -5.304  4.779   3.259   1.00 21.56 ? 83  VAL A CA  1 
ATOM   600  C C   . VAL A 1 109 ? -4.138  5.137   4.176   1.00 21.28 ? 83  VAL A C   1 
ATOM   601  O O   . VAL A 1 109 ? -3.431  6.132   3.961   1.00 21.38 ? 83  VAL A O   1 
ATOM   602  C CB  . VAL A 1 109 ? -4.811  4.442   1.841   1.00 18.71 ? 83  VAL A CB  1 
ATOM   603  C CG1 . VAL A 1 109 ? -3.851  3.254   1.911   1.00 18.42 ? 83  VAL A CG1 1 
ATOM   604  C CG2 . VAL A 1 109 ? -5.993  4.145   0.884   1.00 17.00 ? 83  VAL A CG2 1 
ATOM   605  N N   . HIS A 1 110 ? -3.926  4.316   5.197   1.00 19.30 ? 84  HIS A N   1 
ATOM   606  C CA  . HIS A 1 110 ? -2.831  4.490   6.136   1.00 25.39 ? 84  HIS A CA  1 
ATOM   607  C C   . HIS A 1 110 ? -1.704  3.551   5.744   1.00 20.22 ? 84  HIS A C   1 
ATOM   608  O O   . HIS A 1 110 ? -1.884  2.331   5.757   1.00 16.60 ? 84  HIS A O   1 
ATOM   609  C CB  . HIS A 1 110 ? -3.311  4.223   7.557   1.00 27.08 ? 84  HIS A CB  1 
ATOM   610  C CG  . HIS A 1 110 ? -4.331  5.214   8.007   1.00 24.08 ? 84  HIS A CG  1 
ATOM   611  N ND1 . HIS A 1 110 ? -4.093  6.123   9.013   1.00 25.85 ? 84  HIS A ND1 1 
ATOM   612  C CD2 . HIS A 1 110 ? -5.571  5.486   7.536   1.00 26.85 ? 84  HIS A CD2 1 
ATOM   613  C CE1 . HIS A 1 110 ? -5.153  6.900   9.156   1.00 20.79 ? 84  HIS A CE1 1 
ATOM   614  N NE2 . HIS A 1 110 ? -6.064  6.532   8.276   1.00 24.76 ? 84  HIS A NE2 1 
ATOM   615  N N   . VAL A 1 111 ? -0.558  4.127   5.394   1.00 19.47 ? 85  VAL A N   1 
ATOM   616  C CA  . VAL A 1 111 ? 0.558   3.394   4.804   1.00 17.83 ? 85  VAL A CA  1 
ATOM   617  C C   . VAL A 1 111 ? 1.577   3.102   5.889   1.00 18.20 ? 85  VAL A C   1 
ATOM   618  O O   . VAL A 1 111 ? 1.944   3.992   6.675   1.00 21.67 ? 85  VAL A O   1 
ATOM   619  C CB  . VAL A 1 111 ? 1.195   4.184   3.646   1.00 17.17 ? 85  VAL A CB  1 
ATOM   620  C CG1 . VAL A 1 111 ? 2.283   3.341   2.973   1.00 15.78 ? 85  VAL A CG1 1 
ATOM   621  C CG2 . VAL A 1 111 ? 0.122   4.656   2.661   1.00 15.50 ? 85  VAL A CG2 1 
ATOM   622  N N   . PHE A 1 112 ? 2.047   1.858   5.929   1.00 17.39 ? 86  PHE A N   1 
ATOM   623  C CA  . PHE A 1 112 ? 3.034   1.417   6.895   1.00 19.04 ? 86  PHE A CA  1 
ATOM   624  C C   . PHE A 1 112 ? 4.184   0.758   6.159   1.00 19.75 ? 86  PHE A C   1 
ATOM   625  O O   . PHE A 1 112 ? 4.012   0.230   5.053   1.00 19.34 ? 86  PHE A O   1 
ATOM   626  C CB  . PHE A 1 112 ? 2.462   0.392   7.894   1.00 19.41 ? 86  PHE A CB  1 
ATOM   627  C CG  . PHE A 1 112 ? 1.373   0.926   8.771   1.00 19.21 ? 86  PHE A CG  1 
ATOM   628  C CD1 . PHE A 1 112 ? 0.074   0.981   8.318   1.00 18.61 ? 86  PHE A CD1 1 
ATOM   629  C CD2 . PHE A 1 112 ? 1.652   1.376   10.055  1.00 25.09 ? 86  PHE A CD2 1 
ATOM   630  C CE1 . PHE A 1 112 ? -0.951  1.483   9.133   1.00 23.47 ? 86  PHE A CE1 1 
ATOM   631  C CE2 . PHE A 1 112 ? 0.637   1.868   10.868  1.00 23.27 ? 86  PHE A CE2 1 
ATOM   632  C CZ  . PHE A 1 112 ? -0.664  1.917   10.403  1.00 27.09 ? 86  PHE A CZ  1 
ATOM   633  N N   . CYS A 1 113 ? 5.353   0.783   6.796   1.00 21.31 ? 87  CYS A N   1 
ATOM   634  C CA  A CYS A 1 113 ? 6.543   0.088   6.319   0.44 19.85 ? 87  CYS A CA  1 
ATOM   635  C CA  B CYS A 1 113 ? 6.504   0.042   6.303   0.56 19.83 ? 87  CYS A CA  1 
ATOM   636  C C   . CYS A 1 113 ? 7.111   -0.794  7.422   1.00 27.10 ? 87  CYS A C   1 
ATOM   637  O O   . CYS A 1 113 ? 7.017   -0.461  8.605   1.00 22.76 ? 87  CYS A O   1 
ATOM   638  C CB  A CYS A 1 113 ? 7.626   1.072   5.870   0.44 24.34 ? 87  CYS A CB  1 
ATOM   639  C CB  B CYS A 1 113 ? 7.566   0.970   5.714   0.56 24.54 ? 87  CYS A CB  1 
ATOM   640  S SG  A CYS A 1 113 ? 7.529   1.523   4.141   0.44 30.81 ? 87  CYS A SG  1 
ATOM   641  S SG  B CYS A 1 113 ? 8.510   1.857   6.939   0.56 27.99 ? 87  CYS A SG  1 
ATOM   642  N N   . THR A 1 114 ? 7.731   -1.903  7.020   1.00 18.89 ? 88  THR A N   1 
ATOM   643  C CA  . THR A 1 114 ? 8.393   -2.794  7.949   1.00 22.67 ? 88  THR A CA  1 
ATOM   644  C C   . THR A 1 114 ? 9.584   -3.416  7.231   1.00 23.28 ? 88  THR A C   1 
ATOM   645  O O   . THR A 1 114 ? 9.565   -3.584  6.008   1.00 22.66 ? 88  THR A O   1 
ATOM   646  C CB  . THR A 1 114 ? 7.445   -3.887  8.467   1.00 26.35 ? 88  THR A CB  1 
ATOM   647  O OG1 . THR A 1 114 ? 8.107   -4.634  9.494   1.00 30.85 ? 88  THR A OG1 1 
ATOM   648  C CG2 . THR A 1 114 ? 7.050   -4.836  7.347   1.00 28.11 ? 88  THR A CG2 1 
ATOM   649  N N   . ASP A 1 115 ? 10.634  -3.729  8.001   1.00 24.39 ? 89  ASP A N   1 
ATOM   650  C CA  . ASP A 1 115 ? 11.774  -4.483  7.488   1.00 25.10 ? 89  ASP A CA  1 
ATOM   651  C C   . ASP A 1 115 ? 12.058  -5.762  8.262   1.00 33.84 ? 89  ASP A C   1 
ATOM   652  O O   . ASP A 1 115 ? 12.874  -6.564  7.799   1.00 43.86 ? 89  ASP A O   1 
ATOM   653  C CB  . ASP A 1 115 ? 13.039  -3.613  7.493   1.00 31.90 ? 89  ASP A CB  1 
ATOM   654  N N   . SER A 1 116 ? 11.421  -5.978  9.409   1.00 33.43 ? 90  SER A N   1 
ATOM   655  C CA  . SER A 1 116 ? 11.621  -7.170  10.232  1.00 38.31 ? 90  SER A CA  1 
ATOM   656  C C   . SER A 1 116 ? 10.388  -8.058  10.094  1.00 32.21 ? 90  SER A C   1 
ATOM   657  O O   . SER A 1 116 ? 9.358   -7.817  10.729  1.00 42.28 ? 90  SER A O   1 
ATOM   658  C CB  . SER A 1 116 ? 11.878  -6.789  11.688  1.00 46.97 ? 90  SER A CB  1 
ATOM   659  N N   . ILE A 1 117 ? 10.496  -9.088  9.264   1.00 32.51 ? 91  ILE A N   1 
ATOM   660  C CA  . ILE A 1 117 ? 9.391   -10.001 9.016   1.00 30.18 ? 91  ILE A CA  1 
ATOM   661  C C   . ILE A 1 117 ? 9.814   -11.405 9.410   1.00 27.55 ? 91  ILE A C   1 
ATOM   662  O O   . ILE A 1 117 ? 11.001  -11.719 9.523   1.00 33.72 ? 91  ILE A O   1 
ATOM   663  C CB  . ILE A 1 117 ? 8.924   -9.975  7.545   1.00 29.48 ? 91  ILE A CB  1 
ATOM   664  C CG1 . ILE A 1 117 ? 9.928   -10.720 6.661   1.00 35.48 ? 91  ILE A CG1 1 
ATOM   665  C CG2 . ILE A 1 117 ? 8.794   -8.556  7.059   1.00 37.93 ? 91  ILE A CG2 1 
ATOM   666  C CD1 . ILE A 1 117 ? 9.772   -10.445 5.178   1.00 37.56 ? 91  ILE A CD1 1 
ATOM   667  N N   . GLN A 1 118 ? 8.817   -12.254 9.616   1.00 27.17 ? 92  GLN A N   1 
ATOM   668  C CA  . GLN A 1 118 ? 9.026   -13.676 9.831   1.00 34.41 ? 92  GLN A CA  1 
ATOM   669  C C   . GLN A 1 118 ? 8.139   -14.429 8.858   1.00 33.89 ? 92  GLN A C   1 
ATOM   670  O O   . GLN A 1 118 ? 6.966   -14.085 8.687   1.00 31.19 ? 92  GLN A O   1 
ATOM   671  C CB  . GLN A 1 118 ? 8.709   -14.083 11.288  1.00 37.67 ? 92  GLN A CB  1 
ATOM   672  C CG  . GLN A 1 118 ? 8.834   -15.574 11.583  1.00 40.97 ? 92  GLN A CG  1 
ATOM   673  C CD  . GLN A 1 118 ? 10.273  -16.069 11.590  1.00 47.53 ? 92  GLN A CD  1 
ATOM   674  O OE1 . GLN A 1 118 ? 11.003  -15.892 12.571  1.00 50.88 ? 92  GLN A OE1 1 
ATOM   675  N NE2 . GLN A 1 118 ? 10.685  -16.704 10.498  1.00 54.01 ? 92  GLN A NE2 1 
ATOM   676  N N   . GLY A 1 119 ? 8.698   -15.436 8.202   1.00 34.18 ? 93  GLY A N   1 
ATOM   677  C CA  . GLY A 1 119 ? 7.933   -16.237 7.270   1.00 32.75 ? 93  GLY A CA  1 
ATOM   678  C C   . GLY A 1 119 ? 8.386   -16.032 5.832   1.00 36.75 ? 93  GLY A C   1 
ATOM   679  O O   . GLY A 1 119 ? 9.339   -15.312 5.536   1.00 35.80 ? 93  GLY A O   1 
ATOM   680  N N   . THR A 1 120 ? 7.669   -16.704 4.939   1.00 29.75 ? 94  THR A N   1 
ATOM   681  C CA  . THR A 1 120 ? 7.969   -16.690 3.513   1.00 33.80 ? 94  THR A CA  1 
ATOM   682  C C   . THR A 1 120 ? 6.693   -16.446 2.730   1.00 30.01 ? 94  THR A C   1 
ATOM   683  O O   . THR A 1 120 ? 5.688   -17.160 2.935   1.00 33.99 ? 94  THR A O   1 
ATOM   684  C CB  . THR A 1 120 ? 8.605   -18.019 3.088   1.00 37.65 ? 94  THR A CB  1 
ATOM   685  O OG1 . THR A 1 120 ? 9.889   -18.155 3.716   1.00 50.80 ? 94  THR A OG1 1 
ATOM   686  C CG2 . THR A 1 120 ? 8.771   -18.073 1.575   1.00 32.75 ? 94  THR A CG2 1 
ATOM   687  N N   . PRO A 1 121 ? 6.675   -15.483 1.801   1.00 28.32 ? 95  PRO A N   1 
ATOM   688  C CA  . PRO A 1 121 ? 5.434   -15.160 1.094   1.00 27.68 ? 95  PRO A CA  1 
ATOM   689  C C   . PRO A 1 121 ? 4.981   -16.315 0.218   1.00 39.66 ? 95  PRO A C   1 
ATOM   690  O O   . PRO A 1 121 ? 5.789   -17.043 -0.361  1.00 28.94 ? 95  PRO A O   1 
ATOM   691  C CB  . PRO A 1 121 ? 5.803   -13.941 0.235   1.00 30.48 ? 95  PRO A CB  1 
ATOM   692  C CG  . PRO A 1 121 ? 7.147   -13.498 0.689   1.00 30.56 ? 95  PRO A CG  1 
ATOM   693  C CD  . PRO A 1 121 ? 7.817   -14.704 1.290   1.00 30.45 ? 95  PRO A CD  1 
ATOM   694  N N   . VAL A 1 122 ? 3.665   -16.445 0.093   1.00 34.71 ? 96  VAL A N   1 
ATOM   695  C CA  . VAL A 1 122 ? 3.042   -17.623 -0.488  1.00 38.23 ? 96  VAL A CA  1 
ATOM   696  C C   . VAL A 1 122 ? 2.073   -17.194 -1.578  1.00 32.09 ? 96  VAL A C   1 
ATOM   697  O O   . VAL A 1 122 ? 1.172   -16.387 -1.327  1.00 34.17 ? 96  VAL A O   1 
ATOM   698  C CB  . VAL A 1 122 ? 2.307   -18.435 0.595   1.00 41.24 ? 96  VAL A CB  1 
ATOM   699  C CG1 . VAL A 1 122 ? 1.464   -17.508 1.471   1.00 47.40 ? 96  VAL A CG1 1 
ATOM   700  C CG2 . VAL A 1 122 ? 1.441   -19.487 -0.042  1.00 45.63 ? 96  VAL A CG2 1 
ATOM   701  N N   . GLU A 1 123 ? 2.243   -17.739 -2.783  1.00 28.77 ? 97  GLU A N   1 
ATOM   702  C CA  . GLU A 1 123 ? 1.228   -17.521 -3.799  1.00 32.60 ? 97  GLU A CA  1 
ATOM   703  C C   . GLU A 1 123 ? -0.074  -18.167 -3.351  1.00 34.25 ? 97  GLU A C   1 
ATOM   704  O O   . GLU A 1 123 ? -0.104  -19.327 -2.921  1.00 31.63 ? 97  GLU A O   1 
ATOM   705  C CB  . GLU A 1 123 ? 1.648   -18.074 -5.160  1.00 30.66 ? 97  GLU A CB  1 
ATOM   706  C CG  . GLU A 1 123 ? 0.533   -17.942 -6.209  1.00 30.37 ? 97  GLU A CG  1 
ATOM   707  C CD  . GLU A 1 123 ? 1.006   -18.140 -7.641  1.00 34.16 ? 97  GLU A CD  1 
ATOM   708  O OE1 . GLU A 1 123 ? 2.061   -18.772 -7.827  1.00 46.28 ? 97  GLU A OE1 1 
ATOM   709  O OE2 . GLU A 1 123 ? 0.316   -17.670 -8.581  1.00 39.21 ? 97  GLU A OE2 1 
ATOM   710  N N   . SER A 1 124 ? -1.134  -17.392 -3.415  1.00 24.83 ? 98  SER A N   1 
ATOM   711  C CA  . SER A 1 124 ? -2.489  -17.820 -3.104  1.00 37.85 ? 98  SER A CA  1 
ATOM   712  C C   . SER A 1 124 ? -3.379  -17.541 -4.307  1.00 40.37 ? 98  SER A C   1 
ATOM   713  O O   . SER A 1 124 ? -2.960  -16.899 -5.271  1.00 36.71 ? 98  SER A O   1 
ATOM   714  C CB  . SER A 1 124 ? -3.019  -17.086 -1.872  1.00 35.39 ? 98  SER A CB  1 
ATOM   715  O OG  . SER A 1 124 ? -3.426  -15.775 -2.221  1.00 31.92 ? 98  SER A OG  1 
ATOM   716  N N   . ASP A 1 125 ? -4.635  -18.010 -4.243  1.00 29.68 ? 99  ASP A N   1 
ATOM   717  C CA  . ASP A 1 125 ? -5.508  -17.699 -5.377  1.00 35.65 ? 99  ASP A CA  1 
ATOM   718  C C   . ASP A 1 125 ? -5.941  -16.235 -5.406  1.00 32.94 ? 99  ASP A C   1 
ATOM   719  O O   . ASP A 1 125 ? -6.784  -15.870 -6.237  1.00 38.23 ? 99  ASP A O   1 
ATOM   720  C CB  . ASP A 1 125 ? -6.745  -18.606 -5.374  1.00 35.55 ? 99  ASP A CB  1 
ATOM   721  N N   . GLU A 1 126 ? -5.416  -15.374 -4.538  1.00 31.44 ? 100 GLU A N   1 
ATOM   722  C CA  . GLU A 1 126 ? -5.747  -13.955 -4.568  1.00 31.77 ? 100 GLU A CA  1 
ATOM   723  C C   . GLU A 1 126 ? -4.563  -13.046 -4.883  1.00 34.81 ? 100 GLU A C   1 
ATOM   724  O O   . GLU A 1 126 ? -4.775  -11.942 -5.399  1.00 30.80 ? 100 GLU A O   1 
ATOM   725  C CB  . GLU A 1 126 ? -6.359  -13.527 -3.227  1.00 34.93 ? 100 GLU A CB  1 
ATOM   726  N N   A MET A 1 127 ? -3.327  -13.465 -4.593  0.55 30.72 ? 101 MET A N   1 
ATOM   727  N N   B MET A 1 127 ? -3.336  -13.472 -4.599  0.45 30.72 ? 101 MET A N   1 
ATOM   728  C CA  A MET A 1 127 ? -2.155  -12.626 -4.833  0.55 29.33 ? 101 MET A CA  1 
ATOM   729  C CA  B MET A 1 127 ? -2.183  -12.659 -4.940  0.45 29.26 ? 101 MET A CA  1 
ATOM   730  C C   A MET A 1 127 ? -0.944  -13.501 -5.145  0.55 27.00 ? 101 MET A C   1 
ATOM   731  C C   B MET A 1 127 ? -1.003  -13.559 -5.256  0.45 26.97 ? 101 MET A C   1 
ATOM   732  O O   A MET A 1 127 ? -0.788  -14.588 -4.576  0.55 26.81 ? 101 MET A O   1 
ATOM   733  O O   B MET A 1 127 ? -0.920  -14.700 -4.790  0.45 27.36 ? 101 MET A O   1 
ATOM   734  C CB  A MET A 1 127 ? -1.875  -11.705 -3.622  0.55 32.76 ? 101 MET A CB  1 
ATOM   735  C CB  B MET A 1 127 ? -1.827  -11.675 -3.816  0.45 32.73 ? 101 MET A CB  1 
ATOM   736  C CG  A MET A 1 127 ? -2.275  -10.214 -3.817  0.55 22.59 ? 101 MET A CG  1 
ATOM   737  C CG  B MET A 1 127 ? -1.146  -12.306 -2.623  0.45 25.67 ? 101 MET A CG  1 
ATOM   738  S SD  A MET A 1 127 ? -2.762  -9.291  -2.315  0.55 44.01 ? 101 MET A SD  1 
ATOM   739  S SD  B MET A 1 127 ? 0.650   -12.282 -2.741  0.45 19.51 ? 101 MET A SD  1 
ATOM   740  C CE  A MET A 1 127 ? -3.194  -7.674  -2.975  0.55 26.63 ? 101 MET A CE  1 
ATOM   741  C CE  B MET A 1 127 ? 1.091   -13.209 -1.284  0.45 25.02 ? 101 MET A CE  1 
ATOM   742  N N   . ARG A 1 128 ? -0.092  -13.023 -6.051  1.00 22.09 ? 102 ARG A N   1 
ATOM   743  C CA  . ARG A 1 128 ? 1.145   -13.699 -6.425  1.00 23.52 ? 102 ARG A CA  1 
ATOM   744  C C   . ARG A 1 128 ? 2.307   -12.819 -5.984  1.00 24.14 ? 102 ARG A C   1 
ATOM   745  O O   . ARG A 1 128 ? 2.486   -11.718 -6.535  1.00 19.70 ? 102 ARG A O   1 
ATOM   746  C CB  . ARG A 1 128 ? 1.195   -13.960 -7.935  1.00 28.07 ? 102 ARG A CB  1 
ATOM   747  C CG  . ARG A 1 128 ? 2.521   -14.556 -8.401  1.00 22.26 ? 102 ARG A CG  1 
ATOM   748  C CD  . ARG A 1 128 ? 2.499   -14.976 -9.859  1.00 25.44 ? 102 ARG A CD  1 
ATOM   749  N NE  . ARG A 1 128 ? 2.062   -13.924 -10.774 1.00 26.49 ? 102 ARG A NE  1 
ATOM   750  C CZ  . ARG A 1 128 ? 2.892   -13.139 -11.460 1.00 20.95 ? 102 ARG A CZ  1 
ATOM   751  N NH1 . ARG A 1 128 ? 4.205   -13.278 -11.334 1.00 25.88 ? 102 ARG A NH1 1 
ATOM   752  N NH2 . ARG A 1 128 ? 2.400   -12.221 -12.285 1.00 28.35 ? 102 ARG A NH2 1 
ATOM   753  N N   . PRO A 1 129 ? 3.115   -13.239 -5.011  1.00 25.12 ? 103 PRO A N   1 
ATOM   754  C CA  . PRO A 1 129 ? 4.136   -12.349 -4.436  1.00 22.45 ? 103 PRO A CA  1 
ATOM   755  C C   . PRO A 1 129 ? 5.493   -12.456 -5.109  1.00 25.52 ? 103 PRO A C   1 
ATOM   756  O O   . PRO A 1 129 ? 5.931   -13.525 -5.536  1.00 22.41 ? 103 PRO A O   1 
ATOM   757  C CB  . PRO A 1 129 ? 4.207   -12.832 -2.984  1.00 29.39 ? 103 PRO A CB  1 
ATOM   758  C CG  . PRO A 1 129 ? 3.966   -14.325 -3.108  1.00 33.82 ? 103 PRO A CG  1 
ATOM   759  C CD  . PRO A 1 129 ? 2.997   -14.504 -4.266  1.00 33.62 ? 103 PRO A CD  1 
ATOM   760  N N   A CYS A 1 130 ? 6.180   -11.315 -5.159  0.38 20.88 ? 104 CYS A N   1 
ATOM   761  N N   B CYS A 1 130 ? 6.166   -11.306 -5.223  0.62 20.84 ? 104 CYS A N   1 
ATOM   762  C CA  A CYS A 1 130 ? 7.498   -11.264 -5.773  0.38 21.03 ? 104 CYS A CA  1 
ATOM   763  C CA  B CYS A 1 130 ? 7.504   -11.248 -5.802  0.62 21.15 ? 104 CYS A CA  1 
ATOM   764  C C   A CYS A 1 130 ? 8.328   -10.162 -5.130  0.38 19.62 ? 104 CYS A C   1 
ATOM   765  C C   B CYS A 1 130 ? 8.323   -10.171 -5.105  0.62 19.47 ? 104 CYS A C   1 
ATOM   766  O O   A CYS A 1 130 ? 7.822   -9.069  -4.871  0.38 19.43 ? 104 CYS A O   1 
ATOM   767  O O   B CYS A 1 130 ? 7.807   -9.098  -4.793  0.62 19.46 ? 104 CYS A O   1 
ATOM   768  C CB  A CYS A 1 130 ? 7.385   -11.023 -7.277  0.38 23.11 ? 104 CYS A CB  1 
ATOM   769  C CB  B CYS A 1 130 ? 7.462   -10.948 -7.304  0.62 23.06 ? 104 CYS A CB  1 
ATOM   770  S SG  A CYS A 1 130 ? 8.914   -11.294 -8.138  0.38 26.47 ? 104 CYS A SG  1 
ATOM   771  S SG  B CYS A 1 130 ? 7.235   -12.396 -8.353  0.62 25.93 ? 104 CYS A SG  1 
ATOM   772  N N   . TRP A 1 131 ? 9.603   -10.454 -4.891  1.00 20.09 ? 105 TRP A N   1 
ATOM   773  C CA  . TRP A 1 131 ? 10.528  -9.442  -4.406  1.00 20.52 ? 105 TRP A CA  1 
ATOM   774  C C   . TRP A 1 131 ? 11.037  -8.626  -5.590  1.00 27.60 ? 105 TRP A C   1 
ATOM   775  O O   . TRP A 1 131 ? 11.299  -9.172  -6.670  1.00 24.08 ? 105 TRP A O   1 
ATOM   776  C CB  . TRP A 1 131 ? 11.695  -10.094 -3.663  1.00 20.50 ? 105 TRP A CB  1 
ATOM   777  C CG  . TRP A 1 131 ? 11.354  -10.638 -2.294  1.00 24.63 ? 105 TRP A CG  1 
ATOM   778  C CD1 . TRP A 1 131 ? 11.179  -11.946 -1.953  1.00 23.83 ? 105 TRP A CD1 1 
ATOM   779  C CD2 . TRP A 1 131 ? 11.167  -9.885  -1.095  1.00 18.23 ? 105 TRP A CD2 1 
ATOM   780  N NE1 . TRP A 1 131 ? 10.892  -12.056 -0.614  1.00 22.73 ? 105 TRP A NE1 1 
ATOM   781  C CE2 . TRP A 1 131 ? 10.863  -10.801 -0.068  1.00 21.58 ? 105 TRP A CE2 1 
ATOM   782  C CE3 . TRP A 1 131 ? 11.214  -8.521  -0.790  1.00 16.34 ? 105 TRP A CE3 1 
ATOM   783  C CZ2 . TRP A 1 131 ? 10.633  -10.404 1.234   1.00 23.61 ? 105 TRP A CZ2 1 
ATOM   784  C CZ3 . TRP A 1 131 ? 10.988  -8.134  0.496   1.00 20.86 ? 105 TRP A CZ3 1 
ATOM   785  C CH2 . TRP A 1 131 ? 10.697  -9.066  1.498   1.00 24.94 ? 105 TRP A CH2 1 
ATOM   786  N N   . PHE A 1 132 ? 11.192  -7.318  -5.392  1.00 21.57 ? 106 PHE A N   1 
ATOM   787  C CA  . PHE A 1 132 ? 11.711  -6.444  -6.441  1.00 22.76 ? 106 PHE A CA  1 
ATOM   788  C C   . PHE A 1 132 ? 12.918  -5.663  -5.939  1.00 24.53 ? 106 PHE A C   1 
ATOM   789  O O   . PHE A 1 132 ? 12.854  -5.034  -4.882  1.00 18.60 ? 106 PHE A O   1 
ATOM   790  C CB  . PHE A 1 132 ? 10.638  -5.444  -6.932  1.00 19.16 ? 106 PHE A CB  1 
ATOM   791  C CG  . PHE A 1 132 ? 9.511   -6.066  -7.703  1.00 21.38 ? 106 PHE A CG  1 
ATOM   792  C CD1 . PHE A 1 132 ? 8.390   -6.563  -7.043  1.00 20.92 ? 106 PHE A CD1 1 
ATOM   793  C CD2 . PHE A 1 132 ? 9.551   -6.139  -9.095  1.00 22.58 ? 106 PHE A CD2 1 
ATOM   794  C CE1 . PHE A 1 132 ? 7.339   -7.121  -7.762  1.00 22.78 ? 106 PHE A CE1 1 
ATOM   795  C CE2 . PHE A 1 132 ? 8.513   -6.705  -9.808  1.00 26.02 ? 106 PHE A CE2 1 
ATOM   796  C CZ  . PHE A 1 132 ? 7.404   -7.197  -9.142  1.00 24.40 ? 106 PHE A CZ  1 
ATOM   797  N N   A GLN A 1 133 ? 14.015  -5.691  -6.699  0.51 23.94 ? 107 GLN A N   1 
ATOM   798  N N   B GLN A 1 133 ? 14.013  -5.688  -6.697  0.49 23.96 ? 107 GLN A N   1 
ATOM   799  C CA  A GLN A 1 133 ? 15.118  -4.778  -6.434  0.51 24.32 ? 107 GLN A CA  1 
ATOM   800  C CA  B GLN A 1 133 ? 15.117  -4.783  -6.412  0.49 24.32 ? 107 GLN A CA  1 
ATOM   801  C C   A GLN A 1 133 ? 14.627  -3.333  -6.498  0.51 22.82 ? 107 GLN A C   1 
ATOM   802  C C   B GLN A 1 133 ? 14.641  -3.334  -6.505  0.49 22.85 ? 107 GLN A C   1 
ATOM   803  O O   A GLN A 1 133 ? 13.720  -2.997  -7.264  0.51 27.69 ? 107 GLN A O   1 
ATOM   804  O O   B GLN A 1 133 ? 13.751  -2.999  -7.293  0.49 27.66 ? 107 GLN A O   1 
ATOM   805  C CB  A GLN A 1 133 ? 16.246  -4.998  -7.443  0.51 28.97 ? 107 GLN A CB  1 
ATOM   806  C CB  B GLN A 1 133 ? 16.269  -5.033  -7.381  0.49 28.99 ? 107 GLN A CB  1 
ATOM   807  C CG  A GLN A 1 133 ? 16.822  -6.399  -7.422  0.51 25.37 ? 107 GLN A CG  1 
ATOM   808  C CG  B GLN A 1 133 ? 16.842  -6.427  -7.262  0.49 25.44 ? 107 GLN A CG  1 
ATOM   809  C CD  A GLN A 1 133 ? 17.238  -6.829  -6.031  0.51 31.94 ? 107 GLN A CD  1 
ATOM   810  C CD  B GLN A 1 133 ? 17.934  -6.701  -8.268  0.49 32.52 ? 107 GLN A CD  1 
ATOM   811  O OE1 A GLN A 1 133 ? 18.054  -6.173  -5.383  0.51 37.36 ? 107 GLN A OE1 1 
ATOM   812  O OE1 B GLN A 1 133 ? 18.154  -5.921  -9.195  0.49 29.74 ? 107 GLN A OE1 1 
ATOM   813  N NE2 A GLN A 1 133 ? 16.680  -7.939  -5.562  0.51 27.24 ? 107 GLN A NE2 1 
ATOM   814  N NE2 B GLN A 1 133 ? 18.627  -7.821  -8.095  0.49 35.15 ? 107 GLN A NE2 1 
ATOM   815  N N   . LEU A 1 134 ? 15.249  -2.469  -5.688  1.00 26.33 ? 108 LEU A N   1 
ATOM   816  C CA  . LEU A 1 134 ? 14.744  -1.101  -5.556  1.00 30.86 ? 108 LEU A CA  1 
ATOM   817  C C   . LEU A 1 134 ? 14.811  -0.325  -6.867  1.00 33.13 ? 108 LEU A C   1 
ATOM   818  O O   . LEU A 1 134 ? 13.987  0.565   -7.094  1.00 38.18 ? 108 LEU A O   1 
ATOM   819  C CB  . LEU A 1 134 ? 15.506  -0.364  -4.456  1.00 33.38 ? 108 LEU A CB  1 
ATOM   820  C CG  . LEU A 1 134 ? 15.316  -0.850  -3.014  1.00 36.15 ? 108 LEU A CG  1 
ATOM   821  C CD1 . LEU A 1 134 ? 15.515  0.299   -2.066  1.00 29.38 ? 108 LEU A CD1 1 
ATOM   822  C CD2 . LEU A 1 134 ? 13.946  -1.479  -2.798  1.00 27.79 ? 108 LEU A CD2 1 
ATOM   823  N N   . ASP A 1 135 ? 15.762  -0.641  -7.745  1.00 31.79 ? 109 ASP A N   1 
ATOM   824  C CA  . ASP A 1 135 ? 15.855  0.041   -9.034  1.00 32.41 ? 109 ASP A CA  1 
ATOM   825  C C   . ASP A 1 135 ? 14.965  -0.575  -10.112 1.00 41.04 ? 109 ASP A C   1 
ATOM   826  O O   . ASP A 1 135 ? 15.005  -0.123  -11.264 1.00 35.58 ? 109 ASP A O   1 
ATOM   827  C CB  . ASP A 1 135 ? 17.318  0.068   -9.516  1.00 37.45 ? 109 ASP A CB  1 
ATOM   828  C CG  . ASP A 1 135 ? 17.908  -1.322  -9.692  1.00 41.82 ? 109 ASP A CG  1 
ATOM   829  O OD1 . ASP A 1 135 ? 17.372  -2.290  -9.117  1.00 51.08 ? 109 ASP A OD1 1 
ATOM   830  O OD2 . ASP A 1 135 ? 18.924  -1.453  -10.409 1.00 57.61 ? 109 ASP A OD2 1 
ATOM   831  N N   . GLN A 1 136 ? 14.159  -1.584  -9.769  1.00 28.20 ? 110 GLN A N   1 
ATOM   832  C CA  . GLN A 1 136 ? 13.324  -2.290  -10.733 1.00 24.04 ? 110 GLN A CA  1 
ATOM   833  C C   . GLN A 1 136 ? 11.871  -2.330  -10.268 1.00 25.85 ? 110 GLN A C   1 
ATOM   834  O O   . GLN A 1 136 ? 11.142  -3.277  -10.570 1.00 25.53 ? 110 GLN A O   1 
ATOM   835  C CB  . GLN A 1 136 ? 13.851  -3.704  -10.982 1.00 23.80 ? 110 GLN A CB  1 
ATOM   836  C CG  . GLN A 1 136 ? 15.173  -3.735  -11.752 1.00 39.07 ? 110 GLN A CG  1 
ATOM   837  C CD  . GLN A 1 136 ? 15.584  -5.137  -12.174 1.00 47.25 ? 110 GLN A CD  1 
ATOM   838  O OE1 . GLN A 1 136 ? 15.365  -6.116  -11.451 1.00 50.09 ? 110 GLN A OE1 1 
ATOM   839  N NE2 . GLN A 1 136 ? 16.193  -5.240  -13.345 1.00 58.16 ? 110 GLN A NE2 1 
ATOM   840  N N   . ILE A 1 137 ? 11.443  -1.314  -9.523  1.00 22.54 ? 111 ILE A N   1 
ATOM   841  C CA  . ILE A 1 137 ? 10.024  -1.223  -9.147  1.00 21.13 ? 111 ILE A CA  1 
ATOM   842  C C   . ILE A 1 137 ? 9.171   -1.187  -10.414 1.00 22.18 ? 111 ILE A C   1 
ATOM   843  O O   . ILE A 1 137 ? 9.414   -0.336  -11.291 1.00 25.26 ? 111 ILE A O   1 
ATOM   844  C CB  . ILE A 1 137 ? 9.780   0.033   -8.292  1.00 26.04 ? 111 ILE A CB  1 
ATOM   845  C CG1 . ILE A 1 137 ? 10.812  0.132   -7.172  1.00 43.05 ? 111 ILE A CG1 1 
ATOM   846  C CG2 . ILE A 1 137 ? 8.367   0.034   -7.725  1.00 22.26 ? 111 ILE A CG2 1 
ATOM   847  C CD1 . ILE A 1 137 ? 10.778  -1.021  -6.246  1.00 27.50 ? 111 ILE A CD1 1 
ATOM   848  N N   . PRO A 1 138 ? 8.154   -2.074  -10.570 1.00 20.89 ? 112 PRO A N   1 
ATOM   849  C CA  . PRO A 1 138 ? 7.353   -2.142  -11.810 1.00 23.43 ? 112 PRO A CA  1 
ATOM   850  C C   . PRO A 1 138 ? 6.260   -1.080  -11.872 1.00 22.62 ? 112 PRO A C   1 
ATOM   851  O O   . PRO A 1 138 ? 5.065   -1.387  -11.878 1.00 21.97 ? 112 PRO A O   1 
ATOM   852  C CB  . PRO A 1 138 ? 6.770   -3.556  -11.740 1.00 29.09 ? 112 PRO A CB  1 
ATOM   853  C CG  . PRO A 1 138 ? 6.556   -3.779  -10.282 1.00 18.49 ? 112 PRO A CG  1 
ATOM   854  C CD  . PRO A 1 138 ? 7.697   -3.056  -9.569  1.00 25.85 ? 112 PRO A CD  1 
ATOM   855  N N   . PHE A 1 139 ? 6.679   0.192   -11.941 1.00 24.06 ? 113 PHE A N   1 
ATOM   856  C CA  . PHE A 1 139 ? 5.729   1.299   -11.870 1.00 28.95 ? 113 PHE A CA  1 
ATOM   857  C C   . PHE A 1 139 ? 4.693   1.240   -12.986 1.00 30.13 ? 113 PHE A C   1 
ATOM   858  O O   . PHE A 1 139 ? 3.541   1.651   -12.791 1.00 26.57 ? 113 PHE A O   1 
ATOM   859  C CB  . PHE A 1 139 ? 6.482   2.633   -11.914 1.00 25.39 ? 113 PHE A CB  1 
ATOM   860  C CG  . PHE A 1 139 ? 7.177   2.975   -10.637 1.00 26.98 ? 113 PHE A CG  1 
ATOM   861  C CD1 . PHE A 1 139 ? 6.446   3.262   -9.494  1.00 26.78 ? 113 PHE A CD1 1 
ATOM   862  C CD2 . PHE A 1 139 ? 8.567   3.017   -10.576 1.00 27.12 ? 113 PHE A CD2 1 
ATOM   863  C CE1 . PHE A 1 139 ? 7.075   3.572   -8.323  1.00 25.31 ? 113 PHE A CE1 1 
ATOM   864  C CE2 . PHE A 1 139 ? 9.221   3.336   -9.390  1.00 35.75 ? 113 PHE A CE2 1 
ATOM   865  C CZ  . PHE A 1 139 ? 8.474   3.615   -8.257  1.00 30.96 ? 113 PHE A CZ  1 
ATOM   866  N N   . LYS A 1 140 ? 5.064   0.720   -14.158 1.00 26.29 ? 114 LYS A N   1 
ATOM   867  C CA  . LYS A 1 140 ? 4.091   0.656   -15.240 1.00 24.63 ? 114 LYS A CA  1 
ATOM   868  C C   . LYS A 1 140 ? 2.966   -0.337  -14.963 1.00 24.24 ? 114 LYS A C   1 
ATOM   869  O O   . LYS A 1 140 ? 1.878   -0.192  -15.524 1.00 28.84 ? 114 LYS A O   1 
ATOM   870  C CB  . LYS A 1 140 ? 4.790   0.310   -16.558 1.00 36.94 ? 114 LYS A CB  1 
ATOM   871  N N   . ASP A 1 141 ? 3.192   -1.329  -14.099 1.00 29.83 ? 115 ASP A N   1 
ATOM   872  C CA  . ASP A 1 141 ? 2.166   -2.277  -13.686 1.00 24.83 ? 115 ASP A CA  1 
ATOM   873  C C   . ASP A 1 141 ? 1.683   -2.030  -12.250 1.00 21.07 ? 115 ASP A C   1 
ATOM   874  O O   . ASP A 1 141 ? 1.332   -2.979  -11.546 1.00 19.57 ? 115 ASP A O   1 
ATOM   875  C CB  . ASP A 1 141 ? 2.695   -3.702  -13.810 1.00 26.68 ? 115 ASP A CB  1 
ATOM   876  C CG  . ASP A 1 141 ? 2.657   -4.220  -15.231 1.00 35.27 ? 115 ASP A CG  1 
ATOM   877  O OD1 . ASP A 1 141 ? 1.585   -4.135  -15.868 1.00 32.43 ? 115 ASP A OD1 1 
ATOM   878  O OD2 . ASP A 1 141 ? 3.701   -4.738  -15.694 1.00 36.24 ? 115 ASP A OD2 1 
ATOM   879  N N   . MET A 1 142 ? 1.690   -0.775  -11.799 1.00 20.37 ? 116 MET A N   1 
ATOM   880  C CA  . MET A 1 142 ? 1.276   -0.392  -10.454 1.00 19.01 ? 116 MET A CA  1 
ATOM   881  C C   . MET A 1 142 ? 0.243   0.723   -10.560 1.00 22.31 ? 116 MET A C   1 
ATOM   882  O O   . MET A 1 142 ? 0.054   1.318   -11.624 1.00 24.14 ? 116 MET A O   1 
ATOM   883  C CB  . MET A 1 142 ? 2.476   0.065   -9.594  1.00 19.02 ? 116 MET A CB  1 
ATOM   884  C CG  . MET A 1 142 ? 3.374   -1.083  -9.167  1.00 24.74 ? 116 MET A CG  1 
ATOM   885  S SD  . MET A 1 142 ? 4.981   -0.551  -8.565  1.00 23.54 ? 116 MET A SD  1 
ATOM   886  C CE  . MET A 1 142 ? 4.516   0.090   -6.951  1.00 22.10 ? 116 MET A CE  1 
ATOM   887  N N   . TRP A 1 143 ? -0.440  1.004   -9.451  1.00 19.70 ? 117 TRP A N   1 
ATOM   888  C CA  . TRP A 1 143 ? -1.332  2.154   -9.431  1.00 24.58 ? 117 TRP A CA  1 
ATOM   889  C C   . TRP A 1 143 ? -0.557  3.418   -9.783  1.00 21.17 ? 117 TRP A C   1 
ATOM   890  O O   . TRP A 1 143 ? 0.570   3.606   -9.316  1.00 24.05 ? 117 TRP A O   1 
ATOM   891  C CB  . TRP A 1 143 ? -1.996  2.295   -8.061  1.00 27.62 ? 117 TRP A CB  1 
ATOM   892  C CG  . TRP A 1 143 ? -3.218  1.430   -7.927  1.00 21.47 ? 117 TRP A CG  1 
ATOM   893  C CD1 . TRP A 1 143 ? -3.271  0.133   -7.489  1.00 28.75 ? 117 TRP A CD1 1 
ATOM   894  C CD2 . TRP A 1 143 ? -4.569  1.795   -8.260  1.00 24.83 ? 117 TRP A CD2 1 
ATOM   895  N NE1 . TRP A 1 143 ? -4.574  -0.324  -7.514  1.00 30.51 ? 117 TRP A NE1 1 
ATOM   896  C CE2 . TRP A 1 143 ? -5.386  0.676   -7.984  1.00 32.80 ? 117 TRP A CE2 1 
ATOM   897  C CE3 . TRP A 1 143 ? -5.163  2.961   -8.749  1.00 29.10 ? 117 TRP A CE3 1 
ATOM   898  C CZ2 . TRP A 1 143 ? -6.767  0.689   -8.189  1.00 29.97 ? 117 TRP A CZ2 1 
ATOM   899  C CZ3 . TRP A 1 143 ? -6.543  2.972   -8.955  1.00 28.78 ? 117 TRP A CZ3 1 
ATOM   900  C CH2 . TRP A 1 143 ? -7.322  1.844   -8.672  1.00 33.73 ? 117 TRP A CH2 1 
ATOM   901  N N   . PRO A 1 144 ? -1.110  4.307   -10.619 1.00 25.55 ? 118 PRO A N   1 
ATOM   902  C CA  . PRO A 1 144 ? -0.311  5.447   -11.093 1.00 25.39 ? 118 PRO A CA  1 
ATOM   903  C C   . PRO A 1 144 ? 0.117   6.394   -9.987  1.00 23.44 ? 118 PRO A C   1 
ATOM   904  O O   . PRO A 1 144 ? 1.143   7.075   -10.133 1.00 24.68 ? 118 PRO A O   1 
ATOM   905  C CB  . PRO A 1 144 ? -1.229  6.135   -12.117 1.00 25.92 ? 118 PRO A CB  1 
ATOM   906  C CG  . PRO A 1 144 ? -2.558  5.573   -11.910 1.00 30.32 ? 118 PRO A CG  1 
ATOM   907  C CD  . PRO A 1 144 ? -2.412  4.221   -11.297 1.00 28.44 ? 118 PRO A CD  1 
ATOM   908  N N   . ASP A 1 145 ? -0.610  6.443   -8.869  1.00 22.01 ? 119 ASP A N   1 
ATOM   909  C CA  . ASP A 1 145 ? -0.162  7.275   -7.760  1.00 22.43 ? 119 ASP A CA  1 
ATOM   910  C C   . ASP A 1 145 ? 1.151   6.793   -7.136  1.00 21.81 ? 119 ASP A C   1 
ATOM   911  O O   . ASP A 1 145 ? 1.820   7.592   -6.479  1.00 18.64 ? 119 ASP A O   1 
ATOM   912  C CB  . ASP A 1 145 ? -1.237  7.359   -6.668  1.00 22.54 ? 119 ASP A CB  1 
ATOM   913  C CG  . ASP A 1 145 ? -1.679  6.002   -6.177  1.00 21.64 ? 119 ASP A CG  1 
ATOM   914  O OD1 . ASP A 1 145 ? -2.542  5.378   -6.838  1.00 23.79 ? 119 ASP A OD1 1 
ATOM   915  O OD2 . ASP A 1 145 ? -1.157  5.568   -5.128  1.00 29.15 ? 119 ASP A OD2 1 
ATOM   916  N N   . ASP A 1 146 ? 1.528   5.514   -7.313  1.00 22.11 ? 120 ASP A N   1 
ATOM   917  C CA  . ASP A 1 146 ? 2.776   5.010   -6.730  1.00 23.46 ? 120 ASP A CA  1 
ATOM   918  C C   . ASP A 1 146 ? 3.983   5.757   -7.276  1.00 20.80 ? 120 ASP A C   1 
ATOM   919  O O   . ASP A 1 146 ? 4.980   5.925   -6.569  1.00 23.25 ? 120 ASP A O   1 
ATOM   920  C CB  . ASP A 1 146 ? 2.960   3.506   -6.991  1.00 18.79 ? 120 ASP A CB  1 
ATOM   921  C CG  . ASP A 1 146 ? 2.062   2.630   -6.108  1.00 26.54 ? 120 ASP A CG  1 
ATOM   922  O OD1 . ASP A 1 146 ? 1.944   2.924   -4.916  1.00 34.57 ? 120 ASP A OD1 1 
ATOM   923  O OD2 . ASP A 1 146 ? 1.485   1.633   -6.600  1.00 30.77 ? 120 ASP A OD2 1 
ATOM   924  N N   . SER A 1 147 ? 3.913   6.215   -8.527  1.00 23.05 ? 121 SER A N   1 
ATOM   925  C CA  . SER A 1 147 ? 5.050   6.937   -9.094  1.00 28.37 ? 121 SER A CA  1 
ATOM   926  C C   . SER A 1 147 ? 5.347   8.234   -8.344  1.00 25.16 ? 121 SER A C   1 
ATOM   927  O O   . SER A 1 147 ? 6.486   8.720   -8.384  1.00 24.69 ? 121 SER A O   1 
ATOM   928  C CB  . SER A 1 147 ? 4.797   7.210   -10.582 1.00 30.27 ? 121 SER A CB  1 
ATOM   929  O OG  . SER A 1 147 ? 4.680   5.986   -11.311 1.00 30.13 ? 121 SER A OG  1 
ATOM   930  N N   . TYR A 1 148 ? 4.364   8.782   -7.627  1.00 24.39 ? 122 TYR A N   1 
ATOM   931  C CA  . TYR A 1 148 ? 4.526   10.033  -6.890  1.00 19.09 ? 122 TYR A CA  1 
ATOM   932  C C   . TYR A 1 148 ? 5.057   9.818   -5.477  1.00 23.78 ? 122 TYR A C   1 
ATOM   933  O O   . TYR A 1 148 ? 5.964   10.533  -5.041  1.00 25.53 ? 122 TYR A O   1 
ATOM   934  C CB  . TYR A 1 148 ? 3.184   10.787  -6.841  1.00 20.60 ? 122 TYR A CB  1 
ATOM   935  C CG  . TYR A 1 148 ? 2.723   11.244  -8.208  1.00 25.26 ? 122 TYR A CG  1 
ATOM   936  C CD1 . TYR A 1 148 ? 3.138   12.462  -8.732  1.00 37.37 ? 122 TYR A CD1 1 
ATOM   937  C CD2 . TYR A 1 148 ? 1.900   10.450  -8.986  1.00 27.43 ? 122 TYR A CD2 1 
ATOM   938  C CE1 . TYR A 1 148 ? 2.718   12.878  -9.991  1.00 36.95 ? 122 TYR A CE1 1 
ATOM   939  C CE2 . TYR A 1 148 ? 1.486   10.855  -10.245 1.00 27.14 ? 122 TYR A CE2 1 
ATOM   940  C CZ  . TYR A 1 148 ? 1.893   12.063  -10.742 1.00 38.92 ? 122 TYR A CZ  1 
ATOM   941  O OH  . TYR A 1 148 ? 1.468   12.450  -12.002 1.00 40.59 ? 122 TYR A OH  1 
ATOM   942  N N   . TRP A 1 149 ? 4.507   8.856   -4.729  1.00 18.52 ? 123 TRP A N   1 
ATOM   943  C CA  . TRP A 1 149 ? 4.891   8.777   -3.326  1.00 22.03 ? 123 TRP A CA  1 
ATOM   944  C C   . TRP A 1 149 ? 5.852   7.639   -3.017  1.00 22.99 ? 123 TRP A C   1 
ATOM   945  O O   . TRP A 1 149 ? 6.553   7.709   -2.005  1.00 22.47 ? 123 TRP A O   1 
ATOM   946  C CB  . TRP A 1 149 ? 3.646   8.676   -2.423  1.00 25.16 ? 123 TRP A CB  1 
ATOM   947  C CG  . TRP A 1 149 ? 2.756   7.493   -2.666  1.00 25.45 ? 123 TRP A CG  1 
ATOM   948  C CD1 . TRP A 1 149 ? 1.651   7.453   -3.456  1.00 24.93 ? 123 TRP A CD1 1 
ATOM   949  C CD2 . TRP A 1 149 ? 2.894   6.178   -2.099  1.00 25.32 ? 123 TRP A CD2 1 
ATOM   950  N NE1 . TRP A 1 149 ? 1.093   6.202   -3.417  1.00 22.10 ? 123 TRP A NE1 1 
ATOM   951  C CE2 . TRP A 1 149 ? 1.832   5.401   -2.594  1.00 23.11 ? 123 TRP A CE2 1 
ATOM   952  C CE3 . TRP A 1 149 ? 3.810   5.589   -1.220  1.00 22.51 ? 123 TRP A CE3 1 
ATOM   953  C CZ2 . TRP A 1 149 ? 1.658   4.054   -2.242  1.00 21.83 ? 123 TRP A CZ2 1 
ATOM   954  C CZ3 . TRP A 1 149 ? 3.643   4.254   -0.874  1.00 23.66 ? 123 TRP A CZ3 1 
ATOM   955  C CH2 . TRP A 1 149 ? 2.582   3.499   -1.398  1.00 21.06 ? 123 TRP A CH2 1 
ATOM   956  N N   . PHE A 1 150 ? 5.903   6.597   -3.846  1.00 25.36 ? 124 PHE A N   1 
ATOM   957  C CA  . PHE A 1 150 ? 6.887   5.546   -3.610  1.00 24.72 ? 124 PHE A CA  1 
ATOM   958  C C   . PHE A 1 150 ? 8.306   6.093   -3.542  1.00 28.01 ? 124 PHE A C   1 
ATOM   959  O O   . PHE A 1 150 ? 9.075   5.618   -2.689  1.00 29.50 ? 124 PHE A O   1 
ATOM   960  C CB  . PHE A 1 150 ? 6.752   4.469   -4.697  1.00 28.48 ? 124 PHE A CB  1 
ATOM   961  C CG  . PHE A 1 150 ? 6.706   3.073   -4.180  1.00 32.57 ? 124 PHE A CG  1 
ATOM   962  C CD1 . PHE A 1 150 ? 5.559   2.573   -3.584  1.00 33.70 ? 124 PHE A CD1 1 
ATOM   963  C CD2 . PHE A 1 150 ? 7.793   2.238   -4.340  1.00 31.30 ? 124 PHE A CD2 1 
ATOM   964  C CE1 . PHE A 1 150 ? 5.516   1.281   -3.129  1.00 32.35 ? 124 PHE A CE1 1 
ATOM   965  C CE2 . PHE A 1 150 ? 7.756   0.941   -3.885  1.00 35.28 ? 124 PHE A CE2 1 
ATOM   966  C CZ  . PHE A 1 150 ? 6.616   0.460   -3.282  1.00 36.46 ? 124 PHE A CZ  1 
ATOM   967  N N   . PRO A 1 151 ? 8.714   7.067   -4.371  1.00 31.61 ? 125 PRO A N   1 
ATOM   968  C CA  . PRO A 1 151 ? 10.040  7.681   -4.177  1.00 34.21 ? 125 PRO A CA  1 
ATOM   969  C C   . PRO A 1 151 ? 10.265  8.266   -2.795  1.00 35.69 ? 125 PRO A C   1 
ATOM   970  O O   . PRO A 1 151 ? 11.391  8.189   -2.281  1.00 38.75 ? 125 PRO A O   1 
ATOM   971  C CB  . PRO A 1 151 ? 10.073  8.767   -5.260  1.00 30.95 ? 125 PRO A CB  1 
ATOM   972  C CG  . PRO A 1 151 ? 9.241   8.193   -6.364  1.00 38.32 ? 125 PRO A CG  1 
ATOM   973  C CD  . PRO A 1 151 ? 8.115   7.480   -5.657  1.00 27.83 ? 125 PRO A CD  1 
ATOM   974  N N   . LEU A 1 152 ? 9.246   8.886   -2.188  1.00 27.08 ? 126 LEU A N   1 
ATOM   975  C CA  . LEU A 1 152 ? 9.415   9.386   -0.827  1.00 25.39 ? 126 LEU A CA  1 
ATOM   976  C C   . LEU A 1 152 ? 9.567   8.238   0.156   1.00 24.68 ? 126 LEU A C   1 
ATOM   977  O O   . LEU A 1 152 ? 10.401  8.299   1.068   1.00 27.68 ? 126 LEU A O   1 
ATOM   978  C CB  . LEU A 1 152 ? 8.233   10.272  -0.411  1.00 24.10 ? 126 LEU A CB  1 
ATOM   979  C CG  . LEU A 1 152 ? 7.895   11.501  -1.251  1.00 36.19 ? 126 LEU A CG  1 
ATOM   980  C CD1 . LEU A 1 152 ? 6.674   12.220  -0.662  1.00 24.96 ? 126 LEU A CD1 1 
ATOM   981  C CD2 . LEU A 1 152 ? 9.091   12.435  -1.318  1.00 39.72 ? 126 LEU A CD2 1 
ATOM   982  N N   . LEU A 1 153 ? 8.766   7.185   -0.023  1.00 20.69 ? 127 LEU A N   1 
ATOM   983  C CA  . LEU A 1 153 ? 8.861   6.019   0.841   1.00 24.87 ? 127 LEU A CA  1 
ATOM   984  C C   . LEU A 1 153 ? 10.273  5.453   0.813   1.00 26.37 ? 127 LEU A C   1 
ATOM   985  O O   . LEU A 1 153 ? 10.839  5.122   1.858   1.00 27.31 ? 127 LEU A O   1 
ATOM   986  C CB  . LEU A 1 153 ? 7.847   4.967   0.389   1.00 27.18 ? 127 LEU A CB  1 
ATOM   987  C CG  . LEU A 1 153 ? 7.741   3.671   1.182   1.00 35.34 ? 127 LEU A CG  1 
ATOM   988  C CD1 . LEU A 1 153 ? 6.618   3.803   2.176   1.00 37.32 ? 127 LEU A CD1 1 
ATOM   989  C CD2 . LEU A 1 153 ? 7.489   2.517   0.234   1.00 30.78 ? 127 LEU A CD2 1 
ATOM   990  N N   . LEU A 1 154 ? 10.868  5.380   -0.382  1.00 29.56 ? 128 LEU A N   1 
ATOM   991  C CA  . LEU A 1 154 ? 12.194  4.803   -0.572  1.00 33.07 ? 128 LEU A CA  1 
ATOM   992  C C   . LEU A 1 154 ? 13.297  5.636   0.050   1.00 37.36 ? 128 LEU A C   1 
ATOM   993  O O   . LEU A 1 154 ? 14.371  5.091   0.325   1.00 33.66 ? 128 LEU A O   1 
ATOM   994  C CB  . LEU A 1 154 ? 12.475  4.633   -2.067  1.00 32.38 ? 128 LEU A CB  1 
ATOM   995  C CG  . LEU A 1 154 ? 11.699  3.526   -2.770  1.00 34.41 ? 128 LEU A CG  1 
ATOM   996  C CD1 . LEU A 1 154 ? 12.411  3.141   -4.040  1.00 39.22 ? 128 LEU A CD1 1 
ATOM   997  C CD2 . LEU A 1 154 ? 11.574  2.331   -1.856  1.00 33.10 ? 128 LEU A CD2 1 
ATOM   998  N N   . GLN A 1 155 ? 13.079  6.943   0.240   1.00 30.89 ? 129 GLN A N   1 
ATOM   999  C CA  . GLN A 1 155 ? 14.038  7.811   0.912   1.00 31.66 ? 129 GLN A CA  1 
ATOM   1000 C C   . GLN A 1 155 ? 13.681  8.044   2.371   1.00 30.13 ? 129 GLN A C   1 
ATOM   1001 O O   . GLN A 1 155 ? 14.184  8.993   2.980   1.00 34.41 ? 129 GLN A O   1 
ATOM   1002 C CB  . GLN A 1 155 ? 14.165  9.149   0.179   1.00 30.39 ? 129 GLN A CB  1 
ATOM   1003 C CG  . GLN A 1 155 ? 15.394  9.221   -0.719  1.00 45.02 ? 129 GLN A CG  1 
ATOM   1004 C CD  . GLN A 1 155 ? 15.193  10.102  -1.936  1.00 52.17 ? 129 GLN A CD  1 
ATOM   1005 O OE1 . GLN A 1 155 ? 14.263  10.917  -1.986  1.00 45.35 ? 129 GLN A OE1 1 
ATOM   1006 N NE2 . GLN A 1 155 ? 16.064  9.941   -2.937  1.00 40.10 ? 129 GLN A NE2 1 
ATOM   1007 N N   . LYS A 1 156 ? 12.815  7.196   2.938   1.00 26.25 ? 130 LYS A N   1 
ATOM   1008 C CA  . LYS A 1 156 ? 12.460  7.242   4.354   1.00 26.13 ? 130 LYS A CA  1 
ATOM   1009 C C   . LYS A 1 156 ? 11.766  8.548   4.725   1.00 29.86 ? 130 LYS A C   1 
ATOM   1010 O O   . LYS A 1 156 ? 11.893  9.026   5.851   1.00 34.46 ? 130 LYS A O   1 
ATOM   1011 C CB  . LYS A 1 156 ? 13.689  7.021   5.245   1.00 37.58 ? 130 LYS A CB  1 
ATOM   1012 N N   . LYS A 1 157 ? 11.050  9.147   3.785   1.00 26.78 ? 131 LYS A N   1 
ATOM   1013 C CA  . LYS A 1 157 ? 10.252  10.322  4.103   1.00 19.82 ? 131 LYS A CA  1 
ATOM   1014 C C   . LYS A 1 157 ? 8.827   9.902   4.454   1.00 28.05 ? 131 LYS A C   1 
ATOM   1015 O O   . LYS A 1 157 ? 8.337   8.846   4.042   1.00 31.21 ? 131 LYS A O   1 
ATOM   1016 C CB  . LYS A 1 157 ? 10.247  11.310  2.935   1.00 27.53 ? 131 LYS A CB  1 
ATOM   1017 C CG  . LYS A 1 157 ? 11.582  12.004  2.691   1.00 33.76 ? 131 LYS A CG  1 
ATOM   1018 C CD  . LYS A 1 157 ? 11.443  13.101  1.644   1.00 41.29 ? 131 LYS A CD  1 
ATOM   1019 N N   . LYS A 1 158 ? 8.162   10.743  5.231   1.00 23.79 ? 132 LYS A N   1 
ATOM   1020 C CA  . LYS A 1 158 ? 6.766   10.536  5.580   1.00 25.10 ? 132 LYS A CA  1 
ATOM   1021 C C   . LYS A 1 158 ? 5.915   11.527  4.801   1.00 26.44 ? 132 LYS A C   1 
ATOM   1022 O O   . LYS A 1 158 ? 6.390   12.596  4.408   1.00 27.16 ? 132 LYS A O   1 
ATOM   1023 C CB  . LYS A 1 158 ? 6.570   10.689  7.092   1.00 22.54 ? 132 LYS A CB  1 
ATOM   1024 C CG  . LYS A 1 158 ? 7.323   9.610   7.868   1.00 25.85 ? 132 LYS A CG  1 
ATOM   1025 C CD  . LYS A 1 158 ? 7.075   9.709   9.366   1.00 32.45 ? 132 LYS A CD  1 
ATOM   1026 N N   . PHE A 1 159 ? 4.651   11.181  4.557   1.00 24.13 ? 133 PHE A N   1 
ATOM   1027 C CA  . PHE A 1 159 ? 3.904   12.028  3.636   1.00 20.00 ? 133 PHE A CA  1 
ATOM   1028 C C   . PHE A 1 159 ? 2.407   11.991  3.890   1.00 23.11 ? 133 PHE A C   1 
ATOM   1029 O O   . PHE A 1 159 ? 1.861   11.011  4.398   1.00 20.83 ? 133 PHE A O   1 
ATOM   1030 C CB  . PHE A 1 159 ? 4.165   11.609  2.187   1.00 24.98 ? 133 PHE A CB  1 
ATOM   1031 C CG  . PHE A 1 159 ? 3.966   10.141  1.947   1.00 26.00 ? 133 PHE A CG  1 
ATOM   1032 C CD1 . PHE A 1 159 ? 2.711   9.639   1.629   1.00 27.82 ? 133 PHE A CD1 1 
ATOM   1033 C CD2 . PHE A 1 159 ? 5.029   9.259   2.074   1.00 25.75 ? 133 PHE A CD2 1 
ATOM   1034 C CE1 . PHE A 1 159 ? 2.528   8.280   1.412   1.00 27.78 ? 133 PHE A CE1 1 
ATOM   1035 C CE2 . PHE A 1 159 ? 4.851   7.900   1.870   1.00 27.91 ? 133 PHE A CE2 1 
ATOM   1036 C CZ  . PHE A 1 159 ? 3.598   7.414   1.532   1.00 20.05 ? 133 PHE A CZ  1 
ATOM   1037 N N   . HIS A 1 160 ? 1.746   13.075  3.463   1.00 23.61 ? 134 HIS A N   1 
ATOM   1038 C CA  . HIS A 1 160 ? 0.296   13.168  3.355   1.00 19.84 ? 134 HIS A CA  1 
ATOM   1039 C C   . HIS A 1 160 ? -0.059  13.387  1.888   1.00 28.72 ? 134 HIS A C   1 
ATOM   1040 O O   . HIS A 1 160 ? 0.502   14.280  1.241   1.00 27.05 ? 134 HIS A O   1 
ATOM   1041 C CB  . HIS A 1 160 ? -0.264  14.327  4.196   1.00 25.46 ? 134 HIS A CB  1 
ATOM   1042 C CG  . HIS A 1 160 ? -0.363  14.033  5.664   1.00 36.79 ? 134 HIS A CG  1 
ATOM   1043 N ND1 . HIS A 1 160 ? -0.801  14.966  6.581   1.00 29.18 ? 134 HIS A ND1 1 
ATOM   1044 C CD2 . HIS A 1 160 ? -0.082  12.913  6.373   1.00 24.25 ? 134 HIS A CD2 1 
ATOM   1045 C CE1 . HIS A 1 160 ? -0.794  14.428  7.789   1.00 31.97 ? 134 HIS A CE1 1 
ATOM   1046 N NE2 . HIS A 1 160 ? -0.363  13.183  7.690   1.00 31.03 ? 134 HIS A NE2 1 
ATOM   1047 N N   . GLY A 1 161 ? -0.981  12.588  1.367   1.00 24.87 ? 135 GLY A N   1 
ATOM   1048 C CA  . GLY A 1 161 ? -1.304  12.637  -0.050  1.00 24.17 ? 135 GLY A CA  1 
ATOM   1049 C C   . GLY A 1 161 ? -2.797  12.631  -0.309  1.00 24.12 ? 135 GLY A C   1 
ATOM   1050 O O   . GLY A 1 161 ? -3.590  12.102  0.474   1.00 25.83 ? 135 GLY A O   1 
ATOM   1051 N N   . TYR A 1 162 ? -3.175  13.227  -1.440  1.00 23.43 ? 136 TYR A N   1 
ATOM   1052 C CA  . TYR A 1 162 ? -4.544  13.172  -1.930  1.00 20.09 ? 136 TYR A CA  1 
ATOM   1053 C C   . TYR A 1 162 ? -4.501  12.997  -3.438  1.00 26.97 ? 136 TYR A C   1 
ATOM   1054 O O   . TYR A 1 162 ? -3.824  13.759  -4.135  1.00 23.15 ? 136 TYR A O   1 
ATOM   1055 C CB  . TYR A 1 162 ? -5.333  14.438  -1.558  1.00 25.45 ? 136 TYR A CB  1 
ATOM   1056 C CG  . TYR A 1 162 ? -6.823  14.397  -1.875  1.00 35.97 ? 136 TYR A CG  1 
ATOM   1057 C CD1 . TYR A 1 162 ? -7.293  14.608  -3.165  1.00 36.60 ? 136 TYR A CD1 1 
ATOM   1058 C CD2 . TYR A 1 162 ? -7.759  14.159  -0.873  1.00 45.91 ? 136 TYR A CD2 1 
ATOM   1059 C CE1 . TYR A 1 162 ? -8.647  14.576  -3.449  1.00 43.17 ? 136 TYR A CE1 1 
ATOM   1060 C CE2 . TYR A 1 162 ? -9.119  14.126  -1.149  1.00 39.08 ? 136 TYR A CE2 1 
ATOM   1061 C CZ  . TYR A 1 162 ? -9.555  14.337  -2.436  1.00 47.91 ? 136 TYR A CZ  1 
ATOM   1062 O OH  . TYR A 1 162 ? -10.904 14.311  -2.713  1.00 49.08 ? 136 TYR A OH  1 
ATOM   1063 N N   . PHE A 1 163 ? -5.208  11.992  -3.942  1.00 23.91 ? 137 PHE A N   1 
ATOM   1064 C CA  . PHE A 1 163 ? -5.238  11.727  -5.373  1.00 24.42 ? 137 PHE A CA  1 
ATOM   1065 C C   . PHE A 1 163 ? -6.678  11.613  -5.840  1.00 25.67 ? 137 PHE A C   1 
ATOM   1066 O O   . PHE A 1 163 ? -7.464  10.861  -5.255  1.00 26.80 ? 137 PHE A O   1 
ATOM   1067 C CB  . PHE A 1 163 ? -4.450  10.452  -5.707  1.00 22.45 ? 137 PHE A CB  1 
ATOM   1068 C CG  . PHE A 1 163 ? -2.981  10.551  -5.385  1.00 21.45 ? 137 PHE A CG  1 
ATOM   1069 C CD1 . PHE A 1 163 ? -2.523  10.316  -4.104  1.00 23.05 ? 137 PHE A CD1 1 
ATOM   1070 C CD2 . PHE A 1 163 ? -2.059  10.897  -6.368  1.00 23.01 ? 137 PHE A CD2 1 
ATOM   1071 C CE1 . PHE A 1 163 ? -1.162  10.412  -3.798  1.00 24.88 ? 137 PHE A CE1 1 
ATOM   1072 C CE2 . PHE A 1 163 ? -0.722  11.010  -6.067  1.00 22.73 ? 137 PHE A CE2 1 
ATOM   1073 C CZ  . PHE A 1 163 ? -0.271  10.760  -4.786  1.00 23.27 ? 137 PHE A CZ  1 
ATOM   1074 N N   . LYS A 1 164 ? -7.011  12.333  -6.916  1.00 26.90 ? 138 LYS A N   1 
ATOM   1075 C CA  . LYS A 1 164 ? -8.333  12.292  -7.535  1.00 26.19 ? 138 LYS A CA  1 
ATOM   1076 C C   . LYS A 1 164 ? -8.255  11.534  -8.853  1.00 22.72 ? 138 LYS A C   1 
ATOM   1077 O O   . LYS A 1 164 ? -7.572  11.974  -9.786  1.00 25.42 ? 138 LYS A O   1 
ATOM   1078 C CB  . LYS A 1 164 ? -8.871  13.704  -7.771  1.00 28.56 ? 138 LYS A CB  1 
ATOM   1079 C CG  . LYS A 1 164 ? -10.098 13.761  -8.676  1.00 28.77 ? 138 LYS A CG  1 
ATOM   1080 C CD  . LYS A 1 164 ? -10.804 15.116  -8.572  1.00 34.07 ? 138 LYS A CD  1 
ATOM   1081 N N   . PHE A 1 165 ? -8.976  10.418  -8.939  1.00 19.30 ? 139 PHE A N   1 
ATOM   1082 C CA  . PHE A 1 165 ? -8.934  9.533   -10.099 1.00 22.99 ? 139 PHE A CA  1 
ATOM   1083 C C   . PHE A 1 165 ? -10.199 9.676   -10.936 1.00 23.66 ? 139 PHE A C   1 
ATOM   1084 O O   . PHE A 1 165 ? -11.298 9.841   -10.395 1.00 29.37 ? 139 PHE A O   1 
ATOM   1085 C CB  . PHE A 1 165 ? -8.803  8.068   -9.670  1.00 29.60 ? 139 PHE A CB  1 
ATOM   1086 C CG  . PHE A 1 165 ? -7.390  7.625   -9.416  1.00 21.18 ? 139 PHE A CG  1 
ATOM   1087 C CD1 . PHE A 1 165 ? -6.748  7.964   -8.246  1.00 28.94 ? 139 PHE A CD1 1 
ATOM   1088 C CD2 . PHE A 1 165 ? -6.713  6.864   -10.353 1.00 33.65 ? 139 PHE A CD2 1 
ATOM   1089 C CE1 . PHE A 1 165 ? -5.449  7.554   -8.001  1.00 29.04 ? 139 PHE A CE1 1 
ATOM   1090 C CE2 . PHE A 1 165 ? -5.393  6.445   -10.121 1.00 25.68 ? 139 PHE A CE2 1 
ATOM   1091 C CZ  . PHE A 1 165 ? -4.770  6.790   -8.943  1.00 31.75 ? 139 PHE A CZ  1 
ATOM   1092 N N   . GLN A 1 166 ? -10.041 9.577   -12.253 1.00 28.05 ? 140 GLN A N   1 
ATOM   1093 C CA  . GLN A 1 166 ? -11.145 9.320   -13.174 1.00 27.78 ? 140 GLN A CA  1 
ATOM   1094 C C   . GLN A 1 166 ? -10.952 7.910   -13.712 1.00 33.80 ? 140 GLN A C   1 
ATOM   1095 O O   . GLN A 1 166 ? -10.067 7.673   -14.542 1.00 30.69 ? 140 GLN A O   1 
ATOM   1096 C CB  . GLN A 1 166 ? -11.185 10.353  -14.296 1.00 33.41 ? 140 GLN A CB  1 
ATOM   1097 C CG  . GLN A 1 166 ? -12.423 10.255  -15.179 1.00 43.11 ? 140 GLN A CG  1 
ATOM   1098 C CD  . GLN A 1 166 ? -12.817 11.596  -15.774 1.00 49.97 ? 140 GLN A CD  1 
ATOM   1099 O OE1 . GLN A 1 166 ? -12.051 12.209  -16.516 1.00 52.72 ? 140 GLN A OE1 1 
ATOM   1100 N NE2 . GLN A 1 166 ? -14.019 12.060  -15.444 1.00 55.69 ? 140 GLN A NE2 1 
ATOM   1101 N N   . GLY A 1 167 ? -11.756 6.971   -13.225 1.00 27.44 ? 141 GLY A N   1 
ATOM   1102 C CA  . GLY A 1 167 ? -11.447 5.582   -13.521 1.00 31.39 ? 141 GLY A CA  1 
ATOM   1103 C C   . GLY A 1 167 ? -10.189 5.140   -12.784 1.00 32.27 ? 141 GLY A C   1 
ATOM   1104 O O   . GLY A 1 167 ? -9.724  5.781   -11.853 1.00 33.25 ? 141 GLY A O   1 
ATOM   1105 N N   . GLN A 1 168 ? -9.619  4.025   -13.233 1.00 28.70 ? 142 GLN A N   1 
ATOM   1106 C CA  . GLN A 1 168 ? -8.479  3.445   -12.543 1.00 26.29 ? 142 GLN A CA  1 
ATOM   1107 C C   . GLN A 1 168 ? -7.146  3.847   -13.147 1.00 33.67 ? 142 GLN A C   1 
ATOM   1108 O O   . GLN A 1 168 ? -6.103  3.412   -12.650 1.00 28.97 ? 142 GLN A O   1 
ATOM   1109 C CB  . GLN A 1 168 ? -8.585  1.921   -12.528 1.00 35.54 ? 142 GLN A CB  1 
ATOM   1110 C CG  . GLN A 1 168 ? -9.919  1.367   -12.057 1.00 32.87 ? 142 GLN A CG  1 
ATOM   1111 C CD  . GLN A 1 168 ? -9.891  -0.145  -11.945 1.00 45.83 ? 142 GLN A CD  1 
ATOM   1112 O OE1 . GLN A 1 168 ? -8.857  -0.771  -12.171 1.00 52.22 ? 142 GLN A OE1 1 
ATOM   1113 N NE2 . GLN A 1 168 ? -11.028 -0.740  -11.593 1.00 53.29 ? 142 GLN A NE2 1 
ATOM   1114 N N   . ASP A 1 169 ? -7.148  4.655   -14.208 1.00 30.17 ? 143 ASP A N   1 
ATOM   1115 C CA  . ASP A 1 169 ? -5.934  4.919   -14.965 1.00 33.51 ? 143 ASP A CA  1 
ATOM   1116 C C   . ASP A 1 169 ? -5.484  6.362   -14.935 1.00 37.39 ? 143 ASP A C   1 
ATOM   1117 O O   . ASP A 1 169 ? -4.314  6.621   -15.221 1.00 34.92 ? 143 ASP A O   1 
ATOM   1118 C CB  . ASP A 1 169 ? -6.115  4.517   -16.438 1.00 35.90 ? 143 ASP A CB  1 
ATOM   1119 C CG  . ASP A 1 169 ? -6.353  3.039   -16.605 1.00 44.12 ? 143 ASP A CG  1 
ATOM   1120 O OD1 . ASP A 1 169 ? -5.986  2.274   -15.686 1.00 39.28 ? 143 ASP A OD1 1 
ATOM   1121 O OD2 . ASP A 1 169 ? -6.918  2.644   -17.648 1.00 63.72 ? 143 ASP A OD2 1 
ATOM   1122 N N   . THR A 1 170 ? -6.368  7.304   -14.630 1.00 26.80 ? 144 THR A N   1 
ATOM   1123 C CA  . THR A 1 170 ? -6.084  8.716   -14.852 1.00 27.28 ? 144 THR A CA  1 
ATOM   1124 C C   . THR A 1 170 ? -6.186  9.507   -13.558 1.00 35.63 ? 144 THR A C   1 
ATOM   1125 O O   . THR A 1 170 ? -7.260  9.561   -12.943 1.00 28.77 ? 144 THR A O   1 
ATOM   1126 C CB  . THR A 1 170 ? -7.037  9.295   -15.894 1.00 38.02 ? 144 THR A CB  1 
ATOM   1127 O OG1 . THR A 1 170 ? -7.109  8.409   -17.025 1.00 35.66 ? 144 THR A OG1 1 
ATOM   1128 C CG2 . THR A 1 170 ? -6.541  10.657  -16.334 1.00 32.13 ? 144 THR A CG2 1 
ATOM   1129 N N   . ILE A 1 171 ? -5.077  10.140  -13.171 1.00 24.98 ? 145 ILE A N   1 
ATOM   1130 C CA  . ILE A 1 171 ? -5.051  11.099  -12.071 1.00 23.24 ? 145 ILE A CA  1 
ATOM   1131 C C   . ILE A 1 171 ? -5.453  12.462  -12.621 1.00 31.06 ? 145 ILE A C   1 
ATOM   1132 O O   . ILE A 1 171 ? -4.787  12.999  -13.513 1.00 34.07 ? 145 ILE A O   1 
ATOM   1133 C CB  . ILE A 1 171 ? -3.663  11.165  -11.414 1.00 28.03 ? 145 ILE A CB  1 
ATOM   1134 C CG1 . ILE A 1 171 ? -3.311  9.836   -10.750 1.00 28.24 ? 145 ILE A CG1 1 
ATOM   1135 C CG2 . ILE A 1 171 ? -3.601  12.275  -10.368 1.00 29.31 ? 145 ILE A CG2 1 
ATOM   1136 C CD1 . ILE A 1 171 ? -1.844  9.722   -10.455 1.00 25.57 ? 145 ILE A CD1 1 
ATOM   1137 N N   . LEU A 1 172 ? -6.553  13.014  -12.096 1.00 27.11 ? 146 LEU A N   1 
ATOM   1138 C CA  . LEU A 1 172 ? -7.037  14.325  -12.527 1.00 35.78 ? 146 LEU A CA  1 
ATOM   1139 C C   . LEU A 1 172 ? -6.308  15.445  -11.802 1.00 35.31 ? 146 LEU A C   1 
ATOM   1140 O O   . LEU A 1 172 ? -5.937  16.452  -12.413 1.00 40.29 ? 146 LEU A O   1 
ATOM   1141 C CB  . LEU A 1 172 ? -8.546  14.449  -12.287 1.00 33.20 ? 146 LEU A CB  1 
ATOM   1142 C CG  . LEU A 1 172 ? -9.439  13.424  -12.974 1.00 24.61 ? 146 LEU A CG  1 
ATOM   1143 C CD1 . LEU A 1 172 ? -10.916 13.708  -12.676 1.00 33.14 ? 146 LEU A CD1 1 
ATOM   1144 C CD2 . LEU A 1 172 ? -9.191  13.462  -14.462 1.00 32.83 ? 146 LEU A CD2 1 
ATOM   1145 N N   . ASP A 1 173 ? -6.137  15.305  -10.492 1.00 28.39 ? 147 ASP A N   1 
ATOM   1146 C CA  . ASP A 1 173 ? -5.300  16.219  -9.726  1.00 30.33 ? 147 ASP A CA  1 
ATOM   1147 C C   . ASP A 1 173 ? -4.842  15.487  -8.471  1.00 27.42 ? 147 ASP A C   1 
ATOM   1148 O O   . ASP A 1 173 ? -5.305  14.384  -8.171  1.00 28.63 ? 147 ASP A O   1 
ATOM   1149 C CB  . ASP A 1 173 ? -6.030  17.531  -9.409  1.00 38.81 ? 147 ASP A CB  1 
ATOM   1150 C CG  . ASP A 1 173 ? -6.809  17.490  -8.108  1.00 40.64 ? 147 ASP A CG  1 
ATOM   1151 O OD1 . ASP A 1 173 ? -7.388  16.443  -7.753  1.00 47.97 ? 147 ASP A OD1 1 
ATOM   1152 O OD2 . ASP A 1 173 ? -6.842  18.532  -7.423  1.00 53.56 ? 147 ASP A OD2 1 
ATOM   1153 N N   . TYR A 1 174 ? -3.913  16.104  -7.753  1.00 28.25 ? 148 TYR A N   1 
ATOM   1154 C CA  . TYR A 1 174 ? -3.358  15.475  -6.558  1.00 26.56 ? 148 TYR A CA  1 
ATOM   1155 C C   . TYR A 1 174 ? -2.645  16.528  -5.727  1.00 35.02 ? 148 TYR A C   1 
ATOM   1156 O O   . TYR A 1 174 ? -2.256  17.586  -6.231  1.00 34.64 ? 148 TYR A O   1 
ATOM   1157 C CB  . TYR A 1 174 ? -2.390  14.328  -6.910  1.00 25.58 ? 148 TYR A CB  1 
ATOM   1158 C CG  . TYR A 1 174 ? -0.999  14.796  -7.270  1.00 30.83 ? 148 TYR A CG  1 
ATOM   1159 C CD1 . TYR A 1 174 ? -0.713  15.243  -8.552  1.00 34.69 ? 148 TYR A CD1 1 
ATOM   1160 C CD2 . TYR A 1 174 ? 0.029   14.788  -6.331  1.00 31.08 ? 148 TYR A CD2 1 
ATOM   1161 C CE1 . TYR A 1 174 ? 0.552   15.680  -8.889  1.00 34.70 ? 148 TYR A CE1 1 
ATOM   1162 C CE2 . TYR A 1 174 ? 1.294   15.224  -6.658  1.00 34.42 ? 148 TYR A CE2 1 
ATOM   1163 C CZ  . TYR A 1 174 ? 1.548   15.671  -7.937  1.00 40.39 ? 148 TYR A CZ  1 
ATOM   1164 O OH  . TYR A 1 174 ? 2.804   16.103  -8.275  1.00 46.79 ? 148 TYR A OH  1 
ATOM   1165 N N   . THR A 1 175 ? -2.470  16.218  -4.445  1.00 23.28 ? 149 THR A N   1 
ATOM   1166 C CA  . THR A 1 175 ? -1.526  16.936  -3.602  1.00 29.97 ? 149 THR A CA  1 
ATOM   1167 C C   . THR A 1 175 ? -0.669  15.925  -2.847  1.00 30.31 ? 149 THR A C   1 
ATOM   1168 O O   . THR A 1 175 ? -1.122  14.825  -2.526  1.00 29.03 ? 149 THR A O   1 
ATOM   1169 C CB  . THR A 1 175 ? -2.231  17.875  -2.615  1.00 30.52 ? 149 THR A CB  1 
ATOM   1170 O OG1 . THR A 1 175 ? -1.258  18.641  -1.902  1.00 45.23 ? 149 THR A OG1 1 
ATOM   1171 C CG2 . THR A 1 175 ? -3.043  17.092  -1.633  1.00 30.35 ? 149 THR A CG2 1 
ATOM   1172 N N   . LEU A 1 176 ? 0.576   16.300  -2.577  1.00 26.25 ? 150 LEU A N   1 
ATOM   1173 C CA  . LEU A 1 176 ? 1.485   15.404  -1.863  1.00 23.47 ? 150 LEU A CA  1 
ATOM   1174 C C   . LEU A 1 176 ? 2.501   16.234  -1.097  1.00 25.75 ? 150 LEU A C   1 
ATOM   1175 O O   . LEU A 1 176 ? 3.258   17.008  -1.694  1.00 29.77 ? 150 LEU A O   1 
ATOM   1176 C CB  . LEU A 1 176 ? 2.176   14.439  -2.831  1.00 27.86 ? 150 LEU A CB  1 
ATOM   1177 C CG  . LEU A 1 176 ? 3.110   13.416  -2.178  1.00 23.18 ? 150 LEU A CG  1 
ATOM   1178 C CD1 . LEU A 1 176 ? 2.346   12.495  -1.234  1.00 23.90 ? 150 LEU A CD1 1 
ATOM   1179 C CD2 . LEU A 1 176 ? 3.766   12.606  -3.256  1.00 30.60 ? 150 LEU A CD2 1 
ATOM   1180 N N   . ARG A 1 177 ? 2.506   16.081  0.222   1.00 20.47 ? 151 ARG A N   1 
ATOM   1181 C CA  . ARG A 1 177 ? 3.304   16.910  1.115   1.00 28.27 ? 151 ARG A CA  1 
ATOM   1182 C C   . ARG A 1 177 ? 4.093   16.023  2.065   1.00 25.87 ? 151 ARG A C   1 
ATOM   1183 O O   . ARG A 1 177 ? 3.526   15.143  2.721   1.00 28.62 ? 151 ARG A O   1 
ATOM   1184 C CB  . ARG A 1 177 ? 2.408   17.875  1.908   1.00 34.93 ? 151 ARG A CB  1 
ATOM   1185 C CG  . ARG A 1 177 ? 2.987   18.352  3.235   1.00 42.74 ? 151 ARG A CG  1 
ATOM   1186 C CD  . ARG A 1 177 ? 2.202   19.524  3.838   1.00 42.30 ? 151 ARG A CD  1 
ATOM   1187 N NE  . ARG A 1 177 ? 1.055   19.101  4.645   1.00 42.92 ? 151 ARG A NE  1 
ATOM   1188 C CZ  . ARG A 1 177 ? 1.060   19.018  5.976   1.00 48.02 ? 151 ARG A CZ  1 
ATOM   1189 N NH1 . ARG A 1 177 ? -0.030  18.625  6.633   1.00 32.47 ? 151 ARG A NH1 1 
ATOM   1190 N NH2 . ARG A 1 177 ? 2.162   19.324  6.655   1.00 48.86 ? 151 ARG A NH2 1 
ATOM   1191 N N   . GLU A 1 178 ? 5.395   16.257  2.131   1.00 23.46 ? 152 GLU A N   1 
ATOM   1192 C CA  . GLU A 1 178 ? 6.228   15.614  3.136   1.00 21.14 ? 152 GLU A CA  1 
ATOM   1193 C C   . GLU A 1 178 ? 5.900   16.154  4.526   1.00 31.59 ? 152 GLU A C   1 
ATOM   1194 O O   . GLU A 1 178 ? 5.639   17.351  4.705   1.00 31.07 ? 152 GLU A O   1 
ATOM   1195 C CB  . GLU A 1 178 ? 7.706   15.835  2.807   1.00 29.08 ? 152 GLU A CB  1 
ATOM   1196 N N   . VAL A 1 179 ? 5.915   15.264  5.519   1.00 22.59 ? 153 VAL A N   1 
ATOM   1197 C CA  . VAL A 1 179 ? 5.452   15.595  6.859   1.00 23.17 ? 153 VAL A CA  1 
ATOM   1198 C C   . VAL A 1 179 ? 6.418   15.041  7.904   1.00 33.66 ? 153 VAL A C   1 
ATOM   1199 O O   . VAL A 1 179 ? 7.163   14.089  7.662   1.00 26.14 ? 153 VAL A O   1 
ATOM   1200 C CB  . VAL A 1 179 ? 4.023   15.058  7.102   1.00 30.71 ? 153 VAL A CB  1 
ATOM   1201 C CG1 . VAL A 1 179 ? 4.060   13.609  7.573   1.00 28.77 ? 153 VAL A CG1 1 
ATOM   1202 C CG2 . VAL A 1 179 ? 3.307   15.922  8.088   1.00 37.85 ? 153 VAL A CG2 1 
ATOM   1203 N N   . ASP A 1 180 ? 6.410   15.667  9.084   1.00 25.08 ? 154 ASP A N   1 
ATOM   1204 C CA  . ASP A 1 180 ? 7.170   15.157  10.218  1.00 32.89 ? 154 ASP A CA  1 
ATOM   1205 C C   . ASP A 1 180 ? 6.376   14.153  11.034  1.00 35.80 ? 154 ASP A C   1 
ATOM   1206 O O   . ASP A 1 180 ? 6.975   13.298  11.695  1.00 32.40 ? 154 ASP A O   1 
ATOM   1207 C CB  . ASP A 1 180 ? 7.610   16.298  11.147  1.00 31.95 ? 154 ASP A CB  1 
ATOM   1208 C CG  . ASP A 1 180 ? 8.468   17.343  10.441  1.00 36.21 ? 154 ASP A CG  1 
ATOM   1209 O OD1 . ASP A 1 180 ? 9.551   16.995  9.933   1.00 38.60 ? 154 ASP A OD1 1 
ATOM   1210 O OD2 . ASP A 1 180 ? 8.057   18.521  10.401  1.00 39.27 ? 154 ASP A OD2 1 
ATOM   1211 N N   . THR A 1 181 ? 5.046   14.253  11.009  1.00 27.11 ? 155 THR A N   1 
ATOM   1212 C CA  . THR A 1 181 ? 4.165   13.389  11.785  1.00 42.57 ? 155 THR A CA  1 
ATOM   1213 C C   . THR A 1 181 ? 3.028   12.944  10.884  1.00 29.95 ? 155 THR A C   1 
ATOM   1214 O O   . THR A 1 181 ? 2.349   13.784  10.288  1.00 42.61 ? 155 THR A O   1 
ATOM   1215 C CB  . THR A 1 181 ? 3.603   14.112  13.023  1.00 35.29 ? 155 THR A CB  1 
ATOM   1216 O OG1 . THR A 1 181 ? 4.678   14.696  13.763  1.00 42.28 ? 155 THR A OG1 1 
ATOM   1217 C CG2 . THR A 1 181 ? 2.860   13.131  13.922  1.00 40.11 ? 155 THR A CG2 1 
ATOM   1218 N N   . VAL A 1 182 ? 2.823   11.636  10.776  1.00 32.78 ? 156 VAL A N   1 
ATOM   1219 C CA  . VAL A 1 182 ? 1.788   11.119  9.887   1.00 26.36 ? 156 VAL A CA  1 
ATOM   1220 C C   . VAL A 1 182 ? 0.404   11.320  10.491  1.00 42.19 ? 156 VAL A C   1 
ATOM   1221 O O   . VAL A 1 182 ? 0.218   11.105  11.690  1.00 35.74 ? 156 VAL A O   1 
ATOM   1222 C CB  . VAL A 1 182 ? 2.037   9.642   9.556   1.00 28.87 ? 156 VAL A CB  1 
ATOM   1223 C CG1 . VAL A 1 182 ? 0.921   9.101   8.678   1.00 30.65 ? 156 VAL A CG1 1 
ATOM   1224 C CG2 . VAL A 1 182 ? 3.370   9.512   8.858   1.00 26.89 ? 156 VAL A CG2 1 
ATOM   1225 O OXT . VAL A 1 182 ? -0.546  11.714  9.796   1.00 38.53 ? 156 VAL A OXT 1 
HETATM 1226 N NAF . AX7 B 2 .   ? -3.800  3.565   -5.071  1.00 25.84 ? 201 AX7 A NAF 1 
HETATM 1227 C CAI . AX7 B 2 .   ? -5.080  2.963   -4.935  1.00 29.21 ? 201 AX7 A CAI 1 
HETATM 1228 C CAD . AX7 B 2 .   ? -6.330  3.419   -5.303  1.00 36.32 ? 201 AX7 A CAD 1 
HETATM 1229 C CAB . AX7 B 2 .   ? -7.414  2.611   -5.053  1.00 34.58 ? 201 AX7 A CAB 1 
HETATM 1230 C CAC . AX7 B 2 .   ? -7.249  1.354   -4.433  1.00 37.20 ? 201 AX7 A CAC 1 
HETATM 1231 C CAE . AX7 B 2 .   ? -6.001  0.888   -4.057  1.00 29.22 ? 201 AX7 A CAE 1 
HETATM 1232 C CAJ . AX7 B 2 .   ? -4.884  1.694   -4.310  1.00 27.70 ? 201 AX7 A CAJ 1 
HETATM 1233 N NAG . AX7 B 2 .   ? -3.501  1.471   -4.044  1.00 27.57 ? 201 AX7 A NAG 1 
HETATM 1234 C CAH . AX7 B 2 .   ? -2.899  2.621   -4.516  1.00 31.45 ? 201 AX7 A CAH 1 
HETATM 1235 N NAA . AX7 B 2 .   ? -1.592  2.919   -4.507  1.00 23.77 ? 201 AX7 A NAA 1 
HETATM 1236 S S   . SO4 C 3 .   ? 6.203   4.658   14.284  1.00 60.66 ? 202 SO4 A S   1 
HETATM 1237 O O1  . SO4 C 3 .   ? 6.162   5.590   15.407  1.00 65.03 ? 202 SO4 A O1  1 
HETATM 1238 O O2  . SO4 C 3 .   ? 7.009   3.488   14.645  1.00 51.58 ? 202 SO4 A O2  1 
HETATM 1239 O O3  . SO4 C 3 .   ? 4.844   4.227   13.962  1.00 48.73 ? 202 SO4 A O3  1 
HETATM 1240 O O4  . SO4 C 3 .   ? 6.794   5.326   13.126  1.00 45.23 ? 202 SO4 A O4  1 
HETATM 1241 O O   . HOH D 4 .   ? 14.506  -13.848 -0.703  1.00 39.99 ? 301 HOH A O   1 
HETATM 1242 O O   . HOH D 4 .   ? 1.865   18.978  8.865   1.00 39.45 ? 302 HOH A O   1 
HETATM 1243 O O   . HOH D 4 .   ? -2.023  17.608  5.715   1.00 51.17 ? 303 HOH A O   1 
HETATM 1244 O O   . HOH D 4 .   ? -6.983  -3.715  17.688  1.00 37.48 ? 304 HOH A O   1 
HETATM 1245 O O   . HOH D 4 .   ? -14.174 2.729   -0.105  1.00 32.07 ? 305 HOH A O   1 
HETATM 1246 O O   . HOH D 4 .   ? 11.318  -10.926 -8.443  1.00 31.89 ? 306 HOH A O   1 
HETATM 1247 O O   . HOH D 4 .   ? -5.447  8.003   -18.857 1.00 46.85 ? 307 HOH A O   1 
HETATM 1248 O O   . HOH D 4 .   ? 0.574   1.064   -3.912  1.00 31.52 ? 308 HOH A O   1 
HETATM 1249 O O   . HOH D 4 .   ? -12.303 -0.180  6.841   1.00 32.79 ? 309 HOH A O   1 
HETATM 1250 O O   . HOH D 4 .   ? 0.070   -0.544  -7.025  1.00 23.09 ? 310 HOH A O   1 
HETATM 1251 O O   . HOH D 4 .   ? -15.305 -6.642  15.031  1.00 36.75 ? 311 HOH A O   1 
HETATM 1252 O O   . HOH D 4 .   ? 15.020  -11.294 -2.945  1.00 36.52 ? 312 HOH A O   1 
HETATM 1253 O O   . HOH D 4 .   ? -2.543  -0.877  -2.918  1.00 23.81 ? 313 HOH A O   1 
HETATM 1254 O O   . HOH D 4 .   ? -3.630  -13.728 -0.597  1.00 40.92 ? 314 HOH A O   1 
HETATM 1255 O O   . HOH D 4 .   ? 4.834   -5.372  0.830   1.00 20.73 ? 315 HOH A O   1 
HETATM 1256 O O   . HOH D 4 .   ? -9.068  6.034   -16.333 1.00 36.02 ? 316 HOH A O   1 
HETATM 1257 O O   . HOH D 4 .   ? -11.594 7.876   7.973   1.00 49.04 ? 317 HOH A O   1 
HETATM 1258 O O   . HOH D 4 .   ? -12.591 15.008  3.859   1.00 38.66 ? 318 HOH A O   1 
HETATM 1259 O O   . HOH D 4 .   ? 3.715   16.885  14.862  1.00 27.05 ? 319 HOH A O   1 
HETATM 1260 O O   . HOH D 4 .   ? 13.738  8.031   -3.485  1.00 44.28 ? 320 HOH A O   1 
HETATM 1261 O O   . HOH D 4 .   ? -6.271  -0.313  -16.230 1.00 52.01 ? 321 HOH A O   1 
HETATM 1262 O O   . HOH D 4 .   ? 9.366   13.175  6.472   1.00 32.00 ? 322 HOH A O   1 
HETATM 1263 O O   . HOH D 4 .   ? -6.917  -13.041 10.558  1.00 40.30 ? 323 HOH A O   1 
HETATM 1264 O O   . HOH D 4 .   ? -18.389 -6.009  14.941  1.00 34.88 ? 324 HOH A O   1 
HETATM 1265 O O   . HOH D 4 .   ? -17.674 11.083  1.493   1.00 34.60 ? 325 HOH A O   1 
HETATM 1266 O O   . HOH D 4 .   ? -16.517 11.249  -5.755  1.00 36.49 ? 326 HOH A O   1 
HETATM 1267 O O   . HOH D 4 .   ? 6.329   -15.538 -7.311  1.00 25.14 ? 327 HOH A O   1 
HETATM 1268 O O   . HOH D 4 .   ? 14.247  -7.345  -9.307  1.00 32.56 ? 328 HOH A O   1 
HETATM 1269 O O   . HOH D 4 .   ? 5.857   7.626   12.016  1.00 40.68 ? 329 HOH A O   1 
HETATM 1270 O O   . HOH D 4 .   ? -14.444 8.470   -4.132  1.00 23.91 ? 330 HOH A O   1 
HETATM 1271 O O   . HOH D 4 .   ? 0.183   -0.875  -3.044  1.00 25.80 ? 331 HOH A O   1 
HETATM 1272 O O   . HOH D 4 .   ? -3.760  -7.922  14.175  1.00 34.87 ? 332 HOH A O   1 
HETATM 1273 O O   . HOH D 4 .   ? -7.507  -6.079  0.157   1.00 40.94 ? 333 HOH A O   1 
HETATM 1274 O O   . HOH D 4 .   ? 0.331   5.162   8.631   1.00 33.72 ? 334 HOH A O   1 
HETATM 1275 O O   . HOH D 4 .   ? 11.620  1.275   -11.911 1.00 37.69 ? 335 HOH A O   1 
HETATM 1276 O O   . HOH D 4 .   ? 3.023   3.750   -10.818 1.00 26.07 ? 336 HOH A O   1 
HETATM 1277 O O   . HOH D 4 .   ? 15.434  2.463   0.325   1.00 42.35 ? 337 HOH A O   1 
HETATM 1278 O O   . HOH D 4 .   ? -6.513  -3.533  7.832   1.00 29.64 ? 338 HOH A O   1 
HETATM 1279 O O   . HOH D 4 .   ? -6.430  -7.447  14.843  1.00 42.09 ? 339 HOH A O   1 
HETATM 1280 O O   . HOH D 4 .   ? 7.712   -0.159  -14.873 1.00 38.03 ? 340 HOH A O   1 
HETATM 1281 O O   . HOH D 4 .   ? -18.440 -2.126  9.213   0.50 40.79 ? 341 HOH A O   1 
HETATM 1282 O O   . HOH D 4 .   ? 10.803  -13.871 3.487   1.00 37.17 ? 342 HOH A O   1 
HETATM 1283 O O   . HOH D 4 .   ? 1.628   -9.672  10.412  1.00 31.15 ? 343 HOH A O   1 
HETATM 1284 O O   . HOH D 4 .   ? 4.828   -1.129  15.737  1.00 44.96 ? 344 HOH A O   1 
HETATM 1285 O O   . HOH D 4 .   ? -6.809  3.017   15.417  1.00 38.18 ? 345 HOH A O   1 
HETATM 1286 O O   . HOH D 4 .   ? 1.829   7.827   -12.896 1.00 33.55 ? 346 HOH A O   1 
HETATM 1287 O O   . HOH D 4 .   ? 4.095   17.044  10.806  1.00 39.89 ? 347 HOH A O   1 
HETATM 1288 O O   . HOH D 4 .   ? -16.079 14.665  -8.161  1.00 35.32 ? 348 HOH A O   1 
HETATM 1289 O O   . HOH D 4 .   ? 12.760  1.669   -9.561  1.00 39.58 ? 349 HOH A O   1 
HETATM 1290 O O   . HOH D 4 .   ? -1.966  -15.197 8.483   1.00 44.70 ? 350 HOH A O   1 
HETATM 1291 O O   . HOH D 4 .   ? 4.424   9.707   12.387  1.00 43.65 ? 351 HOH A O   1 
HETATM 1292 O O   . HOH D 4 .   ? -3.460  2.325   15.125  1.00 36.85 ? 352 HOH A O   1 
HETATM 1293 O O   . HOH D 4 .   ? -7.205  10.751  10.010  1.00 44.73 ? 353 HOH A O   1 
HETATM 1294 O O   . HOH D 4 .   ? -10.564 16.980  -4.067  1.00 50.10 ? 354 HOH A O   1 
HETATM 1295 O O   . HOH D 4 .   ? -18.062 4.862   -3.486  1.00 34.43 ? 355 HOH A O   1 
HETATM 1296 O O   . HOH D 4 .   ? 17.919  7.644   -3.679  1.00 35.54 ? 356 HOH A O   1 
HETATM 1297 O O   . HOH D 4 .   ? -16.046 -5.396  11.148  1.00 31.85 ? 357 HOH A O   1 
HETATM 1298 O O   . HOH D 4 .   ? -5.680  -2.844  -6.101  1.00 41.27 ? 358 HOH A O   1 
HETATM 1299 O O   . HOH D 4 .   ? -7.152  -17.640 -2.464  1.00 46.02 ? 359 HOH A O   1 
HETATM 1300 O O   . HOH D 4 .   ? -3.742  20.294  -5.820  0.50 42.45 ? 360 HOH A O   1 
HETATM 1301 O O   . HOH D 4 .   ? 5.922   -6.290  -14.100 1.00 37.26 ? 361 HOH A O   1 
HETATM 1302 O O   . HOH D 4 .   ? 10.501  -3.214  11.178  1.00 40.80 ? 362 HOH A O   1 
HETATM 1303 O O   . HOH D 4 .   ? -0.930  -13.793 -11.896 1.00 37.63 ? 363 HOH A O   1 
HETATM 1304 O O   . HOH D 4 .   ? 12.059  -15.143 7.217   1.00 46.61 ? 364 HOH A O   1 
HETATM 1305 O O   . HOH D 4 .   ? -1.367  5.637   10.648  1.00 38.52 ? 365 HOH A O   1 
HETATM 1306 O O   . HOH D 4 .   ? 4.707   -19.081 -4.404  1.00 36.39 ? 366 HOH A O   1 
HETATM 1307 O O   . HOH D 4 .   ? 13.633  -9.845  8.690   1.00 43.49 ? 367 HOH A O   1 
HETATM 1308 O O   . HOH D 4 .   ? -1.833  -1.117  -15.010 1.00 48.46 ? 368 HOH A O   1 
HETATM 1309 O O   . HOH D 4 .   ? 5.804   11.694  14.626  1.00 48.45 ? 369 HOH A O   1 
HETATM 1310 O O   . HOH D 4 .   ? -2.715  10.200  -15.520 1.00 45.13 ? 370 HOH A O   1 
HETATM 1311 O O   . HOH D 4 .   ? -10.255 -7.306  2.769   1.00 45.51 ? 371 HOH A O   1 
HETATM 1312 O O   . HOH D 4 .   ? 1.753   18.981  -4.339  1.00 49.43 ? 372 HOH A O   1 
HETATM 1313 O O   . HOH D 4 .   ? -14.369 3.576   -2.677  1.00 41.27 ? 373 HOH A O   1 
HETATM 1314 O O   . HOH D 4 .   ? 11.035  -5.993  14.767  1.00 48.56 ? 374 HOH A O   1 
HETATM 1315 O O   . HOH D 4 .   ? -5.684  -1.719  0.174   1.00 23.82 ? 375 HOH A O   1 
HETATM 1316 O O   . HOH D 4 .   ? 6.641   19.061  0.435   1.00 44.89 ? 376 HOH A O   1 
HETATM 1317 O O   . HOH D 4 .   ? 9.500   1.788   -14.096 1.00 45.44 ? 377 HOH A O   1 
HETATM 1318 O O   . HOH D 4 .   ? 8.721   -20.264 6.288   1.00 44.31 ? 378 HOH A O   1 
HETATM 1319 O O   . HOH D 4 .   ? 8.639   7.069   -10.733 1.00 45.08 ? 379 HOH A O   1 
HETATM 1320 O O   . HOH D 4 .   ? -13.204 -4.969  -4.517  1.00 61.24 ? 380 HOH A O   1 
HETATM 1321 O O   . HOH D 4 .   ? 0.083   9.840   -14.107 1.00 42.19 ? 381 HOH A O   1 
HETATM 1322 O O   . HOH D 4 .   ? 11.862  -6.119  -12.745 1.00 47.17 ? 382 HOH A O   1 
HETATM 1323 O O   . HOH D 4 .   ? 8.706   18.203  6.591   1.00 42.42 ? 383 HOH A O   1 
HETATM 1324 O O   . HOH D 4 .   ? 8.439   -15.306 -3.542  1.00 42.08 ? 384 HOH A O   1 
HETATM 1325 O O   . HOH D 4 .   ? -14.445 18.070  5.325   1.00 57.31 ? 385 HOH A O   1 
HETATM 1326 O O   . HOH D 4 .   ? -4.287  12.850  4.711   1.00 47.02 ? 386 HOH A O   1 
HETATM 1327 O O   . HOH D 4 .   ? 6.016   11.413  -11.149 1.00 38.24 ? 387 HOH A O   1 
HETATM 1328 O O   . HOH D 4 .   ? -13.584 -10.361 -10.244 1.00 38.11 ? 388 HOH A O   1 
HETATM 1329 O O   . HOH D 4 .   ? -2.142  17.348  -11.834 1.00 44.74 ? 389 HOH A O   1 
HETATM 1330 O O   . HOH D 4 .   ? 15.167  1.598   2.331   1.00 45.20 ? 390 HOH A O   1 
HETATM 1331 O O   . HOH D 4 .   ? 4.515   3.106   18.256  1.00 52.22 ? 391 HOH A O   1 
HETATM 1332 O O   . HOH D 4 .   ? 6.310   14.274  -9.507  1.00 48.27 ? 392 HOH A O   1 
HETATM 1333 O O   . HOH D 4 .   ? -13.481 1.970   -13.565 1.00 54.33 ? 393 HOH A O   1 
HETATM 1334 O O   . HOH D 4 .   ? -8.997  12.161  6.804   1.00 49.14 ? 394 HOH A O   1 
HETATM 1335 O O   . HOH D 4 .   ? -11.890 10.918  9.696   1.00 48.48 ? 395 HOH A O   1 
HETATM 1336 O O   . HOH D 4 .   ? 10.294  3.144   8.706   1.00 43.85 ? 396 HOH A O   1 
HETATM 1337 O O   . HOH D 4 .   ? 20.433  1.555   2.533   1.00 44.06 ? 397 HOH A O   1 
HETATM 1338 O O   . HOH D 4 .   ? 10.698  14.869  4.639   1.00 36.32 ? 398 HOH A O   1 
HETATM 1339 O O   . HOH D 4 .   ? -13.372 2.933   -4.632  1.00 43.57 ? 399 HOH A O   1 
HETATM 1340 O O   . HOH D 4 .   ? -13.421 -7.518  1.114   1.00 55.01 ? 400 HOH A O   1 
HETATM 1341 O O   . HOH D 4 .   ? -17.635 -4.757  3.270   1.00 50.68 ? 401 HOH A O   1 
# 
